data_3WCG
#
_entry.id   3WCG
#
_cell.length_a   83.088
_cell.length_b   128.974
_cell.length_c   144.971
_cell.angle_alpha   90.00
_cell.angle_beta   90.00
_cell.angle_gamma   90.00
#
_symmetry.space_group_name_H-M   'P 21 21 21'
#
loop_
_entity.id
_entity.type
_entity.pdbx_description
1 polymer 'Farnesyltransferase, putative'
2 non-polymer 'hydrogen [(1R)-2-(3-pentadecyl-1H-imidazol-3-ium-1-yl)-1-phosphonoethyl]phosphonate'
3 water water
#
_entity_poly.entity_id   1
_entity_poly.type   'polypeptide(L)'
_entity_poly.pdbx_seq_one_letter_code
;MGSSHHHHHHSSGLVPRGSHMACNDEDLRFCYDILQAVSRSFAVVIMELDEEMRDAVCIFYLVLRALDTVEDDMSIPVEF
KLRELPKFHEHLHDTTWCMSGVGVGRERELLERYTHVTRAYSRLGKAYQDVISGICERMANGMCDFLTRKVETKADYDLY
CHYVAGLVGHGLTLLYVSSGLEDVRLADDLTNANHMGLFLQKTNIIRDFYEDICEVPPRVFWPREIWEKYTDDLHAFKDE
LHEAKAVECLNAMVADALVHVPHVVEYLASLRDPSVFAFSAIPQVMAMATLSLVFNNKDVFHTKVKTTRGATARIFHYST
ELQATLQMLKTYTLRLAARMNAQDACYDRIEHLVNDAIRAMESHQ
;
_entity_poly.pdbx_strand_id   A,B,C,D
#
# COMPACT_ATOMS: atom_id res chain seq x y z
N ASP A 25 15.75 -0.91 -23.91
CA ASP A 25 14.64 -1.35 -23.02
C ASP A 25 14.80 -0.69 -21.64
N GLU A 26 16.05 -0.47 -21.24
CA GLU A 26 16.37 0.16 -19.96
C GLU A 26 15.86 1.59 -19.93
N ASP A 27 15.98 2.25 -21.07
CA ASP A 27 15.54 3.64 -21.23
C ASP A 27 14.09 3.82 -20.82
N LEU A 28 13.24 2.99 -21.38
CA LEU A 28 11.82 2.97 -21.13
C LEU A 28 11.54 2.90 -19.63
N ARG A 29 12.34 2.16 -18.88
CA ARG A 29 12.13 1.99 -17.46
C ARG A 29 12.36 3.31 -16.72
N PHE A 30 13.00 4.29 -17.38
CA PHE A 30 13.25 5.60 -16.79
C PHE A 30 11.99 6.44 -16.92
N CYS A 31 11.40 6.42 -18.11
CA CYS A 31 10.17 7.17 -18.33
C CYS A 31 9.08 6.90 -17.28
N TYR A 32 8.87 5.63 -16.98
CA TYR A 32 7.86 5.26 -16.00
C TYR A 32 8.27 5.59 -14.58
N ASP A 33 9.55 5.44 -14.28
CA ASP A 33 10.06 5.76 -12.94
C ASP A 33 9.89 7.25 -12.71
N ILE A 34 10.34 8.05 -13.68
CA ILE A 34 10.25 9.50 -13.57
C ILE A 34 8.77 9.92 -13.60
N LEU A 35 7.97 9.18 -14.38
CA LEU A 35 6.54 9.45 -14.51
C LEU A 35 5.85 9.32 -13.16
N GLN A 36 6.12 8.19 -12.51
CA GLN A 36 5.53 7.88 -11.20
C GLN A 36 5.92 8.91 -10.12
N ALA A 37 7.14 9.40 -10.19
CA ALA A 37 7.63 10.36 -9.21
C ALA A 37 7.34 11.81 -9.56
N VAL A 38 6.60 12.04 -10.64
CA VAL A 38 6.28 13.39 -11.07
C VAL A 38 4.78 13.64 -11.13
N SER A 39 4.01 12.58 -11.33
CA SER A 39 2.56 12.69 -11.41
C SER A 39 1.87 11.50 -10.76
N ARG A 40 1.51 11.64 -9.48
CA ARG A 40 0.86 10.58 -8.73
C ARG A 40 -0.46 10.17 -9.42
N SER A 41 -1.15 11.17 -9.97
CA SER A 41 -2.42 10.94 -10.65
C SER A 41 -2.26 10.18 -11.96
N PHE A 42 -1.70 10.84 -12.96
CA PHE A 42 -1.48 10.27 -14.29
C PHE A 42 -0.80 8.90 -14.24
N ALA A 43 0.16 8.76 -13.33
CA ALA A 43 0.91 7.52 -13.19
C ALA A 43 0.02 6.29 -13.05
N VAL A 44 -1.07 6.42 -12.30
CA VAL A 44 -1.98 5.31 -12.08
C VAL A 44 -2.95 5.10 -13.26
N VAL A 45 -3.56 6.19 -13.71
CA VAL A 45 -4.51 6.15 -14.81
C VAL A 45 -3.90 5.57 -16.09
N ILE A 46 -2.72 6.04 -16.45
CA ILE A 46 -2.04 5.58 -17.65
C ILE A 46 -1.90 4.06 -17.72
N MET A 47 -1.90 3.41 -16.56
CA MET A 47 -1.78 1.95 -16.52
C MET A 47 -2.99 1.24 -17.11
N GLU A 48 -4.04 2.00 -17.41
CA GLU A 48 -5.25 1.43 -17.97
C GLU A 48 -5.03 1.13 -19.46
N LEU A 49 -3.94 1.67 -20.01
CA LEU A 49 -3.62 1.48 -21.42
C LEU A 49 -2.67 0.32 -21.67
N ASP A 50 -2.79 -0.28 -22.85
CA ASP A 50 -1.94 -1.39 -23.27
C ASP A 50 -0.54 -0.86 -23.53
N GLU A 51 0.49 -1.66 -23.23
CA GLU A 51 1.88 -1.25 -23.42
C GLU A 51 2.16 -0.46 -24.70
N GLU A 52 1.67 -0.93 -25.83
CA GLU A 52 1.87 -0.23 -27.09
C GLU A 52 1.45 1.23 -26.94
N MET A 53 0.18 1.42 -26.63
CA MET A 53 -0.41 2.75 -26.45
C MET A 53 0.14 3.46 -25.21
N ARG A 54 0.45 2.67 -24.18
CA ARG A 54 0.96 3.20 -22.92
C ARG A 54 2.33 3.85 -23.07
N ASP A 55 3.22 3.23 -23.83
CA ASP A 55 4.55 3.77 -24.04
C ASP A 55 4.48 5.13 -24.73
N ALA A 56 3.60 5.23 -25.71
CA ALA A 56 3.43 6.47 -26.45
C ALA A 56 2.97 7.60 -25.53
N VAL A 57 1.88 7.35 -24.81
CA VAL A 57 1.33 8.35 -23.89
C VAL A 57 2.34 8.72 -22.81
N CYS A 58 3.07 7.73 -22.30
CA CYS A 58 4.06 7.98 -21.26
C CYS A 58 5.08 9.01 -21.77
N ILE A 59 5.61 8.77 -22.96
CA ILE A 59 6.58 9.67 -23.57
C ILE A 59 5.93 11.03 -23.75
N PHE A 60 4.77 11.04 -24.40
CA PHE A 60 4.02 12.25 -24.67
C PHE A 60 3.89 13.13 -23.43
N TYR A 61 3.62 12.52 -22.28
CA TYR A 61 3.47 13.26 -21.03
C TYR A 61 4.78 13.91 -20.61
N LEU A 62 5.83 13.11 -20.53
CA LEU A 62 7.16 13.58 -20.13
C LEU A 62 7.63 14.75 -20.99
N VAL A 63 7.53 14.59 -22.31
CA VAL A 63 7.95 15.65 -23.22
C VAL A 63 7.23 16.94 -22.85
N LEU A 64 5.92 16.86 -22.72
CA LEU A 64 5.10 18.02 -22.37
C LEU A 64 5.47 18.53 -20.97
N ARG A 65 5.75 17.61 -20.06
CA ARG A 65 6.09 17.98 -18.69
C ARG A 65 7.47 18.64 -18.65
N ALA A 66 8.39 18.16 -19.47
CA ALA A 66 9.73 18.75 -19.53
C ALA A 66 9.58 20.17 -20.04
N LEU A 67 8.68 20.35 -21.00
CA LEU A 67 8.41 21.66 -21.58
C LEU A 67 7.86 22.59 -20.51
N ASP A 68 6.93 22.08 -19.70
CA ASP A 68 6.33 22.86 -18.63
C ASP A 68 7.39 23.35 -17.67
N THR A 69 8.33 22.48 -17.34
CA THR A 69 9.41 22.81 -16.41
C THR A 69 10.16 24.05 -16.87
N VAL A 70 10.63 24.03 -18.12
CA VAL A 70 11.36 25.15 -18.69
C VAL A 70 10.55 26.44 -18.63
N GLU A 71 9.34 26.39 -19.17
CA GLU A 71 8.45 27.56 -19.20
C GLU A 71 8.16 28.16 -17.83
N ASP A 72 8.00 27.31 -16.82
CA ASP A 72 7.68 27.78 -15.48
C ASP A 72 8.86 28.40 -14.74
N ASP A 73 10.05 27.84 -14.92
CA ASP A 73 11.24 28.34 -14.24
C ASP A 73 11.38 29.84 -14.48
N MET A 74 11.05 30.64 -13.46
CA MET A 74 11.10 32.09 -13.57
C MET A 74 12.50 32.70 -13.50
N SER A 75 13.50 31.86 -13.28
CA SER A 75 14.88 32.36 -13.20
C SER A 75 15.49 32.38 -14.60
N ILE A 76 14.80 31.74 -15.54
CA ILE A 76 15.27 31.69 -16.93
C ILE A 76 14.73 32.90 -17.69
N PRO A 77 15.63 33.69 -18.29
CA PRO A 77 15.27 34.88 -19.06
C PRO A 77 14.09 34.65 -20.01
N VAL A 78 13.16 35.60 -20.04
CA VAL A 78 11.98 35.50 -20.89
C VAL A 78 12.33 35.23 -22.35
N GLU A 79 13.22 36.07 -22.91
CA GLU A 79 13.63 35.93 -24.30
C GLU A 79 14.23 34.57 -24.64
N PHE A 80 14.92 33.96 -23.70
CA PHE A 80 15.51 32.65 -23.96
C PHE A 80 14.37 31.68 -24.25
N LYS A 81 13.27 31.86 -23.53
CA LYS A 81 12.12 30.99 -23.69
C LYS A 81 11.46 31.17 -25.05
N LEU A 82 11.10 32.41 -25.31
CA LEU A 82 10.46 32.77 -26.56
C LEU A 82 11.24 32.30 -27.73
N ARG A 83 12.54 32.14 -27.53
CA ARG A 83 13.41 31.75 -28.62
C ARG A 83 13.62 30.26 -28.73
N GLU A 84 13.81 29.59 -27.60
CA GLU A 84 14.06 28.17 -27.57
C GLU A 84 12.85 27.29 -27.48
N LEU A 85 11.82 27.76 -26.80
CA LEU A 85 10.60 26.97 -26.64
C LEU A 85 9.96 26.59 -27.96
N PRO A 86 9.83 27.56 -28.87
CA PRO A 86 9.21 27.23 -30.16
C PRO A 86 9.95 26.16 -30.94
N LYS A 87 11.13 25.79 -30.47
CA LYS A 87 11.95 24.78 -31.12
C LYS A 87 12.38 23.68 -30.13
N PHE A 88 11.55 23.49 -29.10
CA PHE A 88 11.81 22.48 -28.07
C PHE A 88 11.55 21.09 -28.65
N HIS A 89 10.53 20.98 -29.46
CA HIS A 89 10.19 19.71 -30.02
C HIS A 89 11.24 19.15 -30.94
N GLU A 90 12.23 19.99 -31.24
CA GLU A 90 13.31 19.58 -32.10
C GLU A 90 14.31 18.72 -31.35
N HIS A 91 14.49 18.94 -30.06
CA HIS A 91 15.45 18.14 -29.34
C HIS A 91 14.99 16.68 -29.19
N LEU A 92 13.84 16.33 -29.75
CA LEU A 92 13.31 14.96 -29.69
C LEU A 92 14.02 14.10 -30.75
N HIS A 93 14.63 14.78 -31.71
CA HIS A 93 15.36 14.14 -32.80
C HIS A 93 16.84 14.11 -32.44
N ASP A 94 17.19 14.79 -31.34
CA ASP A 94 18.57 14.82 -30.86
C ASP A 94 18.65 13.89 -29.65
N THR A 95 19.20 12.69 -29.84
CA THR A 95 19.31 11.72 -28.77
C THR A 95 20.48 11.96 -27.81
N THR A 96 20.99 13.19 -27.76
CA THR A 96 22.10 13.52 -26.87
C THR A 96 21.85 14.84 -26.16
N TRP A 97 20.79 15.54 -26.57
CA TRP A 97 20.45 16.82 -25.98
C TRP A 97 19.88 16.68 -24.57
N CYS A 98 19.96 17.77 -23.80
CA CYS A 98 19.46 17.79 -22.44
C CYS A 98 19.69 19.17 -21.81
N MET A 99 19.23 19.33 -20.58
CA MET A 99 19.41 20.59 -19.86
C MET A 99 20.05 20.26 -18.52
N SER A 100 20.81 21.21 -17.97
CA SER A 100 21.48 20.95 -16.70
C SER A 100 20.90 21.62 -15.46
N GLY A 101 20.99 22.95 -15.37
CA GLY A 101 20.49 23.65 -14.21
C GLY A 101 19.11 24.27 -14.31
N VAL A 102 18.10 23.42 -14.44
CA VAL A 102 16.72 23.87 -14.55
C VAL A 102 15.75 22.93 -13.83
N GLY A 103 14.74 23.51 -13.21
CA GLY A 103 13.78 22.69 -12.51
C GLY A 103 14.25 22.32 -11.13
N VAL A 104 13.30 21.97 -10.27
CA VAL A 104 13.60 21.60 -8.90
C VAL A 104 13.05 20.26 -8.45
N GLY A 105 13.92 19.41 -7.92
CA GLY A 105 13.47 18.12 -7.41
C GLY A 105 13.60 17.00 -8.42
N ARG A 106 12.47 16.59 -9.01
CA ARG A 106 12.52 15.55 -10.00
C ARG A 106 12.43 16.06 -11.41
N GLU A 107 11.67 17.12 -11.63
CA GLU A 107 11.57 17.70 -12.96
C GLU A 107 12.93 18.05 -13.55
N ARG A 108 13.89 18.30 -12.66
CA ARG A 108 15.23 18.64 -13.10
C ARG A 108 15.93 17.39 -13.63
N GLU A 109 15.72 16.28 -12.95
CA GLU A 109 16.32 15.01 -13.35
C GLU A 109 15.79 14.62 -14.73
N LEU A 110 14.51 14.94 -14.96
CA LEU A 110 13.87 14.65 -16.22
C LEU A 110 14.63 15.30 -17.37
N LEU A 111 15.01 16.56 -17.18
CA LEU A 111 15.75 17.30 -18.19
C LEU A 111 17.20 16.84 -18.32
N GLU A 112 17.91 16.80 -17.19
CA GLU A 112 19.31 16.40 -17.19
C GLU A 112 19.48 15.04 -17.87
N ARG A 113 18.59 14.11 -17.55
CA ARG A 113 18.63 12.77 -18.12
C ARG A 113 17.60 12.61 -19.22
N TYR A 114 17.26 13.71 -19.88
CA TYR A 114 16.27 13.72 -20.96
C TYR A 114 16.61 12.70 -22.04
N THR A 115 17.84 12.20 -22.01
CA THR A 115 18.30 11.21 -23.00
C THR A 115 17.28 10.10 -23.23
N HIS A 116 16.94 9.37 -22.18
CA HIS A 116 15.99 8.27 -22.27
C HIS A 116 14.72 8.62 -23.03
N VAL A 117 14.12 9.77 -22.70
CA VAL A 117 12.89 10.20 -23.35
C VAL A 117 13.05 10.23 -24.87
N THR A 118 14.13 10.84 -25.34
CA THR A 118 14.40 10.93 -26.77
C THR A 118 14.79 9.56 -27.32
N ARG A 119 15.44 8.76 -26.48
CA ARG A 119 15.86 7.41 -26.88
C ARG A 119 14.62 6.56 -27.13
N ALA A 120 13.71 6.56 -26.17
CA ALA A 120 12.47 5.78 -26.27
C ALA A 120 11.58 6.37 -27.35
N TYR A 121 11.70 7.68 -27.55
CA TYR A 121 10.89 8.37 -28.55
C TYR A 121 11.16 7.81 -29.94
N SER A 122 12.43 7.53 -30.22
CA SER A 122 12.84 6.99 -31.52
C SER A 122 12.25 5.61 -31.76
N ARG A 123 12.19 4.80 -30.71
CA ARG A 123 11.65 3.45 -30.83
C ARG A 123 10.12 3.43 -30.92
N LEU A 124 9.55 4.52 -31.42
CA LEU A 124 8.11 4.63 -31.59
C LEU A 124 7.76 4.84 -33.06
N GLY A 125 6.57 4.41 -33.46
CA GLY A 125 6.15 4.55 -34.84
C GLY A 125 6.02 6.00 -35.26
N LYS A 126 6.26 6.26 -36.55
CA LYS A 126 6.15 7.60 -37.10
C LYS A 126 4.85 8.27 -36.68
N ALA A 127 3.75 7.54 -36.83
CA ALA A 127 2.44 8.04 -36.49
C ALA A 127 2.43 8.73 -35.12
N TYR A 128 2.89 8.02 -34.10
CA TYR A 128 2.94 8.57 -32.74
C TYR A 128 3.91 9.75 -32.63
N GLN A 129 5.13 9.55 -33.12
CA GLN A 129 6.16 10.59 -33.07
C GLN A 129 5.65 11.92 -33.60
N ASP A 130 5.03 11.90 -34.77
CA ASP A 130 4.51 13.12 -35.39
C ASP A 130 3.43 13.77 -34.53
N VAL A 131 2.63 12.96 -33.85
CA VAL A 131 1.57 13.49 -32.99
C VAL A 131 2.19 14.23 -31.82
N ILE A 132 3.07 13.55 -31.09
CA ILE A 132 3.74 14.13 -29.94
C ILE A 132 4.49 15.40 -30.36
N SER A 133 5.47 15.22 -31.24
CA SER A 133 6.27 16.33 -31.74
C SER A 133 5.38 17.46 -32.28
N GLY A 134 4.25 17.07 -32.87
CA GLY A 134 3.33 18.06 -33.41
C GLY A 134 2.66 18.89 -32.33
N ILE A 135 2.08 18.22 -31.34
CA ILE A 135 1.39 18.91 -30.25
C ILE A 135 2.38 19.69 -29.38
N CYS A 136 3.52 19.08 -29.11
CA CYS A 136 4.56 19.71 -28.30
C CYS A 136 4.84 21.12 -28.81
N GLU A 137 5.07 21.23 -30.11
CA GLU A 137 5.35 22.51 -30.75
C GLU A 137 4.19 23.48 -30.59
N ARG A 138 3.00 23.05 -30.99
CA ARG A 138 1.80 23.89 -30.90
C ARG A 138 1.60 24.39 -29.47
N MET A 139 1.81 23.52 -28.49
CA MET A 139 1.65 23.89 -27.10
C MET A 139 2.76 24.86 -26.71
N ALA A 140 3.98 24.55 -27.15
CA ALA A 140 5.13 25.39 -26.87
C ALA A 140 4.86 26.85 -27.22
N ASN A 141 4.52 27.10 -28.48
CA ASN A 141 4.23 28.45 -28.92
C ASN A 141 3.05 29.03 -28.15
N GLY A 142 2.11 28.17 -27.79
CA GLY A 142 0.95 28.63 -27.04
C GLY A 142 1.40 29.25 -25.73
N MET A 143 2.38 28.62 -25.09
CA MET A 143 2.90 29.10 -23.82
C MET A 143 3.60 30.44 -24.04
N CYS A 144 4.31 30.55 -25.16
CA CYS A 144 5.02 31.78 -25.49
C CYS A 144 4.05 32.96 -25.60
N ASP A 145 2.92 32.72 -26.24
CA ASP A 145 1.90 33.76 -26.42
C ASP A 145 1.45 34.30 -25.06
N PHE A 146 1.59 33.49 -24.02
CA PHE A 146 1.18 33.90 -22.68
C PHE A 146 2.32 34.23 -21.74
N LEU A 147 3.54 34.21 -22.25
CA LEU A 147 4.71 34.56 -21.44
C LEU A 147 4.87 36.08 -21.49
N THR A 148 4.24 36.69 -22.48
CA THR A 148 4.30 38.13 -22.67
C THR A 148 2.95 38.84 -22.52
N ARG A 149 2.04 38.23 -21.78
CA ARG A 149 0.71 38.82 -21.56
C ARG A 149 -0.10 37.97 -20.59
N LYS A 150 -0.96 38.63 -19.81
CA LYS A 150 -1.78 37.94 -18.83
C LYS A 150 -3.15 37.55 -19.36
N VAL A 151 -3.83 36.68 -18.62
CA VAL A 151 -5.16 36.21 -18.97
C VAL A 151 -6.18 37.21 -18.44
N GLU A 152 -6.71 38.04 -19.33
CA GLU A 152 -7.68 39.06 -18.95
C GLU A 152 -9.12 38.67 -19.29
N THR A 153 -9.36 38.35 -20.55
CA THR A 153 -10.70 37.98 -21.02
C THR A 153 -11.00 36.50 -20.89
N LYS A 154 -12.28 36.15 -20.99
CA LYS A 154 -12.70 34.76 -20.90
C LYS A 154 -12.08 34.00 -22.06
N ALA A 155 -12.02 34.63 -23.22
CA ALA A 155 -11.44 34.03 -24.41
C ALA A 155 -10.01 33.62 -24.10
N ASP A 156 -9.28 34.51 -23.44
CA ASP A 156 -7.90 34.24 -23.06
C ASP A 156 -7.88 32.97 -22.21
N TYR A 157 -8.70 32.97 -21.17
CA TYR A 157 -8.82 31.85 -20.25
C TYR A 157 -9.02 30.54 -21.01
N ASP A 158 -9.89 30.56 -22.01
CA ASP A 158 -10.16 29.37 -22.82
C ASP A 158 -8.99 29.06 -23.74
N LEU A 159 -8.43 30.09 -24.36
CA LEU A 159 -7.30 29.91 -25.26
C LEU A 159 -6.13 29.31 -24.48
N TYR A 160 -5.93 29.81 -23.26
CA TYR A 160 -4.86 29.33 -22.40
C TYR A 160 -5.07 27.85 -22.06
N CYS A 161 -6.30 27.51 -21.69
CA CYS A 161 -6.64 26.13 -21.35
C CYS A 161 -6.42 25.23 -22.56
N HIS A 162 -6.73 25.75 -23.75
CA HIS A 162 -6.54 25.00 -24.98
C HIS A 162 -5.07 24.62 -25.14
N TYR A 163 -4.20 25.62 -25.00
CA TYR A 163 -2.76 25.41 -25.14
C TYR A 163 -2.18 24.42 -24.13
N VAL A 164 -2.59 24.54 -22.87
CA VAL A 164 -2.05 23.67 -21.82
C VAL A 164 -2.81 22.37 -21.57
N ALA A 165 -4.10 22.33 -21.92
CA ALA A 165 -4.88 21.13 -21.70
C ALA A 165 -5.65 20.68 -22.93
N GLY A 166 -6.35 21.62 -23.57
CA GLY A 166 -7.12 21.30 -24.75
C GLY A 166 -6.31 20.50 -25.76
N LEU A 167 -5.14 21.01 -26.13
CA LEU A 167 -4.28 20.33 -27.09
C LEU A 167 -3.92 18.92 -26.61
N VAL A 168 -3.76 18.77 -25.30
CA VAL A 168 -3.43 17.45 -24.74
C VAL A 168 -4.59 16.53 -25.11
N GLY A 169 -5.78 17.12 -25.24
CA GLY A 169 -6.94 16.36 -25.62
C GLY A 169 -6.83 15.93 -27.07
N HIS A 170 -6.41 16.86 -27.92
CA HIS A 170 -6.24 16.57 -29.34
C HIS A 170 -5.20 15.48 -29.51
N GLY A 171 -4.06 15.65 -28.85
CA GLY A 171 -2.98 14.68 -28.94
C GLY A 171 -3.43 13.28 -28.63
N LEU A 172 -4.06 13.08 -27.48
CA LEU A 172 -4.54 11.76 -27.08
C LEU A 172 -5.52 11.20 -28.11
N THR A 173 -6.47 12.03 -28.53
CA THR A 173 -7.46 11.61 -29.52
C THR A 173 -6.75 11.08 -30.76
N LEU A 174 -5.80 11.85 -31.27
CA LEU A 174 -5.04 11.45 -32.45
C LEU A 174 -4.33 10.12 -32.18
N LEU A 175 -3.69 10.02 -31.03
CA LEU A 175 -2.99 8.79 -30.66
C LEU A 175 -3.94 7.61 -30.65
N TYR A 176 -5.17 7.83 -30.19
CA TYR A 176 -6.15 6.76 -30.16
C TYR A 176 -6.39 6.28 -31.58
N VAL A 177 -6.63 7.21 -32.48
CA VAL A 177 -6.87 6.91 -33.88
C VAL A 177 -5.65 6.20 -34.48
N SER A 178 -4.48 6.79 -34.26
CA SER A 178 -3.24 6.25 -34.78
C SER A 178 -2.97 4.82 -34.34
N SER A 179 -3.53 4.42 -33.19
CA SER A 179 -3.32 3.06 -32.68
C SER A 179 -4.27 2.05 -33.31
N GLY A 180 -5.35 2.55 -33.91
CA GLY A 180 -6.31 1.67 -34.53
C GLY A 180 -7.36 1.17 -33.56
N LEU A 181 -7.19 1.51 -32.29
CA LEU A 181 -8.13 1.09 -31.26
C LEU A 181 -9.45 1.85 -31.40
N GLU A 182 -9.37 3.05 -31.96
CA GLU A 182 -10.55 3.87 -32.17
C GLU A 182 -10.74 4.17 -33.67
N ASP A 183 -11.97 4.45 -34.05
CA ASP A 183 -12.29 4.73 -35.45
C ASP A 183 -11.68 6.06 -35.88
N VAL A 184 -11.10 6.07 -37.08
CA VAL A 184 -10.48 7.29 -37.61
C VAL A 184 -11.46 8.46 -37.64
N ARG A 185 -12.75 8.16 -37.46
CA ARG A 185 -13.80 9.16 -37.46
C ARG A 185 -13.59 10.09 -36.28
N LEU A 186 -13.20 9.51 -35.15
CA LEU A 186 -12.98 10.24 -33.91
C LEU A 186 -12.13 11.51 -34.02
N ALA A 187 -11.35 11.62 -35.07
CA ALA A 187 -10.46 12.76 -35.24
C ALA A 187 -10.92 13.79 -36.24
N ASP A 188 -12.12 13.63 -36.77
CA ASP A 188 -12.62 14.59 -37.73
C ASP A 188 -12.82 15.97 -37.12
N ASP A 189 -13.50 16.02 -35.98
CA ASP A 189 -13.75 17.29 -35.28
C ASP A 189 -13.23 17.16 -33.86
N LEU A 190 -12.07 17.75 -33.59
CA LEU A 190 -11.47 17.69 -32.27
C LEU A 190 -12.06 18.67 -31.27
N THR A 191 -13.23 19.22 -31.58
CA THR A 191 -13.88 20.17 -30.68
C THR A 191 -14.12 19.58 -29.29
N ASN A 192 -14.80 18.44 -29.24
CA ASN A 192 -15.08 17.79 -27.96
C ASN A 192 -13.81 17.32 -27.28
N ALA A 193 -12.78 17.02 -28.07
CA ALA A 193 -11.50 16.57 -27.53
C ALA A 193 -10.88 17.70 -26.73
N ASN A 194 -11.27 18.92 -27.08
CA ASN A 194 -10.76 20.12 -26.41
C ASN A 194 -11.53 20.31 -25.11
N HIS A 195 -12.85 20.12 -25.17
CA HIS A 195 -13.70 20.27 -24.00
C HIS A 195 -13.25 19.30 -22.92
N MET A 196 -12.72 18.16 -23.34
CA MET A 196 -12.22 17.15 -22.40
C MET A 196 -11.07 17.76 -21.61
N GLY A 197 -10.18 18.45 -22.32
CA GLY A 197 -9.03 19.07 -21.68
C GLY A 197 -9.41 20.22 -20.77
N LEU A 198 -10.25 21.12 -21.27
CA LEU A 198 -10.67 22.28 -20.49
C LEU A 198 -11.37 21.92 -19.18
N PHE A 199 -12.20 20.88 -19.20
CA PHE A 199 -12.92 20.49 -18.00
C PHE A 199 -11.95 20.12 -16.87
N LEU A 200 -10.94 19.32 -17.18
CA LEU A 200 -9.96 18.93 -16.18
C LEU A 200 -9.15 20.14 -15.74
N GLN A 201 -8.62 20.86 -16.73
CA GLN A 201 -7.79 22.04 -16.47
C GLN A 201 -8.51 23.10 -15.66
N LYS A 202 -9.70 23.51 -16.10
CA LYS A 202 -10.47 24.53 -15.40
C LYS A 202 -10.78 24.10 -13.98
N THR A 203 -11.20 22.85 -13.80
CA THR A 203 -11.53 22.32 -12.48
C THR A 203 -10.35 22.47 -11.53
N ASN A 204 -9.17 22.02 -11.98
CA ASN A 204 -7.97 22.12 -11.17
C ASN A 204 -7.63 23.58 -10.87
N ILE A 205 -7.78 24.43 -11.88
CA ILE A 205 -7.50 25.85 -11.72
C ILE A 205 -8.38 26.46 -10.63
N ILE A 206 -9.61 25.96 -10.53
CA ILE A 206 -10.53 26.44 -9.52
C ILE A 206 -10.12 25.86 -8.16
N ARG A 207 -9.99 24.55 -8.12
CA ARG A 207 -9.61 23.84 -6.90
C ARG A 207 -8.28 24.30 -6.31
N ASP A 208 -7.32 24.64 -7.17
CA ASP A 208 -6.01 25.07 -6.72
C ASP A 208 -5.83 26.59 -6.62
N PHE A 209 -6.90 27.31 -6.29
CA PHE A 209 -6.81 28.76 -6.19
C PHE A 209 -5.81 29.25 -5.14
N TYR A 210 -6.07 28.90 -3.89
CA TYR A 210 -5.23 29.32 -2.77
C TYR A 210 -3.75 28.97 -2.96
N GLU A 211 -3.47 27.70 -3.24
CA GLU A 211 -2.10 27.26 -3.44
C GLU A 211 -1.39 28.09 -4.50
N ASP A 212 -2.01 28.24 -5.66
CA ASP A 212 -1.41 29.00 -6.75
C ASP A 212 -1.13 30.45 -6.37
N ILE A 213 -2.10 31.10 -5.76
CA ILE A 213 -1.95 32.51 -5.38
C ILE A 213 -1.01 32.72 -4.20
N CYS A 214 -0.61 31.63 -3.54
CA CYS A 214 0.29 31.72 -2.41
C CYS A 214 1.75 31.59 -2.84
N GLU A 215 1.97 30.95 -3.98
CA GLU A 215 3.32 30.77 -4.51
C GLU A 215 3.98 32.13 -4.73
N VAL A 216 5.32 32.12 -4.84
CA VAL A 216 6.05 33.36 -5.04
C VAL A 216 6.79 33.39 -6.38
N PRO A 217 6.34 34.25 -7.30
CA PRO A 217 5.21 35.16 -7.12
C PRO A 217 3.88 34.42 -7.24
N PRO A 218 2.79 34.99 -6.70
CA PRO A 218 1.47 34.37 -6.77
C PRO A 218 1.06 34.03 -8.20
N ARG A 219 0.60 32.80 -8.39
CA ARG A 219 0.16 32.36 -9.72
C ARG A 219 -1.36 32.52 -9.82
N VAL A 220 -1.80 33.28 -10.83
CA VAL A 220 -3.21 33.51 -11.04
C VAL A 220 -3.65 33.04 -12.42
N PHE A 221 -4.81 32.40 -12.47
CA PHE A 221 -5.36 31.89 -13.72
C PHE A 221 -6.80 32.36 -13.92
N TRP A 222 -7.47 32.67 -12.81
CA TRP A 222 -8.85 33.14 -12.86
C TRP A 222 -8.91 34.41 -13.70
N PRO A 223 -9.68 34.38 -14.81
CA PRO A 223 -9.83 35.51 -15.73
C PRO A 223 -10.40 36.78 -15.10
N ARG A 224 -9.72 37.89 -15.34
CA ARG A 224 -10.16 39.18 -14.81
C ARG A 224 -11.59 39.44 -15.23
N GLU A 225 -11.92 39.04 -16.46
CA GLU A 225 -13.25 39.24 -17.00
C GLU A 225 -14.32 38.59 -16.14
N ILE A 226 -13.90 37.83 -15.13
CA ILE A 226 -14.85 37.15 -14.25
C ILE A 226 -14.78 37.64 -12.80
N TRP A 227 -13.61 37.54 -12.17
CA TRP A 227 -13.46 37.96 -10.79
C TRP A 227 -13.57 39.48 -10.60
N GLU A 228 -13.27 40.24 -11.65
CA GLU A 228 -13.32 41.69 -11.56
C GLU A 228 -14.74 42.14 -11.24
N LYS A 229 -15.70 41.25 -11.45
CA LYS A 229 -17.11 41.53 -11.19
C LYS A 229 -17.44 41.24 -9.73
N TYR A 230 -16.43 40.90 -8.96
CA TYR A 230 -16.62 40.58 -7.54
C TYR A 230 -15.59 41.22 -6.63
N THR A 231 -14.48 41.70 -7.20
CA THR A 231 -13.44 42.33 -6.39
C THR A 231 -12.47 43.18 -7.19
N ASP A 232 -11.75 44.04 -6.48
CA ASP A 232 -10.76 44.93 -7.08
C ASP A 232 -9.45 44.17 -7.16
N ASP A 233 -9.11 43.52 -6.05
CA ASP A 233 -7.89 42.73 -5.94
C ASP A 233 -8.27 41.27 -5.80
N LEU A 234 -7.61 40.39 -6.54
CA LEU A 234 -7.92 38.96 -6.46
C LEU A 234 -7.40 38.37 -5.16
N HIS A 235 -6.31 38.93 -4.65
CA HIS A 235 -5.73 38.46 -3.39
C HIS A 235 -6.71 38.67 -2.25
N ALA A 236 -7.64 39.60 -2.45
CA ALA A 236 -8.65 39.92 -1.44
C ALA A 236 -9.38 38.68 -0.94
N PHE A 237 -9.46 37.66 -1.79
CA PHE A 237 -10.14 36.43 -1.41
C PHE A 237 -9.36 35.62 -0.38
N LYS A 238 -8.08 35.93 -0.21
CA LYS A 238 -7.26 35.22 0.75
C LYS A 238 -7.71 35.57 2.16
N ASP A 239 -8.39 36.71 2.27
CA ASP A 239 -8.88 37.18 3.57
C ASP A 239 -10.34 36.77 3.74
N GLU A 240 -10.67 36.26 4.92
CA GLU A 240 -12.02 35.81 5.22
C GLU A 240 -13.01 36.99 5.18
N LEU A 241 -12.49 38.20 5.12
CA LEU A 241 -13.33 39.39 5.07
C LEU A 241 -14.24 39.37 3.85
N HIS A 242 -13.66 39.06 2.69
CA HIS A 242 -14.41 39.02 1.45
C HIS A 242 -14.87 37.61 1.08
N GLU A 243 -15.18 36.82 2.11
CA GLU A 243 -15.62 35.44 1.90
C GLU A 243 -16.87 35.37 1.02
N ALA A 244 -17.79 36.29 1.23
CA ALA A 244 -19.03 36.33 0.46
C ALA A 244 -18.76 36.51 -1.03
N LYS A 245 -18.04 37.58 -1.38
CA LYS A 245 -17.70 37.84 -2.77
C LYS A 245 -16.82 36.72 -3.31
N ALA A 246 -16.05 36.10 -2.43
CA ALA A 246 -15.15 35.02 -2.81
C ALA A 246 -15.93 33.82 -3.37
N VAL A 247 -16.87 33.32 -2.57
CA VAL A 247 -17.68 32.18 -2.98
C VAL A 247 -18.45 32.48 -4.26
N GLU A 248 -18.97 33.69 -4.38
CA GLU A 248 -19.72 34.06 -5.57
C GLU A 248 -18.85 33.93 -6.81
N CYS A 249 -17.63 34.44 -6.73
CA CYS A 249 -16.69 34.37 -7.85
C CYS A 249 -16.33 32.91 -8.09
N LEU A 250 -16.33 32.12 -7.01
CA LEU A 250 -16.01 30.70 -7.10
C LEU A 250 -17.08 30.00 -7.93
N ASN A 251 -18.34 30.33 -7.64
CA ASN A 251 -19.46 29.73 -8.35
C ASN A 251 -19.49 30.19 -9.80
N ALA A 252 -18.91 31.35 -10.06
CA ALA A 252 -18.84 31.87 -11.42
C ALA A 252 -17.90 30.99 -12.22
N MET A 253 -16.81 30.58 -11.56
CA MET A 253 -15.80 29.73 -12.18
C MET A 253 -16.37 28.34 -12.44
N VAL A 254 -17.04 27.79 -11.43
CA VAL A 254 -17.64 26.46 -11.55
C VAL A 254 -18.63 26.43 -12.70
N ALA A 255 -19.37 27.51 -12.87
CA ALA A 255 -20.35 27.60 -13.94
C ALA A 255 -19.64 27.52 -15.29
N ASP A 256 -18.60 28.35 -15.45
CA ASP A 256 -17.83 28.39 -16.68
C ASP A 256 -17.27 27.01 -17.02
N ALA A 257 -17.17 26.17 -16.00
CA ALA A 257 -16.65 24.81 -16.18
C ALA A 257 -17.73 23.85 -16.60
N LEU A 258 -18.94 24.06 -16.10
CA LEU A 258 -20.08 23.19 -16.42
C LEU A 258 -20.52 23.33 -17.87
N VAL A 259 -19.83 24.18 -18.62
CA VAL A 259 -20.15 24.41 -20.02
C VAL A 259 -19.59 23.29 -20.90
N HIS A 260 -18.64 22.53 -20.36
CA HIS A 260 -18.01 21.45 -21.11
C HIS A 260 -18.57 20.07 -20.83
N VAL A 261 -19.23 19.90 -19.69
CA VAL A 261 -19.81 18.62 -19.30
C VAL A 261 -20.52 17.89 -20.46
N PRO A 262 -21.52 18.54 -21.08
CA PRO A 262 -22.24 17.91 -22.19
C PRO A 262 -21.31 17.34 -23.26
N HIS A 263 -20.28 18.12 -23.60
CA HIS A 263 -19.31 17.71 -24.61
C HIS A 263 -18.42 16.58 -24.10
N VAL A 264 -18.16 16.56 -22.79
CA VAL A 264 -17.34 15.52 -22.20
C VAL A 264 -18.08 14.19 -22.32
N VAL A 265 -19.40 14.25 -22.15
CA VAL A 265 -20.22 13.05 -22.26
C VAL A 265 -20.24 12.56 -23.69
N GLU A 266 -20.35 13.50 -24.63
CA GLU A 266 -20.37 13.16 -26.05
C GLU A 266 -19.10 12.42 -26.47
N TYR A 267 -17.96 12.90 -25.99
CA TYR A 267 -16.68 12.29 -26.33
C TYR A 267 -16.55 10.88 -25.75
N LEU A 268 -16.88 10.74 -24.46
CA LEU A 268 -16.79 9.44 -23.82
C LEU A 268 -17.79 8.46 -24.43
N ALA A 269 -18.89 8.99 -24.96
CA ALA A 269 -19.92 8.16 -25.56
C ALA A 269 -19.53 7.67 -26.96
N SER A 270 -18.45 8.21 -27.50
CA SER A 270 -18.00 7.82 -28.83
C SER A 270 -16.87 6.81 -28.78
N LEU A 271 -16.31 6.59 -27.59
CA LEU A 271 -15.22 5.64 -27.40
C LEU A 271 -15.78 4.21 -27.39
N ARG A 272 -15.13 3.33 -28.15
CA ARG A 272 -15.58 1.94 -28.24
C ARG A 272 -14.63 0.99 -27.53
N ASP A 273 -13.35 1.36 -27.46
CA ASP A 273 -12.34 0.52 -26.82
C ASP A 273 -12.32 0.70 -25.30
N PRO A 274 -12.32 -0.42 -24.56
CA PRO A 274 -12.30 -0.45 -23.10
C PRO A 274 -11.15 0.34 -22.48
N SER A 275 -9.93 0.01 -22.90
CA SER A 275 -8.74 0.67 -22.40
C SER A 275 -8.81 2.18 -22.61
N VAL A 276 -9.00 2.58 -23.88
CA VAL A 276 -9.08 3.98 -24.22
C VAL A 276 -10.21 4.69 -23.49
N PHE A 277 -11.26 3.94 -23.14
CA PHE A 277 -12.40 4.51 -22.43
C PHE A 277 -12.06 4.75 -20.96
N ALA A 278 -11.70 3.69 -20.25
CA ALA A 278 -11.36 3.78 -18.84
C ALA A 278 -10.35 4.90 -18.61
N PHE A 279 -9.31 4.92 -19.43
CA PHE A 279 -8.25 5.93 -19.34
C PHE A 279 -8.75 7.35 -19.54
N SER A 280 -9.77 7.52 -20.39
CA SER A 280 -10.33 8.84 -20.66
C SER A 280 -11.43 9.21 -19.69
N ALA A 281 -12.20 8.22 -19.26
CA ALA A 281 -13.31 8.44 -18.35
C ALA A 281 -12.90 8.81 -16.92
N ILE A 282 -12.15 7.92 -16.29
CA ILE A 282 -11.68 8.12 -14.92
C ILE A 282 -11.35 9.57 -14.55
N PRO A 283 -10.43 10.21 -15.30
CA PRO A 283 -10.07 11.60 -14.98
C PRO A 283 -11.27 12.55 -15.00
N GLN A 284 -12.18 12.35 -15.95
CA GLN A 284 -13.36 13.19 -16.06
C GLN A 284 -14.26 13.07 -14.84
N VAL A 285 -14.56 11.84 -14.45
CA VAL A 285 -15.41 11.59 -13.28
C VAL A 285 -14.75 12.21 -12.06
N MET A 286 -13.43 12.05 -11.98
CA MET A 286 -12.64 12.58 -10.88
C MET A 286 -12.84 14.10 -10.82
N ALA A 287 -12.93 14.72 -12.00
CA ALA A 287 -13.11 16.15 -12.11
C ALA A 287 -14.48 16.58 -11.58
N MET A 288 -15.52 15.89 -12.05
CA MET A 288 -16.88 16.21 -11.63
C MET A 288 -17.03 16.02 -10.13
N ALA A 289 -16.28 15.07 -9.58
CA ALA A 289 -16.33 14.79 -8.15
C ALA A 289 -15.71 15.93 -7.36
N THR A 290 -14.56 16.40 -7.83
CA THR A 290 -13.87 17.51 -7.16
C THR A 290 -14.64 18.80 -7.33
N LEU A 291 -15.20 18.99 -8.52
CA LEU A 291 -15.98 20.19 -8.83
C LEU A 291 -17.24 20.24 -7.98
N SER A 292 -17.73 19.07 -7.57
CA SER A 292 -18.94 19.01 -6.75
C SER A 292 -18.63 19.28 -5.28
N LEU A 293 -17.35 19.30 -4.94
CA LEU A 293 -16.93 19.55 -3.57
C LEU A 293 -16.47 20.99 -3.37
N VAL A 294 -15.82 21.56 -4.39
CA VAL A 294 -15.33 22.93 -4.31
C VAL A 294 -16.46 23.93 -4.52
N PHE A 295 -17.46 23.54 -5.31
CA PHE A 295 -18.59 24.42 -5.60
C PHE A 295 -19.24 24.96 -4.33
N ASN A 296 -19.35 26.28 -4.26
CA ASN A 296 -19.95 26.95 -3.11
C ASN A 296 -19.34 26.44 -1.81
N ASN A 297 -18.01 26.44 -1.75
CA ASN A 297 -17.29 25.98 -0.57
C ASN A 297 -16.20 26.99 -0.20
N LYS A 298 -16.44 27.72 0.89
CA LYS A 298 -15.49 28.74 1.34
C LYS A 298 -14.09 28.20 1.61
N ASP A 299 -14.00 26.94 2.03
CA ASP A 299 -12.72 26.31 2.33
C ASP A 299 -11.76 26.35 1.16
N VAL A 300 -12.30 26.49 -0.06
CA VAL A 300 -11.49 26.55 -1.26
C VAL A 300 -10.47 27.69 -1.21
N PHE A 301 -10.67 28.62 -0.29
CA PHE A 301 -9.79 29.77 -0.16
C PHE A 301 -8.75 29.72 0.95
N HIS A 302 -8.59 28.55 1.58
CA HIS A 302 -7.61 28.41 2.65
C HIS A 302 -7.11 26.98 2.78
N THR A 303 -7.48 26.14 1.82
CA THR A 303 -7.06 24.74 1.83
C THR A 303 -7.36 24.05 0.50
N LYS A 304 -6.85 22.85 0.34
CA LYS A 304 -7.04 22.06 -0.87
C LYS A 304 -8.15 21.04 -0.66
N VAL A 305 -9.29 21.26 -1.32
CA VAL A 305 -10.43 20.35 -1.21
C VAL A 305 -10.17 19.09 -2.03
N LYS A 306 -10.24 17.94 -1.36
CA LYS A 306 -10.02 16.65 -2.02
C LYS A 306 -11.18 15.70 -1.76
N THR A 307 -11.15 14.56 -2.43
CA THR A 307 -12.17 13.53 -2.26
C THR A 307 -11.52 12.38 -1.51
N THR A 308 -12.29 11.73 -0.64
CA THR A 308 -11.76 10.61 0.14
C THR A 308 -11.19 9.56 -0.81
N ARG A 309 -10.10 8.92 -0.40
CA ARG A 309 -9.47 7.90 -1.23
C ARG A 309 -10.46 6.82 -1.62
N GLY A 310 -11.47 6.63 -0.78
CA GLY A 310 -12.48 5.62 -1.06
C GLY A 310 -13.34 6.05 -2.24
N ALA A 311 -13.69 7.33 -2.27
CA ALA A 311 -14.51 7.86 -3.36
C ALA A 311 -13.75 7.73 -4.68
N THR A 312 -12.50 8.21 -4.69
CA THR A 312 -11.67 8.13 -5.89
C THR A 312 -11.35 6.68 -6.24
N ALA A 313 -11.40 5.81 -5.23
CA ALA A 313 -11.12 4.39 -5.45
C ALA A 313 -12.32 3.79 -6.17
N ARG A 314 -13.50 4.23 -5.79
CA ARG A 314 -14.74 3.74 -6.38
C ARG A 314 -14.82 4.21 -7.83
N ILE A 315 -14.21 5.35 -8.10
CA ILE A 315 -14.21 5.94 -9.44
C ILE A 315 -13.37 5.12 -10.42
N PHE A 316 -12.19 4.69 -9.98
CA PHE A 316 -11.31 3.90 -10.81
C PHE A 316 -11.92 2.52 -11.10
N HIS A 317 -12.55 1.95 -10.08
CA HIS A 317 -13.17 0.64 -10.20
C HIS A 317 -14.33 0.57 -11.19
N TYR A 318 -15.26 1.51 -11.09
CA TYR A 318 -16.44 1.51 -11.96
C TYR A 318 -16.36 2.22 -13.30
N SER A 319 -15.44 3.17 -13.45
CA SER A 319 -15.31 3.90 -14.71
C SER A 319 -14.68 3.11 -15.85
N THR A 320 -15.23 1.92 -16.12
CA THR A 320 -14.71 1.07 -17.18
C THR A 320 -15.65 1.02 -18.40
N GLU A 321 -16.94 1.24 -18.18
CA GLU A 321 -17.90 1.22 -19.26
C GLU A 321 -18.84 2.44 -19.22
N LEU A 322 -19.23 2.90 -20.40
CA LEU A 322 -20.09 4.07 -20.57
C LEU A 322 -21.21 4.26 -19.54
N GLN A 323 -22.08 3.26 -19.41
CA GLN A 323 -23.20 3.34 -18.47
C GLN A 323 -22.81 3.61 -17.02
N ALA A 324 -21.92 2.80 -16.47
CA ALA A 324 -21.48 2.96 -15.09
C ALA A 324 -20.94 4.36 -14.80
N THR A 325 -20.09 4.87 -15.69
CA THR A 325 -19.49 6.19 -15.50
C THR A 325 -20.52 7.29 -15.69
N LEU A 326 -21.54 7.04 -16.49
CA LEU A 326 -22.58 8.03 -16.74
C LEU A 326 -23.44 8.27 -15.51
N GLN A 327 -23.73 7.20 -14.76
CA GLN A 327 -24.55 7.35 -13.57
C GLN A 327 -23.75 7.97 -12.42
N MET A 328 -22.41 7.91 -12.54
CA MET A 328 -21.55 8.50 -11.52
C MET A 328 -21.50 10.00 -11.75
N LEU A 329 -21.34 10.39 -13.02
CA LEU A 329 -21.28 11.81 -13.37
C LEU A 329 -22.58 12.46 -12.92
N LYS A 330 -23.70 11.79 -13.20
CA LYS A 330 -25.01 12.29 -12.82
C LYS A 330 -25.08 12.46 -11.31
N THR A 331 -24.62 11.45 -10.58
CA THR A 331 -24.63 11.48 -9.12
C THR A 331 -23.91 12.72 -8.59
N TYR A 332 -22.74 13.02 -9.17
CA TYR A 332 -21.95 14.16 -8.74
C TYR A 332 -22.49 15.52 -9.21
N THR A 333 -23.16 15.53 -10.36
CA THR A 333 -23.71 16.79 -10.87
C THR A 333 -24.90 17.21 -10.01
N LEU A 334 -25.61 16.21 -9.47
CA LEU A 334 -26.76 16.49 -8.62
C LEU A 334 -26.29 16.94 -7.24
N ARG A 335 -25.34 16.19 -6.67
CA ARG A 335 -24.80 16.53 -5.36
C ARG A 335 -24.27 17.95 -5.37
N LEU A 336 -23.83 18.40 -6.55
CA LEU A 336 -23.28 19.74 -6.71
C LEU A 336 -24.41 20.77 -6.72
N ALA A 337 -25.49 20.45 -7.42
CA ALA A 337 -26.63 21.34 -7.52
C ALA A 337 -27.37 21.46 -6.19
N ALA A 338 -27.39 20.38 -5.44
CA ALA A 338 -28.07 20.35 -4.14
C ALA A 338 -27.36 21.21 -3.10
N ARG A 339 -26.13 21.63 -3.42
CA ARG A 339 -25.35 22.46 -2.51
C ARG A 339 -25.63 23.95 -2.71
N MET A 340 -26.81 24.25 -3.24
CA MET A 340 -27.21 25.63 -3.48
C MET A 340 -28.72 25.75 -3.31
N ASN A 341 -29.19 26.96 -2.99
CA ASN A 341 -30.61 27.17 -2.80
C ASN A 341 -31.09 28.45 -3.48
N ALA A 342 -32.41 28.60 -3.59
CA ALA A 342 -33.04 29.75 -4.23
C ALA A 342 -32.35 31.10 -4.02
N GLN A 343 -32.07 31.46 -2.77
CA GLN A 343 -31.44 32.74 -2.48
C GLN A 343 -30.06 32.96 -3.10
N ASP A 344 -29.32 31.88 -3.36
CA ASP A 344 -27.99 32.01 -3.95
C ASP A 344 -28.03 32.75 -5.28
N ALA A 345 -27.08 33.65 -5.47
CA ALA A 345 -27.01 34.46 -6.68
C ALA A 345 -26.91 33.65 -7.98
N CYS A 346 -26.02 32.66 -7.98
CA CYS A 346 -25.80 31.84 -9.16
C CYS A 346 -26.95 30.91 -9.52
N TYR A 347 -27.66 30.43 -8.50
CA TYR A 347 -28.78 29.49 -8.66
C TYR A 347 -29.23 29.23 -10.09
N ASP A 348 -29.89 30.22 -10.68
CA ASP A 348 -30.40 30.12 -12.05
C ASP A 348 -29.31 29.69 -13.02
N ARG A 349 -28.22 30.48 -13.07
CA ARG A 349 -27.10 30.20 -13.96
C ARG A 349 -26.62 28.76 -13.84
N ILE A 350 -26.59 28.24 -12.62
CA ILE A 350 -26.15 26.87 -12.39
C ILE A 350 -27.17 25.81 -12.75
N GLU A 351 -28.40 25.94 -12.27
CA GLU A 351 -29.44 24.95 -12.58
C GLU A 351 -29.53 24.73 -14.08
N HIS A 352 -29.34 25.80 -14.84
CA HIS A 352 -29.40 25.72 -16.29
C HIS A 352 -28.29 24.81 -16.83
N LEU A 353 -27.06 25.07 -16.39
CA LEU A 353 -25.93 24.28 -16.82
C LEU A 353 -26.03 22.85 -16.31
N VAL A 354 -26.63 22.67 -15.13
CA VAL A 354 -26.78 21.36 -14.55
C VAL A 354 -27.74 20.50 -15.39
N ASN A 355 -28.87 21.08 -15.76
CA ASN A 355 -29.85 20.36 -16.59
C ASN A 355 -29.25 20.04 -17.94
N ASP A 356 -28.61 21.05 -18.54
CA ASP A 356 -27.98 20.89 -19.85
C ASP A 356 -27.04 19.69 -19.79
N ALA A 357 -26.35 19.54 -18.66
CA ALA A 357 -25.41 18.45 -18.46
C ALA A 357 -26.13 17.11 -18.28
N ILE A 358 -27.11 17.07 -17.40
CA ILE A 358 -27.85 15.84 -17.15
C ILE A 358 -28.61 15.34 -18.38
N ARG A 359 -29.15 16.26 -19.17
CA ARG A 359 -29.87 15.88 -20.37
C ARG A 359 -28.96 15.10 -21.31
N ALA A 360 -27.70 15.53 -21.37
CA ALA A 360 -26.72 14.87 -22.23
C ALA A 360 -26.48 13.45 -21.73
N MET A 361 -26.32 13.31 -20.43
CA MET A 361 -26.08 12.01 -19.81
C MET A 361 -27.26 11.06 -20.05
N GLU A 362 -28.47 11.56 -19.88
CA GLU A 362 -29.67 10.75 -20.07
C GLU A 362 -29.75 10.31 -21.53
N SER A 363 -29.36 11.21 -22.43
CA SER A 363 -29.37 10.95 -23.86
C SER A 363 -28.61 9.70 -24.27
N HIS A 364 -27.80 9.16 -23.36
CA HIS A 364 -27.01 7.97 -23.65
C HIS A 364 -27.30 6.81 -22.72
N GLN A 365 -28.28 6.98 -21.84
CA GLN A 365 -28.66 5.94 -20.89
C GLN A 365 -29.82 5.12 -21.42
N ASP B 25 12.58 -14.54 27.87
CA ASP B 25 11.64 -13.74 28.65
C ASP B 25 12.36 -12.99 29.75
N GLU B 26 12.97 -13.74 30.67
CA GLU B 26 13.70 -13.14 31.78
C GLU B 26 14.94 -12.41 31.29
N ASP B 27 15.52 -12.91 30.19
CA ASP B 27 16.72 -12.31 29.62
C ASP B 27 16.39 -11.05 28.83
N LEU B 28 15.37 -11.12 27.99
CA LEU B 28 14.97 -9.98 27.18
C LEU B 28 14.64 -8.79 28.09
N ARG B 29 13.99 -9.09 29.21
CA ARG B 29 13.61 -8.06 30.18
C ARG B 29 14.85 -7.37 30.74
N PHE B 30 15.95 -8.11 30.84
CA PHE B 30 17.20 -7.56 31.35
C PHE B 30 17.76 -6.57 30.34
N CYS B 31 17.85 -7.00 29.09
CA CYS B 31 18.38 -6.16 28.02
C CYS B 31 17.70 -4.80 27.97
N TYR B 32 16.37 -4.80 27.94
CA TYR B 32 15.63 -3.55 27.89
C TYR B 32 15.84 -2.69 29.13
N ASP B 33 16.16 -3.33 30.26
CA ASP B 33 16.40 -2.57 31.49
C ASP B 33 17.83 -2.06 31.52
N ILE B 34 18.77 -2.92 31.13
CA ILE B 34 20.18 -2.54 31.10
C ILE B 34 20.32 -1.46 30.02
N LEU B 35 19.49 -1.58 28.99
CA LEU B 35 19.49 -0.63 27.87
C LEU B 35 19.05 0.76 28.30
N GLN B 36 17.88 0.83 28.95
CA GLN B 36 17.35 2.11 29.40
C GLN B 36 18.24 2.75 30.45
N ALA B 37 19.14 1.96 31.03
CA ALA B 37 20.06 2.47 32.05
C ALA B 37 21.37 2.95 31.45
N VAL B 38 21.76 2.37 30.32
CA VAL B 38 23.00 2.75 29.66
C VAL B 38 22.80 3.85 28.62
N SER B 39 21.63 3.88 28.00
CA SER B 39 21.34 4.89 26.98
C SER B 39 19.91 5.39 27.05
N ARG B 40 19.71 6.49 27.77
CA ARG B 40 18.38 7.08 27.92
C ARG B 40 17.87 7.56 26.56
N SER B 41 18.79 7.97 25.69
CA SER B 41 18.44 8.46 24.37
C SER B 41 17.97 7.35 23.43
N PHE B 42 18.85 6.40 23.15
CA PHE B 42 18.54 5.30 22.26
C PHE B 42 17.37 4.46 22.74
N ALA B 43 17.26 4.28 24.05
CA ALA B 43 16.19 3.49 24.63
C ALA B 43 14.79 4.00 24.29
N VAL B 44 14.65 5.31 24.17
CA VAL B 44 13.36 5.91 23.85
C VAL B 44 12.99 5.73 22.38
N VAL B 45 13.95 6.00 21.50
CA VAL B 45 13.72 5.88 20.06
C VAL B 45 13.42 4.46 19.62
N ILE B 46 14.18 3.50 20.13
CA ILE B 46 14.01 2.09 19.78
C ILE B 46 12.56 1.62 19.92
N MET B 47 11.78 2.33 20.74
CA MET B 47 10.39 1.96 20.97
C MET B 47 9.50 2.23 19.75
N GLU B 48 10.09 2.81 18.71
CA GLU B 48 9.35 3.10 17.49
C GLU B 48 9.24 1.83 16.64
N LEU B 49 10.13 0.88 16.90
CA LEU B 49 10.15 -0.39 16.17
C LEU B 49 9.17 -1.42 16.71
N ASP B 50 8.91 -2.44 15.90
CA ASP B 50 8.01 -3.52 16.28
C ASP B 50 8.85 -4.59 16.97
N GLU B 51 8.36 -5.09 18.11
CA GLU B 51 9.07 -6.09 18.90
C GLU B 51 10.11 -6.96 18.19
N GLU B 52 9.69 -7.69 17.16
CA GLU B 52 10.63 -8.55 16.44
C GLU B 52 11.88 -7.78 16.06
N MET B 53 11.69 -6.64 15.40
CA MET B 53 12.79 -5.79 14.97
C MET B 53 13.45 -5.16 16.20
N ARG B 54 12.62 -4.69 17.12
CA ARG B 54 13.09 -4.05 18.33
C ARG B 54 14.06 -4.91 19.14
N ASP B 55 13.74 -6.18 19.30
CA ASP B 55 14.62 -7.09 20.04
C ASP B 55 15.96 -7.22 19.35
N ALA B 56 15.93 -7.44 18.04
CA ALA B 56 17.15 -7.58 17.25
C ALA B 56 18.02 -6.33 17.42
N VAL B 57 17.40 -5.17 17.35
CA VAL B 57 18.11 -3.90 17.49
C VAL B 57 18.58 -3.70 18.93
N CYS B 58 17.76 -4.18 19.87
CA CYS B 58 18.09 -4.05 21.29
C CYS B 58 19.37 -4.84 21.57
N ILE B 59 19.37 -6.10 21.14
CA ILE B 59 20.53 -6.98 21.34
C ILE B 59 21.73 -6.42 20.60
N PHE B 60 21.53 -6.07 19.34
CA PHE B 60 22.59 -5.52 18.50
C PHE B 60 23.28 -4.34 19.18
N TYR B 61 22.48 -3.40 19.68
CA TYR B 61 23.00 -2.22 20.35
C TYR B 61 23.88 -2.62 21.54
N LEU B 62 23.31 -3.45 22.42
CA LEU B 62 24.02 -3.90 23.61
C LEU B 62 25.38 -4.53 23.29
N VAL B 63 25.39 -5.48 22.37
CA VAL B 63 26.63 -6.14 21.99
C VAL B 63 27.69 -5.11 21.62
N LEU B 64 27.30 -4.12 20.83
CA LEU B 64 28.22 -3.06 20.42
C LEU B 64 28.57 -2.18 21.60
N ARG B 65 27.65 -2.07 22.55
CA ARG B 65 27.87 -1.24 23.73
C ARG B 65 28.83 -1.93 24.69
N ALA B 66 28.73 -3.25 24.76
CA ALA B 66 29.60 -4.03 25.63
C ALA B 66 30.99 -3.99 25.01
N LEU B 67 31.00 -3.89 23.68
CA LEU B 67 32.25 -3.84 22.92
C LEU B 67 32.91 -2.50 23.16
N ASP B 68 32.10 -1.46 23.30
CA ASP B 68 32.59 -0.11 23.53
C ASP B 68 33.16 0.02 24.95
N THR B 69 32.46 -0.58 25.90
CA THR B 69 32.87 -0.53 27.30
C THR B 69 34.29 -1.02 27.50
N VAL B 70 34.61 -2.16 26.90
CA VAL B 70 35.95 -2.75 27.01
C VAL B 70 37.03 -1.81 26.48
N GLU B 71 36.76 -1.20 25.33
CA GLU B 71 37.72 -0.29 24.71
C GLU B 71 37.94 1.01 25.47
N ASP B 72 36.85 1.63 25.89
CA ASP B 72 36.91 2.91 26.60
C ASP B 72 37.50 2.83 28.00
N ASP B 73 37.55 1.63 28.58
CA ASP B 73 38.10 1.47 29.92
C ASP B 73 39.60 1.73 29.88
N MET B 74 40.04 2.81 30.51
CA MET B 74 41.46 3.18 30.51
C MET B 74 42.29 2.53 31.60
N SER B 75 41.65 1.83 32.53
CA SER B 75 42.38 1.18 33.61
C SER B 75 42.94 -0.16 33.15
N ILE B 76 42.49 -0.62 31.98
CA ILE B 76 42.95 -1.88 31.41
C ILE B 76 44.10 -1.66 30.43
N PRO B 77 45.11 -2.54 30.46
CA PRO B 77 46.26 -2.43 29.55
C PRO B 77 45.87 -2.59 28.08
N VAL B 78 46.73 -2.08 27.20
CA VAL B 78 46.49 -2.14 25.76
C VAL B 78 46.46 -3.55 25.17
N GLU B 79 47.46 -4.36 25.50
CA GLU B 79 47.54 -5.72 24.96
C GLU B 79 46.26 -6.51 25.23
N PHE B 80 45.57 -6.19 26.31
CA PHE B 80 44.33 -6.88 26.66
C PHE B 80 43.25 -6.64 25.62
N LYS B 81 43.02 -5.36 25.31
CA LYS B 81 42.00 -4.97 24.35
C LYS B 81 42.32 -5.51 22.95
N LEU B 82 43.60 -5.44 22.57
CA LEU B 82 44.04 -5.91 21.26
C LEU B 82 43.94 -7.42 21.13
N ARG B 83 43.66 -8.09 22.26
CA ARG B 83 43.55 -9.54 22.27
C ARG B 83 42.11 -10.04 22.35
N GLU B 84 41.35 -9.49 23.30
CA GLU B 84 39.96 -9.89 23.50
C GLU B 84 38.97 -9.35 22.47
N LEU B 85 39.08 -8.07 22.14
CA LEU B 85 38.17 -7.44 21.18
C LEU B 85 37.96 -8.22 19.88
N PRO B 86 39.05 -8.63 19.21
CA PRO B 86 38.92 -9.37 17.95
C PRO B 86 38.08 -10.65 18.05
N LYS B 87 38.07 -11.26 19.22
CA LYS B 87 37.32 -12.50 19.43
C LYS B 87 36.00 -12.28 20.17
N PHE B 88 35.68 -11.03 20.48
CA PHE B 88 34.46 -10.72 21.21
C PHE B 88 33.18 -11.31 20.61
N HIS B 89 33.04 -11.21 19.29
CA HIS B 89 31.86 -11.74 18.62
C HIS B 89 31.66 -13.24 18.89
N GLU B 90 32.76 -13.95 19.10
CA GLU B 90 32.71 -15.38 19.36
C GLU B 90 31.92 -15.71 20.62
N HIS B 91 32.00 -14.82 21.62
CA HIS B 91 31.30 -15.02 22.88
C HIS B 91 29.78 -15.02 22.71
N LEU B 92 29.30 -14.60 21.54
CA LEU B 92 27.87 -14.54 21.27
C LEU B 92 27.24 -15.92 21.27
N HIS B 93 28.02 -16.95 21.00
CA HIS B 93 27.52 -18.32 20.98
C HIS B 93 27.97 -19.09 22.21
N ASP B 94 28.32 -18.35 23.27
CA ASP B 94 28.75 -18.94 24.52
C ASP B 94 27.88 -18.38 25.64
N THR B 95 26.69 -18.95 25.80
CA THR B 95 25.73 -18.50 26.81
C THR B 95 26.24 -18.49 28.24
N THR B 96 27.49 -18.90 28.44
CA THR B 96 28.06 -18.93 29.79
C THR B 96 29.21 -17.93 29.96
N TRP B 97 29.45 -17.14 28.91
CA TRP B 97 30.54 -16.16 28.96
C TRP B 97 30.15 -14.89 29.70
N CYS B 98 31.15 -14.14 30.14
CA CYS B 98 30.95 -12.88 30.85
C CYS B 98 32.30 -12.22 31.12
N MET B 99 32.28 -10.97 31.58
CA MET B 99 33.50 -10.23 31.88
C MET B 99 33.34 -9.55 33.24
N SER B 100 34.40 -9.58 34.04
CA SER B 100 34.35 -8.99 35.38
C SER B 100 34.90 -7.57 35.55
N GLY B 101 36.16 -7.47 35.98
CA GLY B 101 36.79 -6.18 36.20
C GLY B 101 36.97 -5.27 35.01
N VAL B 102 35.87 -4.81 34.43
CA VAL B 102 35.92 -3.92 33.28
C VAL B 102 34.75 -2.95 33.26
N GLY B 103 35.08 -1.65 33.25
CA GLY B 103 34.05 -0.64 33.23
C GLY B 103 33.45 -0.32 34.59
N VAL B 104 32.72 0.79 34.66
CA VAL B 104 32.07 1.22 35.89
C VAL B 104 30.62 1.54 35.60
N GLY B 105 29.81 1.65 36.65
CA GLY B 105 28.40 1.94 36.46
C GLY B 105 27.64 0.73 35.94
N ARG B 106 26.57 0.97 35.20
CA ARG B 106 25.76 -0.11 34.66
C ARG B 106 26.50 -0.86 33.55
N GLU B 107 27.39 -0.18 32.86
CA GLU B 107 28.16 -0.78 31.78
C GLU B 107 28.91 -2.02 32.26
N ARG B 108 29.49 -1.93 33.46
CA ARG B 108 30.23 -3.03 34.04
C ARG B 108 29.29 -4.22 34.26
N GLU B 109 28.07 -3.92 34.66
CA GLU B 109 27.06 -4.94 34.90
C GLU B 109 26.69 -5.65 33.61
N LEU B 110 26.75 -4.92 32.50
CA LEU B 110 26.42 -5.47 31.19
C LEU B 110 27.38 -6.59 30.81
N LEU B 111 28.65 -6.42 31.17
CA LEU B 111 29.67 -7.42 30.87
C LEU B 111 29.59 -8.61 31.81
N GLU B 112 29.49 -8.34 33.11
CA GLU B 112 29.41 -9.38 34.11
C GLU B 112 28.21 -10.29 33.90
N ARG B 113 27.06 -9.70 33.59
CA ARG B 113 25.84 -10.47 33.36
C ARG B 113 25.55 -10.59 31.87
N TYR B 114 26.60 -10.55 31.06
CA TYR B 114 26.47 -10.64 29.62
C TYR B 114 25.70 -11.89 29.22
N THR B 115 25.63 -12.85 30.13
CA THR B 115 24.92 -14.10 29.90
C THR B 115 23.53 -13.86 29.34
N HIS B 116 22.82 -12.89 29.90
CA HIS B 116 21.47 -12.57 29.45
C HIS B 116 21.41 -12.23 27.97
N VAL B 117 22.35 -11.41 27.50
CA VAL B 117 22.39 -11.01 26.11
C VAL B 117 22.53 -12.21 25.17
N THR B 118 23.47 -13.09 25.48
CA THR B 118 23.69 -14.29 24.67
C THR B 118 22.49 -15.22 24.70
N ARG B 119 21.73 -15.17 25.79
CA ARG B 119 20.54 -16.02 25.94
C ARG B 119 19.50 -15.57 24.92
N ALA B 120 19.26 -14.26 24.88
CA ALA B 120 18.28 -13.69 23.96
C ALA B 120 18.80 -13.72 22.53
N TYR B 121 20.10 -13.50 22.38
CA TYR B 121 20.73 -13.50 21.06
C TYR B 121 20.47 -14.82 20.34
N SER B 122 20.60 -15.92 21.06
CA SER B 122 20.39 -17.24 20.49
C SER B 122 18.94 -17.45 20.05
N ARG B 123 18.02 -16.88 20.81
CA ARG B 123 16.60 -17.00 20.51
C ARG B 123 16.15 -16.03 19.41
N LEU B 124 17.11 -15.53 18.64
CA LEU B 124 16.81 -14.61 17.55
C LEU B 124 16.91 -15.31 16.21
N GLY B 125 16.29 -14.73 15.19
CA GLY B 125 16.35 -15.31 13.86
C GLY B 125 17.79 -15.47 13.45
N LYS B 126 18.13 -16.63 12.89
CA LYS B 126 19.50 -16.89 12.47
C LYS B 126 19.98 -15.83 11.48
N ALA B 127 19.03 -15.17 10.81
CA ALA B 127 19.36 -14.13 9.85
C ALA B 127 19.86 -12.87 10.55
N TYR B 128 19.27 -12.56 11.70
CA TYR B 128 19.67 -11.39 12.47
C TYR B 128 21.01 -11.61 13.16
N GLN B 129 21.16 -12.80 13.74
CA GLN B 129 22.37 -13.16 14.46
C GLN B 129 23.64 -12.89 13.65
N ASP B 130 23.65 -13.33 12.40
CA ASP B 130 24.80 -13.14 11.52
C ASP B 130 25.13 -11.67 11.26
N VAL B 131 24.11 -10.82 11.24
CA VAL B 131 24.33 -9.39 11.01
C VAL B 131 25.00 -8.78 12.23
N ILE B 132 24.44 -9.07 13.41
CA ILE B 132 24.97 -8.56 14.66
C ILE B 132 26.38 -9.09 14.86
N SER B 133 26.55 -10.39 14.70
CA SER B 133 27.84 -11.03 14.85
C SER B 133 28.82 -10.51 13.81
N GLY B 134 28.31 -10.26 12.60
CA GLY B 134 29.14 -9.75 11.53
C GLY B 134 29.64 -8.35 11.80
N ILE B 135 28.72 -7.43 12.04
CA ILE B 135 29.07 -6.04 12.32
C ILE B 135 29.96 -5.90 13.55
N CYS B 136 29.66 -6.71 14.58
CA CYS B 136 30.42 -6.68 15.82
C CYS B 136 31.91 -6.90 15.58
N GLU B 137 32.23 -7.99 14.87
CA GLU B 137 33.61 -8.33 14.59
C GLU B 137 34.32 -7.21 13.84
N ARG B 138 33.65 -6.65 12.84
CA ARG B 138 34.21 -5.57 12.04
C ARG B 138 34.51 -4.32 12.86
N MET B 139 33.53 -3.89 13.66
CA MET B 139 33.68 -2.70 14.49
C MET B 139 34.79 -2.92 15.51
N ALA B 140 34.83 -4.12 16.09
CA ALA B 140 35.85 -4.46 17.08
C ALA B 140 37.25 -4.22 16.55
N ASN B 141 37.62 -4.94 15.50
CA ASN B 141 38.94 -4.80 14.90
C ASN B 141 39.24 -3.34 14.60
N GLY B 142 38.23 -2.63 14.11
CA GLY B 142 38.42 -1.23 13.80
C GLY B 142 38.88 -0.45 15.02
N MET B 143 38.22 -0.70 16.15
CA MET B 143 38.56 -0.04 17.39
C MET B 143 39.99 -0.37 17.80
N CYS B 144 40.40 -1.62 17.57
CA CYS B 144 41.75 -2.05 17.90
C CYS B 144 42.76 -1.23 17.11
N ASP B 145 42.41 -0.93 15.87
CA ASP B 145 43.26 -0.15 14.99
C ASP B 145 43.56 1.23 15.58
N PHE B 146 42.49 1.96 15.91
CA PHE B 146 42.63 3.30 16.46
C PHE B 146 43.01 3.34 17.94
N LEU B 147 43.51 2.23 18.46
CA LEU B 147 43.95 2.15 19.85
C LEU B 147 45.46 2.35 19.87
N THR B 148 46.07 2.24 18.70
CA THR B 148 47.52 2.40 18.57
C THR B 148 47.92 3.57 17.68
N ARG B 149 47.03 4.56 17.53
CA ARG B 149 47.33 5.72 16.71
C ARG B 149 46.27 6.82 16.83
N LYS B 150 46.72 8.07 16.79
CA LYS B 150 45.85 9.23 16.90
C LYS B 150 45.08 9.54 15.61
N VAL B 151 44.07 10.39 15.73
CA VAL B 151 43.25 10.79 14.58
C VAL B 151 44.03 11.93 13.90
N GLU B 152 44.74 11.59 12.83
CA GLU B 152 45.56 12.56 12.12
C GLU B 152 44.91 13.27 10.94
N THR B 153 44.49 12.50 9.93
CA THR B 153 43.89 13.08 8.73
C THR B 153 42.40 12.87 8.57
N LYS B 154 41.81 13.58 7.61
CA LYS B 154 40.38 13.48 7.32
C LYS B 154 40.04 12.05 6.94
N ALA B 155 40.92 11.41 6.17
CA ALA B 155 40.70 10.03 5.76
C ALA B 155 40.51 9.18 7.01
N ASP B 156 41.30 9.48 8.03
CA ASP B 156 41.22 8.77 9.30
C ASP B 156 39.91 9.12 10.00
N TYR B 157 39.67 10.42 10.15
CA TYR B 157 38.45 10.92 10.79
C TYR B 157 37.22 10.20 10.23
N ASP B 158 37.16 10.10 8.91
CA ASP B 158 36.04 9.43 8.25
C ASP B 158 36.06 7.92 8.51
N LEU B 159 37.25 7.34 8.53
CA LEU B 159 37.37 5.90 8.77
C LEU B 159 36.93 5.55 10.18
N TYR B 160 37.45 6.29 11.16
CA TYR B 160 37.10 6.05 12.55
C TYR B 160 35.59 6.09 12.73
N CYS B 161 34.96 7.13 12.19
CA CYS B 161 33.51 7.28 12.27
C CYS B 161 32.84 6.07 11.62
N HIS B 162 33.43 5.60 10.53
CA HIS B 162 32.91 4.44 9.82
C HIS B 162 32.87 3.23 10.76
N TYR B 163 33.96 3.02 11.48
CA TYR B 163 34.08 1.90 12.41
C TYR B 163 33.06 1.93 13.55
N VAL B 164 33.02 3.04 14.27
CA VAL B 164 32.12 3.19 15.42
C VAL B 164 30.74 3.78 15.12
N ALA B 165 30.42 3.99 13.86
CA ALA B 165 29.12 4.55 13.51
C ALA B 165 28.60 4.07 12.16
N GLY B 166 29.40 4.26 11.12
CA GLY B 166 29.00 3.83 9.79
C GLY B 166 28.52 2.39 9.77
N LEU B 167 29.28 1.52 10.41
CA LEU B 167 28.92 0.11 10.47
C LEU B 167 27.58 -0.10 11.17
N VAL B 168 27.23 0.82 12.06
CA VAL B 168 25.96 0.74 12.78
C VAL B 168 24.87 0.99 11.75
N GLY B 169 25.22 1.79 10.74
CA GLY B 169 24.28 2.09 9.68
C GLY B 169 24.06 0.87 8.82
N HIS B 170 25.15 0.17 8.49
CA HIS B 170 25.05 -1.04 7.68
C HIS B 170 24.20 -2.05 8.42
N GLY B 171 24.60 -2.33 9.66
CA GLY B 171 23.87 -3.29 10.47
C GLY B 171 22.39 -3.00 10.55
N LEU B 172 22.05 -1.77 10.96
CA LEU B 172 20.66 -1.37 11.06
C LEU B 172 19.94 -1.54 9.73
N THR B 173 20.59 -1.10 8.64
CA THR B 173 20.01 -1.22 7.32
C THR B 173 19.82 -2.69 6.96
N LEU B 174 20.86 -3.49 7.19
CA LEU B 174 20.82 -4.91 6.90
C LEU B 174 19.65 -5.57 7.63
N LEU B 175 19.45 -5.16 8.89
CA LEU B 175 18.36 -5.71 9.69
C LEU B 175 17.01 -5.37 9.09
N TYR B 176 16.88 -4.17 8.54
CA TYR B 176 15.62 -3.74 7.93
C TYR B 176 15.25 -4.69 6.80
N VAL B 177 16.23 -4.99 5.95
CA VAL B 177 16.03 -5.87 4.82
C VAL B 177 15.71 -7.30 5.27
N SER B 178 16.46 -7.78 6.26
CA SER B 178 16.27 -9.13 6.77
C SER B 178 14.96 -9.30 7.55
N SER B 179 14.23 -8.20 7.73
CA SER B 179 12.96 -8.25 8.46
C SER B 179 11.77 -8.25 7.52
N GLY B 180 12.02 -7.87 6.26
CA GLY B 180 10.96 -7.84 5.27
C GLY B 180 10.30 -6.47 5.24
N LEU B 181 10.49 -5.69 6.29
CA LEU B 181 9.91 -4.36 6.38
C LEU B 181 10.39 -3.48 5.24
N GLU B 182 11.67 -3.61 4.88
CA GLU B 182 12.25 -2.83 3.81
C GLU B 182 12.65 -3.71 2.63
N ASP B 183 12.68 -3.12 1.44
CA ASP B 183 13.04 -3.85 0.23
C ASP B 183 14.51 -4.25 0.23
N VAL B 184 14.77 -5.48 -0.22
CA VAL B 184 16.12 -6.03 -0.27
C VAL B 184 17.08 -5.13 -1.06
N ARG B 185 16.53 -4.23 -1.87
CA ARG B 185 17.33 -3.33 -2.66
C ARG B 185 18.07 -2.33 -1.79
N LEU B 186 17.48 -2.02 -0.63
CA LEU B 186 18.06 -1.07 0.30
C LEU B 186 19.44 -1.50 0.83
N ALA B 187 19.77 -2.77 0.69
CA ALA B 187 21.05 -3.29 1.17
C ALA B 187 22.08 -3.51 0.07
N ASP B 188 21.89 -2.87 -1.08
CA ASP B 188 22.82 -3.01 -2.19
C ASP B 188 24.00 -2.03 -2.08
N ASP B 189 23.68 -0.78 -1.78
CA ASP B 189 24.72 0.24 -1.64
C ASP B 189 24.62 0.91 -0.28
N LEU B 190 25.32 0.32 0.70
CA LEU B 190 25.31 0.83 2.07
C LEU B 190 26.17 2.08 2.25
N THR B 191 26.44 2.79 1.15
CA THR B 191 27.24 4.00 1.23
C THR B 191 26.47 5.10 1.94
N ASN B 192 25.18 5.20 1.64
CA ASN B 192 24.31 6.20 2.28
C ASN B 192 24.12 5.84 3.75
N ALA B 193 23.93 4.54 4.01
CA ALA B 193 23.75 4.06 5.37
C ALA B 193 24.93 4.54 6.20
N ASN B 194 26.12 4.42 5.64
CA ASN B 194 27.34 4.85 6.32
C ASN B 194 27.24 6.35 6.59
N HIS B 195 26.81 7.11 5.59
CA HIS B 195 26.66 8.55 5.73
C HIS B 195 25.76 8.85 6.92
N MET B 196 24.72 8.06 7.08
CA MET B 196 23.78 8.22 8.20
C MET B 196 24.54 8.24 9.52
N GLY B 197 25.41 7.25 9.71
CA GLY B 197 26.19 7.15 10.92
C GLY B 197 27.19 8.28 11.11
N LEU B 198 28.01 8.51 10.09
CA LEU B 198 29.03 9.56 10.16
C LEU B 198 28.44 10.92 10.56
N PHE B 199 27.29 11.27 9.99
CA PHE B 199 26.67 12.54 10.32
C PHE B 199 26.40 12.61 11.82
N LEU B 200 25.79 11.57 12.36
CA LEU B 200 25.49 11.52 13.79
C LEU B 200 26.77 11.62 14.61
N GLN B 201 27.66 10.65 14.39
CA GLN B 201 28.92 10.60 15.11
C GLN B 201 29.70 11.92 15.03
N LYS B 202 29.90 12.41 13.81
CA LYS B 202 30.64 13.66 13.64
C LYS B 202 29.96 14.80 14.37
N THR B 203 28.64 14.76 14.45
CA THR B 203 27.90 15.81 15.16
C THR B 203 28.22 15.75 16.65
N ASN B 204 28.24 14.54 17.20
CA ASN B 204 28.53 14.34 18.62
C ASN B 204 29.97 14.74 18.92
N ILE B 205 30.90 14.26 18.10
CA ILE B 205 32.32 14.58 18.28
C ILE B 205 32.48 16.09 18.39
N ILE B 206 31.86 16.82 17.47
CA ILE B 206 31.94 18.27 17.46
C ILE B 206 31.39 18.86 18.75
N ARG B 207 30.20 18.40 19.16
CA ARG B 207 29.55 18.90 20.36
C ARG B 207 30.28 18.52 21.65
N ASP B 208 30.77 17.29 21.73
CA ASP B 208 31.45 16.81 22.93
C ASP B 208 32.95 17.12 22.97
N PHE B 209 33.38 18.12 22.22
CA PHE B 209 34.80 18.47 22.21
C PHE B 209 35.35 18.68 23.62
N TYR B 210 34.81 19.69 24.31
CA TYR B 210 35.24 20.02 25.65
C TYR B 210 35.29 18.81 26.59
N GLU B 211 34.24 17.99 26.54
CA GLU B 211 34.17 16.81 27.40
C GLU B 211 35.24 15.77 27.05
N ASP B 212 35.49 15.57 25.77
CA ASP B 212 36.49 14.60 25.33
C ASP B 212 37.91 14.98 25.70
N ILE B 213 38.19 16.29 25.74
CA ILE B 213 39.53 16.76 26.06
C ILE B 213 39.79 17.01 27.54
N CYS B 214 38.73 17.01 28.35
CA CYS B 214 38.86 17.25 29.78
C CYS B 214 39.09 15.97 30.58
N GLU B 215 39.15 14.83 29.89
CA GLU B 215 39.37 13.56 30.56
C GLU B 215 40.85 13.21 30.60
N VAL B 216 41.19 12.13 31.30
CA VAL B 216 42.57 11.69 31.42
C VAL B 216 42.75 10.23 31.02
N PRO B 217 43.50 9.97 29.94
CA PRO B 217 44.16 10.98 29.12
C PRO B 217 43.19 11.67 28.16
N PRO B 218 43.41 12.95 27.87
CA PRO B 218 42.56 13.74 26.97
C PRO B 218 42.22 13.03 25.66
N ARG B 219 40.92 12.87 25.41
CA ARG B 219 40.43 12.22 24.20
C ARG B 219 40.23 13.26 23.10
N VAL B 220 40.93 13.07 21.98
CA VAL B 220 40.82 13.98 20.85
C VAL B 220 40.37 13.23 19.60
N PHE B 221 39.44 13.83 18.86
CA PHE B 221 38.91 13.21 17.66
C PHE B 221 39.04 14.12 16.43
N TRP B 222 39.03 15.43 16.66
CA TRP B 222 39.16 16.39 15.56
C TRP B 222 40.48 16.13 14.84
N PRO B 223 40.41 15.69 13.58
CA PRO B 223 41.61 15.40 12.79
C PRO B 223 42.57 16.57 12.67
N ARG B 224 43.86 16.31 12.88
CA ARG B 224 44.89 17.34 12.81
C ARG B 224 44.76 18.15 11.52
N GLU B 225 44.51 17.45 10.43
CA GLU B 225 44.37 18.07 9.11
C GLU B 225 43.49 19.32 9.16
N ILE B 226 42.52 19.34 10.06
CA ILE B 226 41.62 20.47 10.17
C ILE B 226 42.01 21.51 11.22
N TRP B 227 42.35 21.07 12.43
CA TRP B 227 42.71 22.01 13.48
C TRP B 227 44.14 22.55 13.40
N GLU B 228 44.90 22.12 12.41
CA GLU B 228 46.26 22.59 12.26
C GLU B 228 46.28 24.00 11.66
N LYS B 229 45.24 24.31 10.89
CA LYS B 229 45.12 25.63 10.26
C LYS B 229 44.76 26.70 11.28
N TYR B 230 44.47 26.29 12.50
CA TYR B 230 44.06 27.24 13.52
C TYR B 230 44.93 27.29 14.78
N THR B 231 45.74 26.26 15.01
CA THR B 231 46.59 26.24 16.19
C THR B 231 47.54 25.04 16.24
N ASP B 232 48.51 25.10 17.15
CA ASP B 232 49.49 24.04 17.32
C ASP B 232 49.03 23.09 18.42
N ASP B 233 48.56 23.65 19.52
CA ASP B 233 48.08 22.87 20.65
C ASP B 233 46.56 22.99 20.73
N LEU B 234 45.86 21.88 20.46
CA LEU B 234 44.41 21.86 20.50
C LEU B 234 43.84 22.39 21.81
N HIS B 235 44.52 22.09 22.92
CA HIS B 235 44.07 22.55 24.23
C HIS B 235 43.95 24.07 24.28
N ALA B 236 44.59 24.74 23.33
CA ALA B 236 44.56 26.19 23.28
C ALA B 236 43.13 26.71 23.20
N PHE B 237 42.24 25.90 22.63
CA PHE B 237 40.85 26.30 22.51
C PHE B 237 40.11 26.36 23.83
N LYS B 238 40.59 25.62 24.83
CA LYS B 238 39.96 25.64 26.15
C LYS B 238 40.22 27.01 26.76
N ASP B 239 41.24 27.68 26.24
CA ASP B 239 41.62 29.01 26.71
C ASP B 239 40.83 30.07 25.93
N GLU B 240 40.14 30.94 26.67
CA GLU B 240 39.34 31.99 26.06
C GLU B 240 40.17 32.79 25.07
N LEU B 241 41.48 32.87 25.33
CA LEU B 241 42.42 33.60 24.48
C LEU B 241 42.26 33.25 23.00
N HIS B 242 42.18 31.95 22.70
CA HIS B 242 42.05 31.48 21.33
C HIS B 242 40.61 31.31 20.85
N GLU B 243 39.65 31.84 21.60
CA GLU B 243 38.24 31.74 21.22
C GLU B 243 38.04 32.06 19.73
N ALA B 244 38.60 33.19 19.30
CA ALA B 244 38.46 33.63 17.91
C ALA B 244 38.85 32.55 16.91
N LYS B 245 40.00 31.90 17.14
CA LYS B 245 40.47 30.85 16.24
C LYS B 245 39.83 29.50 16.53
N ALA B 246 39.35 29.33 17.76
CA ALA B 246 38.71 28.09 18.17
C ALA B 246 37.41 27.91 17.40
N VAL B 247 36.59 28.96 17.43
CA VAL B 247 35.31 28.96 16.74
C VAL B 247 35.48 28.79 15.23
N GLU B 248 36.57 29.35 14.71
CA GLU B 248 36.85 29.26 13.28
C GLU B 248 37.06 27.81 12.86
N CYS B 249 37.75 27.05 13.71
CA CYS B 249 38.00 25.64 13.44
C CYS B 249 36.68 24.89 13.64
N LEU B 250 35.94 25.31 14.66
CA LEU B 250 34.65 24.72 14.97
C LEU B 250 33.78 24.64 13.72
N ASN B 251 33.70 25.76 13.00
CA ASN B 251 32.90 25.83 11.78
C ASN B 251 33.50 24.96 10.69
N ALA B 252 34.81 24.74 10.76
CA ALA B 252 35.48 23.91 9.78
C ALA B 252 35.01 22.47 9.97
N MET B 253 34.67 22.14 11.20
CA MET B 253 34.18 20.81 11.55
C MET B 253 32.74 20.66 11.09
N VAL B 254 31.93 21.68 11.38
CA VAL B 254 30.52 21.68 11.00
C VAL B 254 30.40 21.53 9.48
N ALA B 255 31.30 22.18 8.76
CA ALA B 255 31.31 22.13 7.31
C ALA B 255 31.57 20.70 6.83
N ASP B 256 32.50 20.03 7.49
CA ASP B 256 32.84 18.66 7.13
C ASP B 256 31.67 17.71 7.34
N ALA B 257 30.85 18.00 8.35
CA ALA B 257 29.70 17.17 8.67
C ALA B 257 28.57 17.30 7.66
N LEU B 258 28.22 18.54 7.32
CA LEU B 258 27.13 18.80 6.37
C LEU B 258 27.28 18.05 5.05
N VAL B 259 28.50 17.69 4.68
CA VAL B 259 28.74 16.97 3.44
C VAL B 259 27.89 15.70 3.35
N HIS B 260 27.42 15.24 4.51
CA HIS B 260 26.61 14.02 4.58
C HIS B 260 25.10 14.25 4.46
N VAL B 261 24.62 15.36 5.03
CA VAL B 261 23.19 15.69 5.01
C VAL B 261 22.46 15.27 3.74
N PRO B 262 22.95 15.69 2.56
CA PRO B 262 22.28 15.31 1.31
C PRO B 262 22.04 13.81 1.20
N HIS B 263 23.04 13.04 1.61
CA HIS B 263 22.97 11.58 1.58
C HIS B 263 21.99 11.08 2.63
N VAL B 264 21.99 11.71 3.80
CA VAL B 264 21.07 11.33 4.87
C VAL B 264 19.65 11.40 4.32
N VAL B 265 19.33 12.55 3.74
CA VAL B 265 18.00 12.78 3.17
C VAL B 265 17.65 11.67 2.18
N GLU B 266 18.61 11.34 1.30
CA GLU B 266 18.39 10.29 0.31
C GLU B 266 17.98 8.98 0.97
N TYR B 267 18.72 8.59 2.00
CA TYR B 267 18.43 7.36 2.72
C TYR B 267 17.03 7.40 3.34
N LEU B 268 16.74 8.49 4.04
CA LEU B 268 15.44 8.64 4.67
C LEU B 268 14.30 8.55 3.66
N ALA B 269 14.47 9.21 2.51
CA ALA B 269 13.45 9.19 1.47
C ALA B 269 13.38 7.80 0.84
N SER B 270 14.32 6.94 1.21
CA SER B 270 14.38 5.58 0.69
C SER B 270 13.54 4.63 1.54
N LEU B 271 13.25 5.02 2.77
CA LEU B 271 12.48 4.20 3.68
C LEU B 271 10.99 4.20 3.33
N ARG B 272 10.35 3.05 3.49
CA ARG B 272 8.93 2.91 3.17
C ARG B 272 8.10 2.56 4.41
N ASP B 273 8.70 1.80 5.31
CA ASP B 273 8.00 1.39 6.53
C ASP B 273 7.99 2.49 7.59
N PRO B 274 6.80 2.80 8.14
CA PRO B 274 6.59 3.82 9.17
C PRO B 274 7.46 3.65 10.42
N SER B 275 7.46 2.45 10.99
CA SER B 275 8.23 2.17 12.19
C SER B 275 9.73 2.33 11.96
N VAL B 276 10.20 1.79 10.84
CA VAL B 276 11.62 1.87 10.50
C VAL B 276 12.03 3.30 10.17
N PHE B 277 11.09 4.08 9.64
CA PHE B 277 11.36 5.46 9.29
C PHE B 277 11.60 6.35 10.52
N ALA B 278 10.62 6.36 11.42
CA ALA B 278 10.72 7.17 12.63
C ALA B 278 11.99 6.88 13.42
N PHE B 279 12.28 5.59 13.59
CA PHE B 279 13.48 5.18 14.32
C PHE B 279 14.77 5.67 13.69
N SER B 280 14.77 5.80 12.37
CA SER B 280 15.95 6.25 11.65
C SER B 280 16.01 7.77 11.46
N ALA B 281 14.84 8.40 11.34
CA ALA B 281 14.77 9.84 11.14
C ALA B 281 15.00 10.68 12.39
N ILE B 282 14.34 10.32 13.49
CA ILE B 282 14.49 11.06 14.74
C ILE B 282 15.93 11.37 15.13
N PRO B 283 16.80 10.35 15.17
CA PRO B 283 18.20 10.61 15.53
C PRO B 283 18.87 11.62 14.60
N GLN B 284 18.53 11.54 13.31
CA GLN B 284 19.10 12.45 12.32
C GLN B 284 18.64 13.88 12.55
N VAL B 285 17.34 14.06 12.78
CA VAL B 285 16.80 15.40 13.02
C VAL B 285 17.40 15.95 14.31
N MET B 286 17.59 15.08 15.29
CA MET B 286 18.17 15.46 16.57
C MET B 286 19.56 16.04 16.36
N ALA B 287 20.34 15.36 15.52
CA ALA B 287 21.70 15.80 15.23
C ALA B 287 21.72 17.16 14.53
N MET B 288 20.93 17.28 13.46
CA MET B 288 20.86 18.53 12.71
C MET B 288 20.44 19.68 13.61
N ALA B 289 19.61 19.39 14.60
CA ALA B 289 19.15 20.41 15.53
C ALA B 289 20.29 20.81 16.46
N THR B 290 21.08 19.82 16.86
CA THR B 290 22.22 20.06 17.75
C THR B 290 23.36 20.73 16.98
N LEU B 291 23.52 20.35 15.71
CA LEU B 291 24.58 20.90 14.88
C LEU B 291 24.35 22.37 14.60
N SER B 292 23.07 22.75 14.44
CA SER B 292 22.73 24.13 14.17
C SER B 292 22.91 24.98 15.43
N LEU B 293 22.94 24.32 16.58
CA LEU B 293 23.10 25.02 17.85
C LEU B 293 24.57 25.12 18.26
N VAL B 294 25.37 24.16 17.83
CA VAL B 294 26.80 24.15 18.15
C VAL B 294 27.57 24.97 17.14
N PHE B 295 27.06 25.03 15.91
CA PHE B 295 27.69 25.79 14.85
C PHE B 295 28.00 27.22 15.24
N ASN B 296 29.20 27.68 14.91
CA ASN B 296 29.65 29.04 15.21
C ASN B 296 29.30 29.46 16.64
N ASN B 297 29.27 28.50 17.56
CA ASN B 297 28.96 28.76 18.95
C ASN B 297 30.24 28.59 19.77
N LYS B 298 30.62 29.63 20.50
CA LYS B 298 31.84 29.57 21.31
C LYS B 298 31.67 28.73 22.57
N ASP B 299 30.44 28.64 23.08
CA ASP B 299 30.17 27.87 24.29
C ASP B 299 30.63 26.41 24.20
N VAL B 300 30.73 25.90 22.97
CA VAL B 300 31.16 24.52 22.75
C VAL B 300 32.47 24.22 23.46
N PHE B 301 33.29 25.27 23.63
CA PHE B 301 34.58 25.13 24.27
C PHE B 301 34.60 25.27 25.79
N HIS B 302 33.47 25.02 26.45
CA HIS B 302 33.43 25.12 27.90
C HIS B 302 32.17 24.50 28.52
N THR B 303 31.36 23.86 27.69
CA THR B 303 30.13 23.22 28.17
C THR B 303 29.45 22.39 27.08
N LYS B 304 28.43 21.64 27.47
CA LYS B 304 27.68 20.79 26.55
C LYS B 304 26.44 21.50 26.03
N VAL B 305 26.40 21.74 24.72
CA VAL B 305 25.26 22.41 24.10
C VAL B 305 24.13 21.42 23.81
N LYS B 306 22.96 21.69 24.39
CA LYS B 306 21.81 20.82 24.19
C LYS B 306 20.58 21.60 23.72
N THR B 307 19.61 20.88 23.16
CA THR B 307 18.38 21.49 22.69
C THR B 307 17.37 21.42 23.83
N THR B 308 16.37 22.29 23.81
CA THR B 308 15.36 22.28 24.86
C THR B 308 14.61 20.95 24.82
N ARG B 309 14.23 20.45 25.98
CA ARG B 309 13.50 19.18 26.06
C ARG B 309 12.22 19.27 25.24
N GLY B 310 11.70 20.48 25.09
CA GLY B 310 10.49 20.67 24.31
C GLY B 310 10.77 20.49 22.84
N ALA B 311 11.92 21.00 22.40
CA ALA B 311 12.33 20.88 21.00
C ALA B 311 12.43 19.41 20.62
N THR B 312 13.21 18.66 21.39
CA THR B 312 13.38 17.24 21.13
C THR B 312 12.03 16.52 21.19
N ALA B 313 11.15 17.02 22.06
CA ALA B 313 9.82 16.44 22.20
C ALA B 313 9.04 16.67 20.91
N ARG B 314 9.21 17.85 20.34
CA ARG B 314 8.51 18.21 19.10
C ARG B 314 9.02 17.34 17.95
N ILE B 315 10.33 17.07 17.96
CA ILE B 315 10.94 16.25 16.93
C ILE B 315 10.39 14.83 16.89
N PHE B 316 10.27 14.20 18.07
CA PHE B 316 9.74 12.84 18.13
C PHE B 316 8.33 12.79 17.56
N HIS B 317 7.51 13.77 17.93
CA HIS B 317 6.13 13.84 17.49
C HIS B 317 5.91 13.95 15.98
N TYR B 318 6.66 14.82 15.32
CA TYR B 318 6.51 15.04 13.89
C TYR B 318 7.36 14.18 12.95
N SER B 319 8.49 13.67 13.44
CA SER B 319 9.37 12.85 12.60
C SER B 319 8.81 11.46 12.34
N THR B 320 7.60 11.40 11.79
CA THR B 320 6.96 10.12 11.49
C THR B 320 6.87 9.85 9.99
N GLU B 321 6.76 10.92 9.20
CA GLU B 321 6.66 10.79 7.75
C GLU B 321 7.58 11.78 7.02
N LEU B 322 8.25 11.28 5.99
CA LEU B 322 9.19 12.07 5.19
C LEU B 322 8.94 13.57 5.09
N GLN B 323 7.75 13.96 4.65
CA GLN B 323 7.44 15.39 4.51
C GLN B 323 7.65 16.20 5.77
N ALA B 324 7.00 15.80 6.86
CA ALA B 324 7.13 16.51 8.13
C ALA B 324 8.58 16.66 8.55
N THR B 325 9.30 15.54 8.60
CA THR B 325 10.70 15.55 8.99
C THR B 325 11.58 16.36 8.04
N LEU B 326 11.35 16.22 6.74
CA LEU B 326 12.13 16.95 5.75
C LEU B 326 12.05 18.46 5.95
N GLN B 327 10.84 18.97 6.15
CA GLN B 327 10.67 20.41 6.34
C GLN B 327 11.16 20.81 7.73
N MET B 328 11.42 19.80 8.58
CA MET B 328 11.89 20.04 9.92
C MET B 328 13.41 20.16 9.88
N LEU B 329 14.02 19.34 9.02
CA LEU B 329 15.47 19.38 8.85
C LEU B 329 15.78 20.74 8.22
N LYS B 330 14.94 21.14 7.29
CA LYS B 330 15.08 22.41 6.60
C LYS B 330 15.15 23.55 7.61
N THR B 331 14.10 23.66 8.43
CA THR B 331 14.02 24.69 9.45
C THR B 331 15.30 24.83 10.25
N TYR B 332 15.90 23.71 10.62
CA TYR B 332 17.13 23.73 11.40
C TYR B 332 18.36 24.15 10.60
N THR B 333 18.50 23.64 9.37
CA THR B 333 19.65 24.02 8.55
C THR B 333 19.62 25.53 8.33
N LEU B 334 18.42 26.08 8.15
CA LEU B 334 18.27 27.50 7.95
C LEU B 334 18.61 28.24 9.25
N ARG B 335 18.18 27.68 10.37
CA ARG B 335 18.47 28.28 11.67
C ARG B 335 19.98 28.33 11.84
N LEU B 336 20.66 27.36 11.23
CA LEU B 336 22.12 27.27 11.29
C LEU B 336 22.75 28.34 10.41
N ALA B 337 22.47 28.26 9.11
CA ALA B 337 23.02 29.22 8.14
C ALA B 337 22.65 30.65 8.49
N ALA B 338 21.78 30.83 9.48
CA ALA B 338 21.34 32.15 9.90
C ALA B 338 22.06 32.61 11.16
N ARG B 339 22.92 31.77 11.70
CA ARG B 339 23.68 32.10 12.91
C ARG B 339 25.03 32.70 12.56
N MET B 340 25.31 32.81 11.27
CA MET B 340 26.57 33.38 10.81
C MET B 340 26.34 34.72 10.12
N ASN B 341 27.37 35.57 10.14
CA ASN B 341 27.30 36.88 9.51
C ASN B 341 27.72 36.78 8.05
N ALA B 342 28.25 37.87 7.50
CA ALA B 342 28.66 37.89 6.11
C ALA B 342 30.18 37.92 5.98
N GLN B 343 30.86 38.27 7.07
CA GLN B 343 32.33 38.33 7.05
C GLN B 343 33.00 37.10 7.63
N ASP B 344 32.19 36.11 8.04
CA ASP B 344 32.74 34.88 8.59
C ASP B 344 33.47 34.11 7.50
N ALA B 345 34.67 33.64 7.80
CA ALA B 345 35.48 32.89 6.84
C ALA B 345 34.72 31.75 6.20
N CYS B 346 34.14 30.88 7.03
CA CYS B 346 33.40 29.73 6.56
C CYS B 346 32.19 30.07 5.68
N TYR B 347 31.66 31.28 5.85
CA TYR B 347 30.50 31.75 5.09
C TYR B 347 30.28 31.03 3.76
N ASP B 348 30.99 31.48 2.73
CA ASP B 348 30.89 30.92 1.38
C ASP B 348 30.69 29.41 1.31
N ARG B 349 31.60 28.64 1.90
CA ARG B 349 31.49 27.19 1.86
C ARG B 349 30.22 26.70 2.53
N ILE B 350 29.92 27.23 3.71
CA ILE B 350 28.72 26.84 4.44
C ILE B 350 27.47 26.89 3.57
N GLU B 351 27.15 28.09 3.06
CA GLU B 351 25.96 28.24 2.22
C GLU B 351 25.91 27.23 1.09
N HIS B 352 27.06 26.91 0.50
CA HIS B 352 27.10 25.93 -0.57
C HIS B 352 26.54 24.61 -0.08
N LEU B 353 27.08 24.12 1.03
CA LEU B 353 26.65 22.85 1.61
C LEU B 353 25.18 22.94 2.05
N VAL B 354 24.80 24.10 2.58
CA VAL B 354 23.43 24.32 3.01
C VAL B 354 22.48 24.19 1.82
N ASN B 355 22.64 25.06 0.85
CA ASN B 355 21.80 25.04 -0.36
C ASN B 355 21.85 23.67 -1.00
N ASP B 356 23.02 23.05 -1.00
CA ASP B 356 23.18 21.73 -1.59
C ASP B 356 22.43 20.69 -0.76
N ALA B 357 22.16 21.04 0.49
CA ALA B 357 21.42 20.16 1.39
C ALA B 357 19.94 20.38 1.17
N ILE B 358 19.51 21.65 1.23
CA ILE B 358 18.12 22.01 1.01
C ILE B 358 17.70 21.49 -0.36
N ARG B 359 18.64 21.46 -1.30
CA ARG B 359 18.37 20.97 -2.64
C ARG B 359 17.79 19.56 -2.56
N ALA B 360 18.59 18.64 -2.04
CA ALA B 360 18.18 17.24 -1.90
C ALA B 360 16.86 17.13 -1.14
N MET B 361 16.62 18.06 -0.23
CA MET B 361 15.39 18.07 0.55
C MET B 361 14.19 18.41 -0.31
N GLU B 362 14.31 19.49 -1.09
CA GLU B 362 13.23 19.91 -1.97
C GLU B 362 13.09 18.90 -3.10
N SER B 363 14.16 18.12 -3.31
CA SER B 363 14.18 17.10 -4.35
C SER B 363 13.14 16.03 -4.03
N HIS B 364 12.48 16.18 -2.88
CA HIS B 364 11.45 15.24 -2.45
C HIS B 364 10.19 15.98 -2.01
N GLN B 365 10.36 17.24 -1.60
CA GLN B 365 9.24 18.05 -1.17
C GLN B 365 8.31 18.37 -2.33
N ASP C 25 -30.95 -29.40 -8.21
CA ASP C 25 -31.34 -28.00 -8.07
C ASP C 25 -30.39 -27.28 -7.12
N GLU C 26 -30.42 -27.69 -5.85
CA GLU C 26 -29.56 -27.11 -4.82
C GLU C 26 -28.11 -27.48 -5.07
N ASP C 27 -27.88 -28.77 -5.30
CA ASP C 27 -26.54 -29.30 -5.54
C ASP C 27 -25.79 -28.54 -6.62
N LEU C 28 -26.34 -28.54 -7.83
CA LEU C 28 -25.72 -27.86 -8.96
C LEU C 28 -25.41 -26.40 -8.65
N ARG C 29 -26.27 -25.78 -7.85
CA ARG C 29 -26.10 -24.38 -7.48
C ARG C 29 -24.84 -24.20 -6.62
N PHE C 30 -24.51 -25.23 -5.85
CA PHE C 30 -23.33 -25.21 -4.99
C PHE C 30 -22.08 -25.25 -5.85
N CYS C 31 -22.14 -26.04 -6.91
CA CYS C 31 -21.02 -26.19 -7.84
C CYS C 31 -20.58 -24.84 -8.39
N TYR C 32 -21.52 -24.05 -8.87
CA TYR C 32 -21.21 -22.74 -9.43
C TYR C 32 -20.70 -21.79 -8.34
N ASP C 33 -21.26 -21.92 -7.14
CA ASP C 33 -20.84 -21.07 -6.03
C ASP C 33 -19.40 -21.42 -5.64
N ILE C 34 -19.13 -22.71 -5.52
CA ILE C 34 -17.79 -23.17 -5.16
C ILE C 34 -16.83 -22.91 -6.32
N LEU C 35 -17.34 -23.05 -7.55
CA LEU C 35 -16.55 -22.80 -8.74
C LEU C 35 -16.14 -21.35 -8.75
N GLN C 36 -17.16 -20.48 -8.70
CA GLN C 36 -16.96 -19.04 -8.69
C GLN C 36 -15.91 -18.62 -7.68
N ALA C 37 -15.78 -19.40 -6.60
CA ALA C 37 -14.82 -19.10 -5.54
C ALA C 37 -13.44 -19.68 -5.84
N VAL C 38 -13.40 -20.96 -6.22
CA VAL C 38 -12.14 -21.64 -6.53
C VAL C 38 -11.38 -21.01 -7.70
N SER C 39 -12.01 -20.95 -8.86
CA SER C 39 -11.39 -20.37 -10.03
C SER C 39 -12.23 -19.21 -10.55
N ARG C 40 -11.81 -18.00 -10.20
CA ARG C 40 -12.53 -16.78 -10.59
C ARG C 40 -12.42 -16.53 -12.09
N SER C 41 -11.40 -17.07 -12.72
CA SER C 41 -11.19 -16.88 -14.16
C SER C 41 -12.11 -17.80 -14.97
N PHE C 42 -11.91 -19.10 -14.83
CA PHE C 42 -12.70 -20.08 -15.55
C PHE C 42 -14.19 -19.88 -15.31
N ALA C 43 -14.55 -19.56 -14.07
CA ALA C 43 -15.95 -19.34 -13.70
C ALA C 43 -16.62 -18.32 -14.61
N VAL C 44 -15.83 -17.39 -15.14
CA VAL C 44 -16.36 -16.36 -16.03
C VAL C 44 -16.55 -16.90 -17.45
N VAL C 45 -15.47 -17.42 -18.02
CA VAL C 45 -15.50 -17.96 -19.37
C VAL C 45 -16.55 -19.04 -19.57
N ILE C 46 -16.72 -19.90 -18.57
CA ILE C 46 -17.68 -20.98 -18.66
C ILE C 46 -19.11 -20.49 -18.91
N MET C 47 -19.39 -19.24 -18.54
CA MET C 47 -20.72 -18.67 -18.73
C MET C 47 -21.05 -18.46 -20.21
N GLU C 48 -20.10 -18.76 -21.09
CA GLU C 48 -20.30 -18.61 -22.52
C GLU C 48 -21.10 -19.79 -23.07
N LEU C 49 -21.02 -20.92 -22.38
CA LEU C 49 -21.72 -22.13 -22.80
C LEU C 49 -23.19 -22.11 -22.40
N ASP C 50 -24.00 -22.91 -23.09
CA ASP C 50 -25.42 -23.01 -22.80
C ASP C 50 -25.61 -23.84 -21.53
N GLU C 51 -26.71 -23.61 -20.81
CA GLU C 51 -27.00 -24.32 -19.57
C GLU C 51 -26.51 -25.76 -19.48
N GLU C 52 -27.06 -26.64 -20.32
CA GLU C 52 -26.67 -28.04 -20.29
C GLU C 52 -25.16 -28.21 -20.43
N MET C 53 -24.63 -27.84 -21.58
CA MET C 53 -23.20 -27.94 -21.84
C MET C 53 -22.41 -27.28 -20.72
N ARG C 54 -22.99 -26.26 -20.11
CA ARG C 54 -22.33 -25.53 -19.02
C ARG C 54 -22.30 -26.33 -17.72
N ASP C 55 -23.41 -26.98 -17.38
CA ASP C 55 -23.49 -27.77 -16.15
C ASP C 55 -22.48 -28.91 -16.16
N ALA C 56 -22.36 -29.57 -17.30
CA ALA C 56 -21.43 -30.70 -17.43
C ALA C 56 -20.00 -30.23 -17.22
N VAL C 57 -19.61 -29.18 -17.94
CA VAL C 57 -18.26 -28.63 -17.82
C VAL C 57 -17.97 -28.18 -16.40
N CYS C 58 -18.97 -27.58 -15.76
CA CYS C 58 -18.82 -27.12 -14.39
C CYS C 58 -18.42 -28.30 -13.50
N ILE C 59 -19.18 -29.39 -13.60
CA ILE C 59 -18.90 -30.59 -12.81
C ILE C 59 -17.52 -31.11 -13.20
N PHE C 60 -17.33 -31.26 -14.52
CA PHE C 60 -16.06 -31.75 -15.06
C PHE C 60 -14.88 -31.02 -14.43
N TYR C 61 -14.98 -29.70 -14.35
CA TYR C 61 -13.92 -28.88 -13.77
C TYR C 61 -13.72 -29.22 -12.30
N LEU C 62 -14.79 -29.11 -11.52
CA LEU C 62 -14.75 -29.38 -10.08
C LEU C 62 -14.07 -30.72 -9.79
N VAL C 63 -14.51 -31.77 -10.47
CA VAL C 63 -13.94 -33.09 -10.27
C VAL C 63 -12.43 -33.05 -10.43
N LEU C 64 -11.96 -32.36 -11.48
CA LEU C 64 -10.53 -32.23 -11.73
C LEU C 64 -9.86 -31.38 -10.66
N ARG C 65 -10.59 -30.39 -10.15
CA ARG C 65 -10.07 -29.51 -9.11
C ARG C 65 -9.93 -30.27 -7.80
N ALA C 66 -10.98 -31.00 -7.43
CA ALA C 66 -10.98 -31.78 -6.20
C ALA C 66 -9.80 -32.73 -6.23
N LEU C 67 -9.52 -33.29 -7.40
CA LEU C 67 -8.41 -34.22 -7.57
C LEU C 67 -7.09 -33.47 -7.39
N ASP C 68 -7.03 -32.25 -7.93
CA ASP C 68 -5.83 -31.43 -7.82
C ASP C 68 -5.56 -31.06 -6.37
N THR C 69 -6.63 -30.78 -5.63
CA THR C 69 -6.51 -30.41 -4.22
C THR C 69 -5.80 -31.47 -3.39
N VAL C 70 -5.99 -32.73 -3.76
CA VAL C 70 -5.37 -33.85 -3.05
C VAL C 70 -3.88 -33.97 -3.34
N GLU C 71 -3.46 -33.56 -4.54
CA GLU C 71 -2.06 -33.63 -4.93
C GLU C 71 -1.23 -32.47 -4.39
N ASP C 72 -1.72 -31.25 -4.62
CA ASP C 72 -1.01 -30.05 -4.20
C ASP C 72 -0.81 -29.94 -2.68
N ASP C 73 -1.53 -30.75 -1.92
CA ASP C 73 -1.41 -30.73 -0.46
C ASP C 73 -0.13 -31.44 -0.04
N MET C 74 0.75 -30.70 0.66
CA MET C 74 2.01 -31.26 1.12
C MET C 74 2.02 -31.61 2.60
N SER C 75 0.83 -31.88 3.15
CA SER C 75 0.72 -32.23 4.57
C SER C 75 0.18 -33.65 4.68
N ILE C 76 0.12 -34.34 3.54
CA ILE C 76 -0.35 -35.72 3.48
C ILE C 76 0.70 -36.62 2.83
N PRO C 77 0.98 -37.78 3.45
CA PRO C 77 1.95 -38.75 2.96
C PRO C 77 1.88 -39.05 1.46
N VAL C 78 3.05 -39.27 0.86
CA VAL C 78 3.15 -39.55 -0.56
C VAL C 78 2.54 -40.89 -0.97
N GLU C 79 2.64 -41.89 -0.10
CA GLU C 79 2.08 -43.20 -0.43
C GLU C 79 0.58 -43.24 -0.20
N PHE C 80 0.02 -42.16 0.33
CA PHE C 80 -1.41 -42.06 0.56
C PHE C 80 -2.11 -41.67 -0.74
N LYS C 81 -1.51 -40.73 -1.46
CA LYS C 81 -2.04 -40.26 -2.72
C LYS C 81 -2.00 -41.38 -3.75
N LEU C 82 -0.85 -42.02 -3.87
CA LEU C 82 -0.65 -43.12 -4.80
C LEU C 82 -1.65 -44.23 -4.53
N ARG C 83 -2.38 -44.09 -3.44
CA ARG C 83 -3.37 -45.07 -3.02
C ARG C 83 -4.80 -44.67 -3.36
N GLU C 84 -5.16 -43.43 -3.04
CA GLU C 84 -6.52 -42.95 -3.26
C GLU C 84 -6.74 -42.30 -4.60
N LEU C 85 -5.71 -41.63 -5.13
CA LEU C 85 -5.86 -40.93 -6.40
C LEU C 85 -6.33 -41.79 -7.55
N PRO C 86 -5.66 -42.89 -7.83
CA PRO C 86 -5.99 -43.78 -8.93
C PRO C 86 -7.39 -44.36 -8.74
N LYS C 87 -7.88 -44.23 -7.52
CA LYS C 87 -9.17 -44.76 -7.15
C LYS C 87 -10.21 -43.65 -6.95
N PHE C 88 -9.78 -42.43 -7.17
CA PHE C 88 -10.61 -41.25 -7.01
C PHE C 88 -11.88 -41.27 -7.87
N HIS C 89 -11.72 -41.49 -9.17
CA HIS C 89 -12.86 -41.54 -10.08
C HIS C 89 -13.99 -42.47 -9.69
N GLU C 90 -13.77 -43.33 -8.69
CA GLU C 90 -14.80 -44.25 -8.25
C GLU C 90 -15.79 -43.58 -7.30
N HIS C 91 -15.37 -42.47 -6.70
CA HIS C 91 -16.21 -41.74 -5.77
C HIS C 91 -17.33 -41.01 -6.51
N LEU C 92 -17.17 -40.84 -7.82
CA LEU C 92 -18.16 -40.17 -8.64
C LEU C 92 -19.50 -40.90 -8.67
N HIS C 93 -19.52 -42.09 -8.07
CA HIS C 93 -20.74 -42.88 -8.00
C HIS C 93 -21.11 -43.12 -6.54
N ASP C 94 -20.26 -42.62 -5.65
CA ASP C 94 -20.47 -42.74 -4.21
C ASP C 94 -20.91 -41.38 -3.67
N THR C 95 -22.20 -41.10 -3.75
CA THR C 95 -22.75 -39.83 -3.29
C THR C 95 -22.54 -39.54 -1.81
N THR C 96 -22.01 -40.52 -1.08
CA THR C 96 -21.78 -40.34 0.36
C THR C 96 -20.33 -40.03 0.67
N TRP C 97 -19.44 -40.33 -0.27
CA TRP C 97 -18.01 -40.09 -0.10
C TRP C 97 -17.65 -38.62 0.02
N CYS C 98 -16.49 -38.35 0.64
CA CYS C 98 -15.98 -36.99 0.82
C CYS C 98 -14.72 -37.03 1.69
N MET C 99 -13.93 -35.96 1.61
CA MET C 99 -12.69 -35.86 2.39
C MET C 99 -12.79 -34.61 3.25
N SER C 100 -12.06 -34.55 4.37
CA SER C 100 -12.16 -33.39 5.26
C SER C 100 -10.90 -32.62 5.62
N GLY C 101 -9.78 -33.32 5.84
CA GLY C 101 -8.56 -32.63 6.23
C GLY C 101 -7.60 -32.16 5.16
N VAL C 102 -8.02 -32.15 3.90
CA VAL C 102 -7.13 -31.73 2.82
C VAL C 102 -7.60 -30.46 2.11
N GLY C 103 -6.64 -29.74 1.52
CA GLY C 103 -6.96 -28.52 0.81
C GLY C 103 -6.78 -27.24 1.60
N VAL C 104 -6.76 -26.12 0.88
CA VAL C 104 -6.60 -24.81 1.50
C VAL C 104 -7.72 -23.88 1.03
N GLY C 105 -8.39 -23.25 1.99
CA GLY C 105 -9.47 -22.34 1.64
C GLY C 105 -10.72 -23.03 1.12
N ARG C 106 -11.36 -22.41 0.13
CA ARG C 106 -12.59 -22.94 -0.44
C ARG C 106 -12.44 -24.38 -0.94
N GLU C 107 -11.23 -24.76 -1.33
CA GLU C 107 -10.96 -26.10 -1.82
C GLU C 107 -11.38 -27.15 -0.79
N ARG C 108 -11.10 -26.88 0.48
CA ARG C 108 -11.45 -27.79 1.57
C ARG C 108 -12.95 -28.04 1.53
N GLU C 109 -13.71 -26.95 1.44
CA GLU C 109 -15.16 -27.01 1.40
C GLU C 109 -15.64 -27.91 0.27
N LEU C 110 -14.91 -27.87 -0.85
CA LEU C 110 -15.26 -28.68 -2.02
C LEU C 110 -15.19 -30.17 -1.76
N LEU C 111 -14.17 -30.58 -1.00
CA LEU C 111 -13.98 -32.00 -0.67
C LEU C 111 -14.88 -32.46 0.48
N GLU C 112 -15.01 -31.63 1.51
CA GLU C 112 -15.84 -31.99 2.65
C GLU C 112 -17.30 -32.09 2.23
N ARG C 113 -17.66 -31.32 1.22
CA ARG C 113 -19.02 -31.31 0.71
C ARG C 113 -19.05 -31.82 -0.72
N TYR C 114 -18.09 -32.69 -1.05
CA TYR C 114 -18.00 -33.26 -2.39
C TYR C 114 -19.32 -33.92 -2.77
N THR C 115 -20.15 -34.15 -1.77
CA THR C 115 -21.46 -34.78 -1.98
C THR C 115 -22.22 -34.08 -3.11
N HIS C 116 -22.32 -32.76 -3.03
CA HIS C 116 -23.04 -31.99 -4.03
C HIS C 116 -22.51 -32.24 -5.45
N VAL C 117 -21.20 -32.37 -5.57
CA VAL C 117 -20.57 -32.61 -6.87
C VAL C 117 -21.02 -33.94 -7.47
N THR C 118 -21.03 -34.98 -6.64
CA THR C 118 -21.43 -36.31 -7.09
C THR C 118 -22.94 -36.39 -7.29
N ARG C 119 -23.68 -35.56 -6.56
CA ARG C 119 -25.14 -35.53 -6.68
C ARG C 119 -25.51 -35.03 -8.07
N ALA C 120 -24.90 -33.91 -8.46
CA ALA C 120 -25.15 -33.31 -9.76
C ALA C 120 -24.63 -34.21 -10.88
N TYR C 121 -23.51 -34.87 -10.62
CA TYR C 121 -22.89 -35.76 -11.60
C TYR C 121 -23.87 -36.84 -12.05
N SER C 122 -24.53 -37.49 -11.08
CA SER C 122 -25.47 -38.56 -11.36
C SER C 122 -26.59 -38.18 -12.32
N ARG C 123 -26.99 -36.91 -12.30
CA ARG C 123 -28.07 -36.44 -13.16
C ARG C 123 -27.63 -36.02 -14.57
N LEU C 124 -26.33 -36.02 -14.81
CA LEU C 124 -25.82 -35.65 -16.13
C LEU C 124 -26.05 -36.79 -17.11
N GLY C 125 -25.80 -36.51 -18.40
CA GLY C 125 -25.98 -37.53 -19.41
C GLY C 125 -24.94 -38.61 -19.26
N LYS C 126 -25.33 -39.85 -19.49
CA LYS C 126 -24.42 -40.99 -19.36
C LYS C 126 -23.14 -40.72 -20.14
N ALA C 127 -23.28 -40.15 -21.33
CA ALA C 127 -22.14 -39.83 -22.17
C ALA C 127 -21.19 -38.88 -21.46
N TYR C 128 -21.71 -37.77 -20.98
CA TYR C 128 -20.90 -36.77 -20.27
C TYR C 128 -20.16 -37.44 -19.11
N GLN C 129 -20.88 -38.24 -18.35
CA GLN C 129 -20.31 -38.93 -17.20
C GLN C 129 -19.08 -39.75 -17.56
N ASP C 130 -19.20 -40.58 -18.60
CA ASP C 130 -18.08 -41.42 -19.03
C ASP C 130 -16.84 -40.60 -19.37
N VAL C 131 -17.06 -39.42 -19.96
CA VAL C 131 -15.95 -38.56 -20.33
C VAL C 131 -15.27 -38.02 -19.08
N ILE C 132 -16.07 -37.45 -18.18
CA ILE C 132 -15.55 -36.90 -16.93
C ILE C 132 -14.79 -37.97 -16.17
N SER C 133 -15.46 -39.08 -15.90
CA SER C 133 -14.86 -40.19 -15.18
C SER C 133 -13.61 -40.68 -15.91
N GLY C 134 -13.70 -40.75 -17.23
CA GLY C 134 -12.58 -41.20 -18.02
C GLY C 134 -11.34 -40.33 -17.87
N ILE C 135 -11.50 -39.03 -18.10
CA ILE C 135 -10.39 -38.10 -17.98
C ILE C 135 -9.87 -38.02 -16.55
N CYS C 136 -10.79 -38.06 -15.59
CA CYS C 136 -10.43 -37.99 -14.18
C CYS C 136 -9.38 -39.04 -13.84
N GLU C 137 -9.72 -40.31 -14.12
CA GLU C 137 -8.81 -41.42 -13.84
C GLU C 137 -7.51 -41.28 -14.62
N ARG C 138 -7.61 -40.94 -15.90
CA ARG C 138 -6.43 -40.78 -16.75
C ARG C 138 -5.51 -39.70 -16.21
N MET C 139 -6.08 -38.58 -15.78
CA MET C 139 -5.31 -37.48 -15.24
C MET C 139 -4.73 -37.86 -13.88
N ALA C 140 -5.55 -38.54 -13.07
CA ALA C 140 -5.13 -38.98 -11.75
C ALA C 140 -3.82 -39.75 -11.82
N ASN C 141 -3.81 -40.82 -12.62
CA ASN C 141 -2.62 -41.64 -12.78
C ASN C 141 -1.42 -40.82 -13.22
N GLY C 142 -1.65 -39.87 -14.12
CA GLY C 142 -0.57 -39.04 -14.60
C GLY C 142 0.09 -38.27 -13.46
N MET C 143 -0.70 -37.85 -12.49
CA MET C 143 -0.19 -37.11 -11.35
C MET C 143 0.67 -38.03 -10.49
N CYS C 144 0.21 -39.27 -10.32
CA CYS C 144 0.94 -40.26 -9.54
C CYS C 144 2.28 -40.55 -10.21
N ASP C 145 2.27 -40.58 -11.53
CA ASP C 145 3.47 -40.84 -12.31
C ASP C 145 4.51 -39.77 -12.07
N PHE C 146 4.07 -38.52 -11.96
CA PHE C 146 4.97 -37.39 -11.74
C PHE C 146 5.15 -37.02 -10.27
N LEU C 147 4.54 -37.79 -9.39
CA LEU C 147 4.66 -37.53 -7.95
C LEU C 147 6.01 -38.05 -7.47
N THR C 148 6.31 -39.29 -7.87
CA THR C 148 7.57 -39.93 -7.49
C THR C 148 8.76 -39.53 -8.35
N ARG C 149 8.61 -38.44 -9.10
CA ARG C 149 9.69 -37.95 -9.95
C ARG C 149 9.47 -36.50 -10.36
N LYS C 150 10.47 -35.92 -11.03
CA LYS C 150 10.39 -34.52 -11.44
C LYS C 150 10.43 -34.38 -12.97
N VAL C 151 10.37 -33.13 -13.43
CA VAL C 151 10.41 -32.84 -14.86
C VAL C 151 11.85 -32.48 -15.23
N GLU C 152 12.56 -33.44 -15.82
CA GLU C 152 13.95 -33.23 -16.20
C GLU C 152 14.13 -32.92 -17.68
N THR C 153 13.49 -33.73 -18.53
CA THR C 153 13.59 -33.55 -19.98
C THR C 153 12.37 -32.83 -20.56
N LYS C 154 12.48 -32.41 -21.81
CA LYS C 154 11.37 -31.74 -22.47
C LYS C 154 10.19 -32.69 -22.53
N ALA C 155 10.47 -33.92 -22.93
CA ALA C 155 9.44 -34.95 -23.03
C ALA C 155 8.68 -35.02 -21.70
N ASP C 156 9.40 -34.83 -20.61
CA ASP C 156 8.81 -34.85 -19.28
C ASP C 156 7.84 -33.67 -19.20
N TYR C 157 8.34 -32.50 -19.57
CA TYR C 157 7.57 -31.26 -19.55
C TYR C 157 6.28 -31.39 -20.34
N ASP C 158 6.39 -31.75 -21.62
CA ASP C 158 5.23 -31.91 -22.49
C ASP C 158 4.23 -32.93 -21.95
N LEU C 159 4.74 -34.02 -21.39
CA LEU C 159 3.87 -35.06 -20.86
C LEU C 159 3.12 -34.55 -19.63
N TYR C 160 3.84 -33.89 -18.73
CA TYR C 160 3.22 -33.35 -17.52
C TYR C 160 2.06 -32.45 -17.88
N CYS C 161 2.29 -31.55 -18.84
CA CYS C 161 1.25 -30.63 -19.28
C CYS C 161 0.06 -31.41 -19.82
N HIS C 162 0.34 -32.54 -20.47
CA HIS C 162 -0.72 -33.38 -21.01
C HIS C 162 -1.60 -33.89 -19.88
N TYR C 163 -0.98 -34.31 -18.79
CA TYR C 163 -1.70 -34.83 -17.63
C TYR C 163 -2.56 -33.80 -16.92
N VAL C 164 -2.00 -32.62 -16.67
CA VAL C 164 -2.73 -31.57 -15.96
C VAL C 164 -3.57 -30.64 -16.83
N ALA C 165 -3.17 -30.42 -18.07
CA ALA C 165 -3.91 -29.53 -18.96
C ALA C 165 -4.35 -30.21 -20.26
N GLY C 166 -3.40 -30.81 -20.96
CA GLY C 166 -3.69 -31.48 -22.20
C GLY C 166 -4.94 -32.36 -22.16
N LEU C 167 -5.04 -33.18 -21.12
CA LEU C 167 -6.19 -34.07 -20.97
C LEU C 167 -7.49 -33.28 -20.87
N VAL C 168 -7.41 -32.07 -20.36
CA VAL C 168 -8.60 -31.23 -20.24
C VAL C 168 -9.04 -30.88 -21.66
N GLY C 169 -8.05 -30.76 -22.55
CA GLY C 169 -8.35 -30.45 -23.94
C GLY C 169 -9.11 -31.59 -24.56
N HIS C 170 -8.78 -32.82 -24.17
CA HIS C 170 -9.46 -33.99 -24.69
C HIS C 170 -10.84 -34.07 -24.05
N GLY C 171 -10.88 -34.03 -22.72
CA GLY C 171 -12.13 -34.10 -22.01
C GLY C 171 -13.15 -33.12 -22.56
N LEU C 172 -12.73 -31.89 -22.79
CA LEU C 172 -13.61 -30.85 -23.32
C LEU C 172 -14.09 -31.21 -24.73
N THR C 173 -13.15 -31.42 -25.64
CA THR C 173 -13.50 -31.77 -27.02
C THR C 173 -14.53 -32.88 -27.04
N LEU C 174 -14.28 -33.92 -26.26
CA LEU C 174 -15.20 -35.05 -26.20
C LEU C 174 -16.56 -34.59 -25.71
N LEU C 175 -16.55 -33.63 -24.78
CA LEU C 175 -17.80 -33.09 -24.25
C LEU C 175 -18.54 -32.28 -25.30
N TYR C 176 -17.79 -31.63 -26.19
CA TYR C 176 -18.40 -30.83 -27.25
C TYR C 176 -19.12 -31.75 -28.22
N VAL C 177 -18.50 -32.88 -28.53
CA VAL C 177 -19.07 -33.85 -29.46
C VAL C 177 -20.30 -34.54 -28.87
N SER C 178 -20.19 -34.95 -27.61
CA SER C 178 -21.29 -35.63 -26.94
C SER C 178 -22.54 -34.77 -26.86
N SER C 179 -22.34 -33.45 -26.77
CA SER C 179 -23.47 -32.52 -26.69
C SER C 179 -24.18 -32.43 -28.02
N GLY C 180 -23.42 -32.53 -29.11
CA GLY C 180 -24.00 -32.46 -30.44
C GLY C 180 -23.78 -31.12 -31.10
N LEU C 181 -23.22 -30.18 -30.37
CA LEU C 181 -22.96 -28.84 -30.90
C LEU C 181 -21.84 -28.88 -31.94
N GLU C 182 -21.01 -29.92 -31.85
CA GLU C 182 -19.90 -30.09 -32.80
C GLU C 182 -20.00 -31.45 -33.48
N ASP C 183 -19.47 -31.53 -34.70
CA ASP C 183 -19.49 -32.77 -35.46
C ASP C 183 -18.58 -33.80 -34.80
N VAL C 184 -18.92 -35.08 -34.92
CA VAL C 184 -18.13 -36.14 -34.33
C VAL C 184 -16.70 -36.17 -34.86
N ARG C 185 -16.54 -35.77 -36.12
CA ARG C 185 -15.24 -35.75 -36.77
C ARG C 185 -14.22 -35.00 -35.92
N LEU C 186 -14.70 -34.11 -35.06
CA LEU C 186 -13.85 -33.30 -34.20
C LEU C 186 -13.06 -34.13 -33.19
N ALA C 187 -13.53 -35.34 -32.91
CA ALA C 187 -12.87 -36.20 -31.94
C ALA C 187 -11.97 -37.25 -32.58
N ASP C 188 -11.81 -37.20 -33.90
CA ASP C 188 -10.98 -38.17 -34.59
C ASP C 188 -9.53 -38.12 -34.10
N ASP C 189 -8.89 -36.96 -34.24
CA ASP C 189 -7.51 -36.78 -33.81
C ASP C 189 -7.43 -35.70 -32.74
N LEU C 190 -7.15 -36.10 -31.50
CA LEU C 190 -7.06 -35.16 -30.39
C LEU C 190 -5.68 -34.55 -30.19
N THR C 191 -4.87 -34.54 -31.24
CA THR C 191 -3.53 -33.96 -31.13
C THR C 191 -3.61 -32.45 -30.89
N ASN C 192 -4.48 -31.78 -31.64
CA ASN C 192 -4.65 -30.33 -31.50
C ASN C 192 -5.31 -29.99 -30.18
N ALA C 193 -6.31 -30.78 -29.79
CA ALA C 193 -7.00 -30.56 -28.54
C ALA C 193 -5.96 -30.53 -27.42
N ASN C 194 -5.00 -31.44 -27.50
CA ASN C 194 -3.94 -31.52 -26.52
C ASN C 194 -3.12 -30.24 -26.55
N HIS C 195 -2.76 -29.80 -27.75
CA HIS C 195 -2.00 -28.57 -27.92
C HIS C 195 -2.66 -27.40 -27.22
N MET C 196 -3.98 -27.31 -27.35
CA MET C 196 -4.73 -26.23 -26.72
C MET C 196 -4.38 -26.12 -25.25
N GLY C 197 -4.62 -27.20 -24.51
CA GLY C 197 -4.31 -27.21 -23.09
C GLY C 197 -2.84 -26.97 -22.80
N LEU C 198 -1.97 -27.60 -23.58
CA LEU C 198 -0.54 -27.44 -23.40
C LEU C 198 -0.08 -26.00 -23.59
N PHE C 199 -0.83 -25.24 -24.37
CA PHE C 199 -0.49 -23.85 -24.61
C PHE C 199 -0.84 -22.98 -23.41
N LEU C 200 -1.97 -23.27 -22.78
CA LEU C 200 -2.39 -22.50 -21.61
C LEU C 200 -1.51 -22.83 -20.42
N GLN C 201 -1.20 -24.11 -20.27
CA GLN C 201 -0.37 -24.57 -19.16
C GLN C 201 1.06 -24.04 -19.24
N LYS C 202 1.68 -24.17 -20.40
CA LYS C 202 3.05 -23.71 -20.59
C LYS C 202 3.17 -22.19 -20.45
N THR C 203 2.13 -21.48 -20.89
CA THR C 203 2.12 -20.02 -20.79
C THR C 203 2.07 -19.61 -19.33
N ASN C 204 1.23 -20.30 -18.54
CA ASN C 204 1.09 -20.00 -17.13
C ASN C 204 2.34 -20.40 -16.36
N ILE C 205 2.86 -21.60 -16.64
CA ILE C 205 4.07 -22.07 -15.97
C ILE C 205 5.18 -21.04 -16.13
N ILE C 206 5.25 -20.45 -17.31
CA ILE C 206 6.27 -19.43 -17.59
C ILE C 206 5.95 -18.16 -16.82
N ARG C 207 4.73 -17.65 -17.00
CA ARG C 207 4.28 -16.43 -16.35
C ARG C 207 4.36 -16.49 -14.83
N ASP C 208 3.93 -17.60 -14.25
CA ASP C 208 3.94 -17.75 -12.79
C ASP C 208 5.23 -18.34 -12.22
N PHE C 209 6.36 -18.10 -12.88
CA PHE C 209 7.63 -18.64 -12.40
C PHE C 209 7.94 -18.18 -10.98
N TYR C 210 8.12 -16.87 -10.80
CA TYR C 210 8.43 -16.31 -9.49
C TYR C 210 7.43 -16.74 -8.43
N GLU C 211 6.15 -16.64 -8.75
CA GLU C 211 5.08 -16.99 -7.82
C GLU C 211 5.24 -18.42 -7.31
N ASP C 212 5.63 -19.34 -8.19
CA ASP C 212 5.80 -20.74 -7.83
C ASP C 212 7.06 -21.06 -7.04
N ILE C 213 8.19 -20.47 -7.43
CA ILE C 213 9.46 -20.73 -6.76
C ILE C 213 9.59 -20.07 -5.39
N CYS C 214 8.65 -19.20 -5.04
CA CYS C 214 8.68 -18.52 -3.76
C CYS C 214 7.83 -19.22 -2.71
N GLU C 215 7.03 -20.18 -3.14
CA GLU C 215 6.18 -20.93 -2.22
C GLU C 215 6.97 -21.93 -1.39
N VAL C 216 6.34 -22.43 -0.34
CA VAL C 216 6.99 -23.39 0.55
C VAL C 216 6.28 -24.74 0.50
N PRO C 217 6.94 -25.77 -0.06
CA PRO C 217 8.28 -25.71 -0.64
C PRO C 217 8.28 -25.14 -2.05
N PRO C 218 9.42 -24.57 -2.49
CA PRO C 218 9.57 -23.98 -3.82
C PRO C 218 9.09 -24.91 -4.94
N ARG C 219 8.18 -24.40 -5.77
CA ARG C 219 7.63 -25.17 -6.89
C ARG C 219 8.36 -24.89 -8.19
N VAL C 220 8.74 -25.95 -8.89
CA VAL C 220 9.45 -25.84 -10.15
C VAL C 220 8.76 -26.70 -11.22
N PHE C 221 8.71 -26.18 -12.45
CA PHE C 221 8.09 -26.88 -13.55
C PHE C 221 8.99 -26.86 -14.78
N TRP C 222 9.76 -25.79 -14.92
CA TRP C 222 10.68 -25.64 -16.04
C TRP C 222 11.61 -26.86 -16.12
N PRO C 223 11.66 -27.51 -17.29
CA PRO C 223 12.51 -28.69 -17.50
C PRO C 223 14.01 -28.42 -17.40
N ARG C 224 14.71 -29.26 -16.65
CA ARG C 224 16.14 -29.12 -16.46
C ARG C 224 16.85 -29.15 -17.80
N GLU C 225 16.29 -29.88 -18.75
CA GLU C 225 16.87 -30.00 -20.09
C GLU C 225 16.97 -28.62 -20.74
N ILE C 226 16.29 -27.63 -20.19
CA ILE C 226 16.32 -26.29 -20.74
C ILE C 226 17.03 -25.26 -19.87
N TRP C 227 16.61 -25.14 -18.60
CA TRP C 227 17.23 -24.17 -17.72
C TRP C 227 18.67 -24.50 -17.32
N GLU C 228 19.07 -25.76 -17.50
CA GLU C 228 20.42 -26.16 -17.15
C GLU C 228 21.38 -25.47 -18.11
N LYS C 229 20.89 -25.20 -19.32
CA LYS C 229 21.67 -24.54 -20.36
C LYS C 229 21.98 -23.10 -20.01
N TYR C 230 21.46 -22.62 -18.88
CA TYR C 230 21.70 -21.23 -18.50
C TYR C 230 22.06 -21.03 -17.03
N THR C 231 22.04 -22.10 -16.24
CA THR C 231 22.38 -22.00 -14.83
C THR C 231 22.46 -23.37 -14.16
N ASP C 232 23.07 -23.40 -12.99
CA ASP C 232 23.22 -24.63 -12.21
C ASP C 232 22.00 -24.86 -11.34
N ASP C 233 21.55 -23.80 -10.66
CA ASP C 233 20.37 -23.87 -9.81
C ASP C 233 19.35 -22.87 -10.32
N LEU C 234 18.08 -23.27 -10.32
CA LEU C 234 17.01 -22.40 -10.80
C LEU C 234 16.76 -21.18 -9.91
N HIS C 235 17.04 -21.32 -8.62
CA HIS C 235 16.84 -20.21 -7.68
C HIS C 235 17.78 -19.05 -8.00
N ALA C 236 18.78 -19.32 -8.82
CA ALA C 236 19.76 -18.31 -9.21
C ALA C 236 19.10 -17.15 -9.95
N PHE C 237 18.03 -17.44 -10.67
CA PHE C 237 17.32 -16.41 -11.43
C PHE C 237 16.71 -15.34 -10.55
N LYS C 238 16.31 -15.72 -9.33
CA LYS C 238 15.70 -14.77 -8.41
C LYS C 238 16.68 -13.67 -8.01
N ASP C 239 17.86 -13.68 -8.62
CA ASP C 239 18.87 -12.69 -8.33
C ASP C 239 19.06 -11.76 -9.53
N GLU C 240 19.00 -10.45 -9.28
CA GLU C 240 19.16 -9.48 -10.34
C GLU C 240 20.57 -9.61 -10.94
N LEU C 241 21.45 -10.27 -10.20
CA LEU C 241 22.83 -10.50 -10.62
C LEU C 241 22.87 -11.38 -11.86
N HIS C 242 22.11 -12.47 -11.83
CA HIS C 242 22.06 -13.41 -12.94
C HIS C 242 20.86 -13.10 -13.84
N GLU C 243 20.59 -11.81 -14.01
CA GLU C 243 19.48 -11.35 -14.83
C GLU C 243 19.62 -11.76 -16.29
N ALA C 244 20.73 -11.38 -16.90
CA ALA C 244 21.00 -11.69 -18.31
C ALA C 244 20.62 -13.14 -18.65
N LYS C 245 21.32 -14.09 -18.03
CA LYS C 245 21.06 -15.50 -18.26
C LYS C 245 19.59 -15.84 -18.00
N ALA C 246 19.02 -15.21 -16.98
CA ALA C 246 17.62 -15.44 -16.62
C ALA C 246 16.68 -15.20 -17.79
N VAL C 247 16.85 -14.07 -18.46
CA VAL C 247 16.00 -13.72 -19.60
C VAL C 247 16.17 -14.71 -20.76
N GLU C 248 17.41 -15.11 -21.04
CA GLU C 248 17.66 -16.05 -22.12
C GLU C 248 16.85 -17.34 -21.92
N CYS C 249 16.93 -17.90 -20.72
CA CYS C 249 16.21 -19.11 -20.39
C CYS C 249 14.72 -18.88 -20.63
N LEU C 250 14.25 -17.69 -20.26
CA LEU C 250 12.85 -17.32 -20.42
C LEU C 250 12.42 -17.41 -21.87
N ASN C 251 13.13 -16.71 -22.75
CA ASN C 251 12.82 -16.71 -24.17
C ASN C 251 12.80 -18.13 -24.71
N ALA C 252 13.67 -18.98 -24.16
CA ALA C 252 13.75 -20.37 -24.59
C ALA C 252 12.44 -21.07 -24.23
N MET C 253 11.92 -20.75 -23.05
CA MET C 253 10.67 -21.34 -22.58
C MET C 253 9.51 -20.90 -23.49
N VAL C 254 9.47 -19.61 -23.79
CA VAL C 254 8.42 -19.07 -24.65
C VAL C 254 8.50 -19.71 -26.03
N ALA C 255 9.71 -19.88 -26.53
CA ALA C 255 9.93 -20.48 -27.84
C ALA C 255 9.26 -21.85 -27.88
N ASP C 256 9.44 -22.62 -26.81
CA ASP C 256 8.85 -23.96 -26.72
C ASP C 256 7.33 -23.88 -26.74
N ALA C 257 6.79 -22.81 -26.18
CA ALA C 257 5.35 -22.61 -26.11
C ALA C 257 4.74 -22.29 -27.48
N LEU C 258 5.43 -21.44 -28.25
CA LEU C 258 4.95 -21.04 -29.56
C LEU C 258 4.80 -22.19 -30.55
N VAL C 259 5.34 -23.35 -30.21
CA VAL C 259 5.24 -24.53 -31.07
C VAL C 259 3.81 -25.04 -31.14
N HIS C 260 3.01 -24.69 -30.14
CA HIS C 260 1.62 -25.13 -30.07
C HIS C 260 0.65 -24.19 -30.78
N VAL C 261 1.06 -22.93 -30.95
CA VAL C 261 0.21 -21.93 -31.58
C VAL C 261 -0.43 -22.37 -32.90
N PRO C 262 0.38 -22.76 -33.89
CA PRO C 262 -0.15 -23.20 -35.19
C PRO C 262 -1.27 -24.23 -35.05
N HIS C 263 -1.12 -25.12 -34.07
CA HIS C 263 -2.11 -26.17 -33.84
C HIS C 263 -3.33 -25.58 -33.13
N VAL C 264 -3.10 -24.57 -32.30
CA VAL C 264 -4.19 -23.92 -31.58
C VAL C 264 -5.12 -23.27 -32.60
N VAL C 265 -4.51 -22.63 -33.60
CA VAL C 265 -5.26 -21.96 -34.66
C VAL C 265 -6.12 -22.97 -35.42
N GLU C 266 -5.51 -24.11 -35.74
CA GLU C 266 -6.22 -25.16 -36.48
C GLU C 266 -7.44 -25.65 -35.71
N TYR C 267 -7.27 -25.94 -34.43
CA TYR C 267 -8.36 -26.41 -33.60
C TYR C 267 -9.50 -25.41 -33.59
N LEU C 268 -9.19 -24.16 -33.30
CA LEU C 268 -10.21 -23.11 -33.25
C LEU C 268 -10.95 -22.96 -34.58
N ALA C 269 -10.23 -23.12 -35.68
CA ALA C 269 -10.82 -22.99 -37.00
C ALA C 269 -11.75 -24.15 -37.36
N SER C 270 -11.74 -25.21 -36.55
CA SER C 270 -12.59 -26.36 -36.81
C SER C 270 -13.87 -26.36 -35.98
N LEU C 271 -14.01 -25.38 -35.10
CA LEU C 271 -15.20 -25.27 -34.26
C LEU C 271 -16.31 -24.60 -35.07
N ARG C 272 -17.54 -25.08 -34.91
CA ARG C 272 -18.67 -24.52 -35.65
C ARG C 272 -19.71 -23.83 -34.78
N ASP C 273 -19.78 -24.23 -33.50
CA ASP C 273 -20.74 -23.64 -32.58
C ASP C 273 -20.22 -22.37 -31.91
N PRO C 274 -21.03 -21.29 -31.93
CA PRO C 274 -20.68 -20.00 -31.33
C PRO C 274 -20.28 -20.14 -29.86
N SER C 275 -21.18 -20.71 -29.06
CA SER C 275 -20.94 -20.90 -27.64
C SER C 275 -19.63 -21.64 -27.42
N VAL C 276 -19.51 -22.83 -27.99
CA VAL C 276 -18.32 -23.65 -27.86
C VAL C 276 -17.06 -22.89 -28.29
N PHE C 277 -17.14 -22.22 -29.42
CA PHE C 277 -16.00 -21.47 -29.94
C PHE C 277 -15.50 -20.42 -28.95
N ALA C 278 -16.34 -19.43 -28.65
CA ALA C 278 -15.98 -18.36 -27.73
C ALA C 278 -15.29 -18.91 -26.48
N PHE C 279 -15.94 -19.89 -25.86
CA PHE C 279 -15.42 -20.52 -24.64
C PHE C 279 -14.03 -21.14 -24.82
N SER C 280 -13.70 -21.53 -26.04
CA SER C 280 -12.41 -22.15 -26.32
C SER C 280 -11.37 -21.14 -26.81
N ALA C 281 -11.83 -20.15 -27.55
CA ALA C 281 -10.93 -19.14 -28.10
C ALA C 281 -10.42 -18.12 -27.09
N ILE C 282 -11.33 -17.59 -26.25
CA ILE C 282 -10.94 -16.59 -25.26
C ILE C 282 -9.71 -16.99 -24.45
N PRO C 283 -9.76 -18.14 -23.76
CA PRO C 283 -8.59 -18.58 -22.97
C PRO C 283 -7.31 -18.58 -23.78
N GLN C 284 -7.42 -18.93 -25.06
CA GLN C 284 -6.27 -18.98 -25.95
C GLN C 284 -5.73 -17.58 -26.19
N VAL C 285 -6.57 -16.70 -26.74
CA VAL C 285 -6.17 -15.34 -27.01
C VAL C 285 -5.57 -14.75 -25.74
N MET C 286 -6.19 -15.06 -24.61
CA MET C 286 -5.71 -14.60 -23.32
C MET C 286 -4.25 -15.00 -23.15
N ALA C 287 -3.99 -16.29 -23.34
CA ALA C 287 -2.65 -16.84 -23.23
C ALA C 287 -1.66 -16.16 -24.16
N MET C 288 -2.05 -16.03 -25.43
CA MET C 288 -1.19 -15.39 -26.41
C MET C 288 -0.84 -13.96 -26.00
N ALA C 289 -1.79 -13.28 -25.37
CA ALA C 289 -1.60 -11.92 -24.92
C ALA C 289 -0.60 -11.90 -23.76
N THR C 290 -0.75 -12.85 -22.86
CA THR C 290 0.15 -12.96 -21.71
C THR C 290 1.55 -13.35 -22.16
N LEU C 291 1.60 -14.27 -23.12
CA LEU C 291 2.87 -14.76 -23.65
C LEU C 291 3.66 -13.66 -24.35
N SER C 292 2.97 -12.62 -24.80
CA SER C 292 3.63 -11.51 -25.49
C SER C 292 4.17 -10.48 -24.51
N LEU C 293 3.71 -10.54 -23.26
CA LEU C 293 4.15 -9.61 -22.23
C LEU C 293 5.32 -10.19 -21.42
N VAL C 294 5.29 -11.49 -21.21
CA VAL C 294 6.35 -12.15 -20.44
C VAL C 294 7.59 -12.37 -21.29
N PHE C 295 7.41 -12.46 -22.61
CA PHE C 295 8.52 -12.68 -23.52
C PHE C 295 9.62 -11.64 -23.32
N ASN C 296 10.86 -12.12 -23.15
CA ASN C 296 12.01 -11.25 -22.96
C ASN C 296 11.69 -10.10 -22.01
N ASN C 297 11.10 -10.45 -20.87
CA ASN C 297 10.74 -9.49 -19.84
C ASN C 297 11.33 -9.92 -18.51
N LYS C 298 12.39 -9.26 -18.08
CA LYS C 298 13.05 -9.60 -16.83
C LYS C 298 12.15 -9.48 -15.61
N ASP C 299 11.05 -8.75 -15.74
CA ASP C 299 10.11 -8.57 -14.63
C ASP C 299 9.47 -9.89 -14.23
N VAL C 300 9.50 -10.86 -15.15
CA VAL C 300 8.90 -12.17 -14.89
C VAL C 300 9.54 -12.84 -13.68
N PHE C 301 10.74 -12.42 -13.32
CA PHE C 301 11.47 -13.00 -12.20
C PHE C 301 11.29 -12.30 -10.85
N HIS C 302 10.38 -11.34 -10.77
CA HIS C 302 10.16 -10.65 -9.51
C HIS C 302 8.72 -10.17 -9.30
N THR C 303 7.86 -10.46 -10.26
CA THR C 303 6.46 -10.06 -10.16
C THR C 303 5.57 -10.83 -11.15
N LYS C 304 4.26 -10.66 -11.01
CA LYS C 304 3.32 -11.34 -11.87
C LYS C 304 2.84 -10.46 -13.02
N VAL C 305 3.46 -10.64 -14.18
CA VAL C 305 3.10 -9.86 -15.37
C VAL C 305 1.67 -10.19 -15.75
N LYS C 306 0.83 -9.17 -15.91
CA LYS C 306 -0.56 -9.39 -16.27
C LYS C 306 -1.03 -8.33 -17.26
N THR C 307 -2.10 -8.63 -18.00
CA THR C 307 -2.65 -7.71 -18.97
C THR C 307 -3.67 -6.79 -18.31
N THR C 308 -3.86 -5.60 -18.88
CA THR C 308 -4.81 -4.65 -18.33
C THR C 308 -6.23 -5.20 -18.39
N ARG C 309 -7.05 -4.81 -17.43
CA ARG C 309 -8.44 -5.28 -17.38
C ARG C 309 -9.15 -4.89 -18.67
N GLY C 310 -8.71 -3.79 -19.28
CA GLY C 310 -9.32 -3.34 -20.52
C GLY C 310 -8.92 -4.24 -21.67
N ALA C 311 -7.73 -4.83 -21.56
CA ALA C 311 -7.23 -5.73 -22.59
C ALA C 311 -8.08 -7.00 -22.67
N THR C 312 -8.29 -7.63 -21.50
CA THR C 312 -9.08 -8.85 -21.44
C THR C 312 -10.51 -8.53 -21.85
N ALA C 313 -10.99 -7.37 -21.43
CA ALA C 313 -12.34 -6.92 -21.75
C ALA C 313 -12.53 -6.89 -23.27
N ARG C 314 -11.50 -6.42 -23.98
CA ARG C 314 -11.55 -6.34 -25.43
C ARG C 314 -11.58 -7.76 -26.01
N ILE C 315 -10.73 -8.63 -25.45
CA ILE C 315 -10.65 -10.02 -25.89
C ILE C 315 -11.97 -10.74 -25.72
N PHE C 316 -12.56 -10.64 -24.53
CA PHE C 316 -13.83 -11.29 -24.25
C PHE C 316 -14.94 -10.86 -25.20
N HIS C 317 -14.84 -9.64 -25.72
CA HIS C 317 -15.85 -9.11 -26.63
C HIS C 317 -15.69 -9.51 -28.09
N TYR C 318 -14.46 -9.46 -28.59
CA TYR C 318 -14.19 -9.78 -29.99
C TYR C 318 -13.89 -11.25 -30.31
N SER C 319 -13.73 -12.09 -29.30
CA SER C 319 -13.43 -13.50 -29.54
C SER C 319 -14.67 -14.36 -29.64
N THR C 320 -15.65 -13.92 -30.43
CA THR C 320 -16.88 -14.69 -30.62
C THR C 320 -16.91 -15.40 -31.96
N GLU C 321 -16.09 -14.93 -32.89
CA GLU C 321 -16.00 -15.55 -34.21
C GLU C 321 -14.55 -15.60 -34.67
N LEU C 322 -14.21 -16.65 -35.39
CA LEU C 322 -12.85 -16.88 -35.86
C LEU C 322 -12.07 -15.64 -36.32
N GLN C 323 -12.41 -15.13 -37.49
CA GLN C 323 -11.74 -13.97 -38.10
C GLN C 323 -11.26 -12.93 -37.09
N ALA C 324 -12.15 -12.56 -36.18
CA ALA C 324 -11.84 -11.57 -35.17
C ALA C 324 -10.74 -12.03 -34.28
N THR C 325 -10.80 -13.26 -33.81
CA THR C 325 -9.80 -13.77 -32.89
C THR C 325 -8.46 -13.93 -33.55
N LEU C 326 -8.49 -14.17 -34.85
CA LEU C 326 -7.29 -14.34 -35.63
C LEU C 326 -6.48 -13.07 -35.74
N GLN C 327 -7.16 -11.94 -35.88
CA GLN C 327 -6.47 -10.67 -35.99
C GLN C 327 -5.88 -10.30 -34.64
N MET C 328 -6.54 -10.67 -33.56
CA MET C 328 -6.03 -10.35 -32.24
C MET C 328 -4.80 -11.23 -31.97
N LEU C 329 -4.92 -12.52 -32.27
CA LEU C 329 -3.81 -13.45 -32.07
C LEU C 329 -2.63 -12.98 -32.91
N LYS C 330 -2.96 -12.52 -34.11
CA LYS C 330 -1.96 -12.02 -35.04
C LYS C 330 -1.20 -10.87 -34.39
N THR C 331 -1.95 -9.86 -33.97
CA THR C 331 -1.37 -8.67 -33.34
C THR C 331 -0.51 -8.98 -32.12
N TYR C 332 -0.98 -9.90 -31.27
CA TYR C 332 -0.22 -10.26 -30.08
C TYR C 332 1.05 -11.03 -30.38
N THR C 333 1.05 -11.82 -31.45
CA THR C 333 2.24 -12.58 -31.83
C THR C 333 3.23 -11.64 -32.50
N LEU C 334 2.71 -10.55 -33.06
CA LEU C 334 3.54 -9.56 -33.72
C LEU C 334 4.22 -8.68 -32.66
N ARG C 335 3.44 -8.27 -31.66
CA ARG C 335 3.96 -7.45 -30.57
C ARG C 335 5.00 -8.23 -29.79
N LEU C 336 4.88 -9.55 -29.80
CA LEU C 336 5.81 -10.43 -29.09
C LEU C 336 7.16 -10.44 -29.81
N ALA C 337 7.13 -10.73 -31.11
CA ALA C 337 8.34 -10.78 -31.92
C ALA C 337 8.92 -9.37 -32.09
N ALA C 338 8.10 -8.36 -31.84
CA ALA C 338 8.52 -6.98 -31.96
C ALA C 338 9.23 -6.50 -30.70
N ARG C 339 9.42 -7.41 -29.75
CA ARG C 339 10.07 -7.09 -28.48
C ARG C 339 11.47 -7.68 -28.38
N MET C 340 12.15 -7.81 -29.51
CA MET C 340 13.51 -8.36 -29.51
C MET C 340 14.43 -7.61 -30.45
N ASN C 341 15.65 -8.10 -30.61
CA ASN C 341 16.62 -7.45 -31.48
C ASN C 341 17.38 -8.46 -32.33
N ALA C 342 17.87 -8.01 -33.48
CA ALA C 342 18.61 -8.86 -34.40
C ALA C 342 19.76 -9.62 -33.73
N GLN C 343 20.56 -8.90 -32.95
CA GLN C 343 21.69 -9.52 -32.27
C GLN C 343 21.31 -10.14 -30.92
N ASP C 344 20.07 -10.63 -30.83
CA ASP C 344 19.58 -11.27 -29.62
C ASP C 344 19.56 -12.78 -29.79
N ALA C 345 20.08 -13.49 -28.78
CA ALA C 345 20.16 -14.94 -28.79
C ALA C 345 19.04 -15.66 -29.53
N CYS C 346 17.88 -15.73 -28.90
CA CYS C 346 16.73 -16.42 -29.44
C CYS C 346 16.13 -15.87 -30.73
N TYR C 347 16.75 -14.86 -31.30
CA TYR C 347 16.23 -14.25 -32.53
C TYR C 347 15.82 -15.28 -33.59
N ASP C 348 16.78 -15.70 -34.40
CA ASP C 348 16.55 -16.67 -35.47
C ASP C 348 15.48 -17.71 -35.18
N ARG C 349 15.54 -18.35 -34.02
CA ARG C 349 14.57 -19.38 -33.65
C ARG C 349 13.16 -18.81 -33.55
N ILE C 350 13.01 -17.75 -32.75
CA ILE C 350 11.73 -17.11 -32.53
C ILE C 350 11.03 -16.70 -33.82
N GLU C 351 11.74 -15.98 -34.70
CA GLU C 351 11.16 -15.53 -35.95
C GLU C 351 10.56 -16.67 -36.75
N HIS C 352 11.22 -17.82 -36.75
CA HIS C 352 10.72 -18.98 -37.48
C HIS C 352 9.37 -19.41 -36.91
N LEU C 353 9.25 -19.34 -35.59
CA LEU C 353 8.02 -19.72 -34.91
C LEU C 353 6.93 -18.69 -35.16
N VAL C 354 7.31 -17.42 -35.22
CA VAL C 354 6.37 -16.34 -35.47
C VAL C 354 5.77 -16.50 -36.86
N ASN C 355 6.62 -16.68 -37.86
CA ASN C 355 6.17 -16.87 -39.23
C ASN C 355 5.24 -18.07 -39.31
N ASP C 356 5.60 -19.14 -38.60
CA ASP C 356 4.80 -20.36 -38.57
C ASP C 356 3.42 -20.05 -38.01
N ALA C 357 3.38 -19.38 -36.86
CA ALA C 357 2.13 -19.02 -36.21
C ALA C 357 1.27 -18.17 -37.13
N ILE C 358 1.88 -17.13 -37.70
CA ILE C 358 1.17 -16.23 -38.59
C ILE C 358 0.71 -16.94 -39.86
N ARG C 359 1.54 -17.82 -40.40
CA ARG C 359 1.17 -18.57 -41.60
C ARG C 359 -0.10 -19.36 -41.34
N ALA C 360 -0.12 -20.06 -40.21
CA ALA C 360 -1.28 -20.86 -39.83
C ALA C 360 -2.51 -19.98 -39.73
N MET C 361 -2.30 -18.76 -39.23
CA MET C 361 -3.39 -17.80 -39.08
C MET C 361 -3.87 -17.29 -40.44
N GLU C 362 -2.96 -16.71 -41.21
CA GLU C 362 -3.29 -16.18 -42.53
C GLU C 362 -3.86 -17.31 -43.39
N SER C 363 -3.51 -18.54 -43.04
CA SER C 363 -3.99 -19.72 -43.76
C SER C 363 -5.50 -19.85 -43.62
N HIS C 364 -6.07 -19.13 -42.66
CA HIS C 364 -7.51 -19.17 -42.43
C HIS C 364 -8.13 -17.79 -42.64
N GLN C 365 -7.45 -16.97 -43.44
CA GLN C 365 -7.94 -15.62 -43.74
C GLN C 365 -8.03 -15.41 -45.26
N ASP D 25 -26.30 23.77 9.73
CA ASP D 25 -24.93 23.70 9.21
C ASP D 25 -23.92 23.85 10.34
N GLU D 26 -24.25 24.69 11.31
CA GLU D 26 -23.37 24.94 12.45
C GLU D 26 -23.49 23.82 13.48
N ASP D 27 -24.59 23.09 13.42
CA ASP D 27 -24.82 21.97 14.35
C ASP D 27 -23.86 20.84 14.00
N LEU D 28 -23.86 20.49 12.72
CA LEU D 28 -23.00 19.42 12.21
C LEU D 28 -21.54 19.77 12.44
N ARG D 29 -21.23 21.06 12.41
CA ARG D 29 -19.88 21.55 12.62
C ARG D 29 -19.51 21.45 14.10
N PHE D 30 -20.49 21.06 14.92
CA PHE D 30 -20.30 20.91 16.36
C PHE D 30 -20.03 19.44 16.67
N CYS D 31 -20.76 18.56 15.99
CA CYS D 31 -20.62 17.12 16.18
C CYS D 31 -19.19 16.66 15.96
N TYR D 32 -18.64 16.96 14.79
CA TYR D 32 -17.28 16.57 14.47
C TYR D 32 -16.30 17.09 15.51
N ASP D 33 -16.48 18.34 15.93
CA ASP D 33 -15.60 18.95 16.93
C ASP D 33 -15.70 18.21 18.27
N ILE D 34 -16.91 17.74 18.60
CA ILE D 34 -17.11 17.02 19.85
C ILE D 34 -16.73 15.56 19.62
N LEU D 35 -16.78 15.14 18.36
CA LEU D 35 -16.43 13.77 17.98
C LEU D 35 -14.93 13.61 18.14
N GLN D 36 -14.19 14.62 17.69
CA GLN D 36 -12.74 14.62 17.78
C GLN D 36 -12.34 14.59 19.25
N ALA D 37 -13.14 15.23 20.10
CA ALA D 37 -12.88 15.29 21.52
C ALA D 37 -13.30 14.01 22.24
N VAL D 38 -14.53 13.57 21.98
CA VAL D 38 -15.04 12.36 22.61
C VAL D 38 -14.21 11.12 22.27
N SER D 39 -14.10 10.81 20.98
CA SER D 39 -13.33 9.65 20.54
C SER D 39 -12.25 10.07 19.55
N ARG D 40 -11.00 9.73 19.86
CA ARG D 40 -9.89 10.07 18.99
C ARG D 40 -9.57 8.93 18.03
N SER D 41 -10.29 7.82 18.19
CA SER D 41 -10.10 6.66 17.33
C SER D 41 -11.13 6.66 16.21
N PHE D 42 -12.40 6.65 16.58
CA PHE D 42 -13.50 6.65 15.63
C PHE D 42 -13.46 7.89 14.74
N ALA D 43 -13.12 9.03 15.35
CA ALA D 43 -13.05 10.31 14.64
C ALA D 43 -12.14 10.27 13.41
N VAL D 44 -11.17 9.37 13.41
CA VAL D 44 -10.25 9.26 12.28
C VAL D 44 -10.78 8.34 11.20
N VAL D 45 -11.21 7.15 11.60
CA VAL D 45 -11.73 6.16 10.66
C VAL D 45 -13.00 6.63 9.95
N ILE D 46 -13.78 7.48 10.62
CA ILE D 46 -15.02 7.97 10.05
C ILE D 46 -14.78 8.89 8.85
N MET D 47 -13.56 9.39 8.71
CA MET D 47 -13.23 10.27 7.60
C MET D 47 -13.08 9.52 6.28
N GLU D 48 -12.94 8.20 6.36
CA GLU D 48 -12.79 7.38 5.17
C GLU D 48 -14.10 7.35 4.38
N LEU D 49 -15.20 7.64 5.08
CA LEU D 49 -16.52 7.64 4.47
C LEU D 49 -16.80 8.90 3.65
N ASP D 50 -17.76 8.78 2.74
CA ASP D 50 -18.17 9.90 1.88
C ASP D 50 -18.99 10.86 2.72
N GLU D 51 -19.32 12.02 2.17
CA GLU D 51 -20.09 13.03 2.88
C GLU D 51 -21.41 12.51 3.47
N GLU D 52 -22.40 12.31 2.61
CA GLU D 52 -23.71 11.83 3.04
C GLU D 52 -23.59 10.67 4.03
N MET D 53 -22.79 9.68 3.67
CA MET D 53 -22.57 8.51 4.51
C MET D 53 -22.00 8.90 5.87
N ARG D 54 -20.96 9.72 5.84
CA ARG D 54 -20.26 10.18 7.04
C ARG D 54 -21.11 10.95 8.06
N ASP D 55 -21.96 11.85 7.57
CA ASP D 55 -22.81 12.64 8.45
C ASP D 55 -23.70 11.78 9.35
N ALA D 56 -24.40 10.83 8.74
CA ALA D 56 -25.30 9.95 9.49
C ALA D 56 -24.53 9.14 10.54
N VAL D 57 -23.41 8.55 10.13
CA VAL D 57 -22.59 7.74 11.02
C VAL D 57 -22.12 8.54 12.23
N CYS D 58 -21.82 9.82 12.01
CA CYS D 58 -21.36 10.69 13.09
C CYS D 58 -22.49 10.92 14.10
N ILE D 59 -23.66 11.25 13.60
CA ILE D 59 -24.82 11.48 14.45
C ILE D 59 -25.14 10.19 15.19
N PHE D 60 -25.09 9.09 14.46
CA PHE D 60 -25.37 7.76 15.01
C PHE D 60 -24.44 7.45 16.18
N TYR D 61 -23.16 7.81 16.04
CA TYR D 61 -22.18 7.56 17.08
C TYR D 61 -22.44 8.42 18.31
N LEU D 62 -22.61 9.72 18.10
CA LEU D 62 -22.85 10.66 19.19
C LEU D 62 -24.10 10.31 19.99
N VAL D 63 -25.21 10.07 19.30
CA VAL D 63 -26.46 9.72 19.96
C VAL D 63 -26.25 8.56 20.92
N LEU D 64 -25.38 7.63 20.53
CA LEU D 64 -25.08 6.47 21.35
C LEU D 64 -24.04 6.77 22.43
N ARG D 65 -23.05 7.59 22.09
CA ARG D 65 -22.01 7.96 23.05
C ARG D 65 -22.66 8.73 24.19
N ALA D 66 -23.61 9.61 23.86
CA ALA D 66 -24.31 10.40 24.86
C ALA D 66 -25.08 9.47 25.77
N LEU D 67 -25.53 8.35 25.22
CA LEU D 67 -26.27 7.35 25.97
C LEU D 67 -25.33 6.60 26.91
N ASP D 68 -24.07 6.51 26.51
CA ASP D 68 -23.05 5.82 27.31
C ASP D 68 -22.65 6.64 28.53
N THR D 69 -22.81 7.95 28.43
CA THR D 69 -22.47 8.85 29.53
C THR D 69 -23.39 8.64 30.73
N VAL D 70 -24.69 8.51 30.47
CA VAL D 70 -25.66 8.30 31.53
C VAL D 70 -25.55 6.91 32.13
N GLU D 71 -25.39 5.92 31.26
CA GLU D 71 -25.28 4.53 31.69
C GLU D 71 -24.05 4.23 32.55
N ASP D 72 -23.02 5.06 32.40
CA ASP D 72 -21.78 4.87 33.16
C ASP D 72 -21.66 5.73 34.41
N ASP D 73 -22.11 6.97 34.32
CA ASP D 73 -22.05 7.89 35.47
C ASP D 73 -22.55 7.18 36.73
N MET D 74 -21.63 6.82 37.62
CA MET D 74 -21.97 6.12 38.84
C MET D 74 -22.57 7.01 39.92
N SER D 75 -22.16 8.28 39.95
CA SER D 75 -22.68 9.22 40.95
C SER D 75 -24.17 9.49 40.71
N ILE D 76 -24.75 8.73 39.79
CA ILE D 76 -26.17 8.88 39.46
C ILE D 76 -26.99 7.75 40.07
N PRO D 77 -28.16 8.07 40.64
CA PRO D 77 -28.99 7.04 41.25
C PRO D 77 -29.39 5.99 40.22
N VAL D 78 -29.20 4.72 40.57
CA VAL D 78 -29.49 3.61 39.68
C VAL D 78 -30.87 3.61 39.01
N GLU D 79 -31.87 4.20 39.66
CA GLU D 79 -33.21 4.23 39.07
C GLU D 79 -33.39 5.38 38.09
N PHE D 80 -32.62 6.45 38.30
CA PHE D 80 -32.69 7.62 37.44
C PHE D 80 -32.38 7.24 35.99
N LYS D 81 -31.78 6.07 35.82
CA LYS D 81 -31.42 5.57 34.49
C LYS D 81 -32.49 4.62 33.97
N LEU D 82 -32.87 3.65 34.79
CA LEU D 82 -33.88 2.65 34.43
C LEU D 82 -35.19 3.28 33.99
N ARG D 83 -35.44 4.51 34.43
CA ARG D 83 -36.69 5.20 34.09
C ARG D 83 -36.58 6.12 32.88
N GLU D 84 -35.37 6.57 32.57
CA GLU D 84 -35.19 7.50 31.46
C GLU D 84 -34.52 6.94 30.22
N LEU D 85 -33.70 5.91 30.37
CA LEU D 85 -33.01 5.32 29.22
C LEU D 85 -33.96 4.79 28.15
N PRO D 86 -34.96 3.98 28.55
CA PRO D 86 -35.89 3.44 27.57
C PRO D 86 -36.55 4.54 26.74
N LYS D 87 -36.65 5.72 27.33
CA LYS D 87 -37.26 6.88 26.68
C LYS D 87 -36.23 7.93 26.32
N PHE D 88 -35.16 7.50 25.65
CA PHE D 88 -34.09 8.42 25.24
C PHE D 88 -34.17 8.70 23.74
N HIS D 89 -34.36 7.64 22.96
CA HIS D 89 -34.45 7.77 21.50
C HIS D 89 -35.61 8.69 21.15
N GLU D 90 -36.47 8.95 22.12
CA GLU D 90 -37.63 9.82 21.94
C GLU D 90 -37.23 11.27 21.79
N HIS D 91 -36.29 11.71 22.61
CA HIS D 91 -35.81 13.09 22.59
C HIS D 91 -35.18 13.44 21.24
N LEU D 92 -34.98 12.43 20.40
CA LEU D 92 -34.40 12.62 19.08
C LEU D 92 -35.25 13.51 18.18
N HIS D 93 -36.46 13.84 18.64
CA HIS D 93 -37.36 14.68 17.87
C HIS D 93 -37.70 15.98 18.58
N ASP D 94 -36.86 16.36 19.54
CA ASP D 94 -37.06 17.60 20.28
C ASP D 94 -35.79 18.44 20.18
N THR D 95 -35.72 19.24 19.11
CA THR D 95 -34.56 20.09 18.83
C THR D 95 -34.24 21.13 19.91
N THR D 96 -34.82 20.97 21.09
CA THR D 96 -34.58 21.90 22.19
C THR D 96 -34.13 21.14 23.44
N TRP D 97 -34.54 19.89 23.52
CA TRP D 97 -34.21 19.03 24.66
C TRP D 97 -32.71 18.97 24.92
N CYS D 98 -32.35 18.54 26.13
CA CYS D 98 -30.96 18.41 26.54
C CYS D 98 -30.89 17.92 27.99
N MET D 99 -29.68 17.79 28.52
CA MET D 99 -29.48 17.33 29.89
C MET D 99 -28.17 17.95 30.40
N SER D 100 -28.15 18.40 31.64
CA SER D 100 -26.94 19.02 32.20
C SER D 100 -26.29 18.32 33.38
N GLY D 101 -27.09 17.87 34.33
CA GLY D 101 -26.56 17.21 35.52
C GLY D 101 -25.79 15.91 35.36
N VAL D 102 -25.21 15.65 34.19
CA VAL D 102 -24.46 14.42 33.98
C VAL D 102 -23.27 14.57 33.05
N GLY D 103 -22.23 13.79 33.31
CA GLY D 103 -21.02 13.83 32.49
C GLY D 103 -19.78 14.11 33.31
N VAL D 104 -18.62 13.80 32.74
CA VAL D 104 -17.34 14.01 33.42
C VAL D 104 -16.50 15.06 32.72
N GLY D 105 -16.69 15.18 31.40
CA GLY D 105 -15.94 16.15 30.62
C GLY D 105 -16.61 16.44 29.29
N ARG D 106 -16.03 15.93 28.22
CA ARG D 106 -16.59 16.13 26.89
C ARG D 106 -17.97 15.48 26.86
N GLU D 107 -18.06 14.31 27.47
CA GLU D 107 -19.31 13.57 27.54
C GLU D 107 -20.36 14.42 28.25
N ARG D 108 -19.91 15.25 29.19
CA ARG D 108 -20.80 16.13 29.93
C ARG D 108 -21.30 17.28 29.06
N GLU D 109 -20.40 17.81 28.23
CA GLU D 109 -20.74 18.93 27.35
C GLU D 109 -21.68 18.49 26.24
N LEU D 110 -21.53 17.24 25.80
CA LEU D 110 -22.37 16.70 24.73
C LEU D 110 -23.85 16.72 25.10
N LEU D 111 -24.19 16.07 26.20
CA LEU D 111 -25.58 16.00 26.66
C LEU D 111 -26.17 17.38 26.92
N GLU D 112 -25.38 18.27 27.52
CA GLU D 112 -25.84 19.62 27.82
C GLU D 112 -26.15 20.41 26.55
N ARG D 113 -25.39 20.15 25.50
CA ARG D 113 -25.57 20.84 24.22
C ARG D 113 -26.14 19.86 23.20
N TYR D 114 -26.70 18.76 23.69
CA TYR D 114 -27.27 17.72 22.84
C TYR D 114 -28.13 18.30 21.73
N THR D 115 -28.67 19.49 21.96
CA THR D 115 -29.53 20.17 20.98
C THR D 115 -29.02 20.02 19.55
N HIS D 116 -27.78 20.44 19.31
CA HIS D 116 -27.17 20.36 17.98
C HIS D 116 -27.28 18.98 17.36
N VAL D 117 -27.08 17.94 18.17
CA VAL D 117 -27.16 16.57 17.68
C VAL D 117 -28.51 16.31 17.05
N THR D 118 -29.57 16.51 17.84
CA THR D 118 -30.93 16.30 17.35
C THR D 118 -31.25 17.31 16.26
N ARG D 119 -30.61 18.47 16.32
CA ARG D 119 -30.81 19.51 15.32
C ARG D 119 -30.45 18.99 13.93
N ALA D 120 -29.22 18.51 13.79
CA ALA D 120 -28.74 17.97 12.52
C ALA D 120 -29.44 16.67 12.17
N TYR D 121 -29.74 15.87 13.19
CA TYR D 121 -30.43 14.60 13.02
C TYR D 121 -31.71 14.80 12.22
N SER D 122 -32.27 15.99 12.34
CA SER D 122 -33.52 16.34 11.65
C SER D 122 -33.36 16.38 10.12
N ARG D 123 -32.18 16.78 9.66
CA ARG D 123 -31.92 16.88 8.22
C ARG D 123 -31.41 15.61 7.57
N LEU D 124 -31.39 14.51 8.31
CA LEU D 124 -30.92 13.24 7.78
C LEU D 124 -32.06 12.58 7.00
N GLY D 125 -31.69 11.73 6.04
CA GLY D 125 -32.71 11.05 5.25
C GLY D 125 -33.63 10.26 6.16
N LYS D 126 -34.90 10.14 5.76
CA LYS D 126 -35.87 9.42 6.56
C LYS D 126 -35.37 8.02 6.90
N ALA D 127 -34.78 7.35 5.90
CA ALA D 127 -34.24 6.01 6.08
C ALA D 127 -33.21 5.97 7.20
N TYR D 128 -32.28 6.92 7.18
CA TYR D 128 -31.23 6.99 8.18
C TYR D 128 -31.78 7.17 9.60
N GLN D 129 -32.53 8.26 9.78
CA GLN D 129 -33.13 8.58 11.08
C GLN D 129 -33.70 7.38 11.82
N ASP D 130 -34.38 6.50 11.08
CA ASP D 130 -34.98 5.31 11.69
C ASP D 130 -33.94 4.30 12.16
N VAL D 131 -32.92 4.05 11.34
CA VAL D 131 -31.87 3.12 11.71
C VAL D 131 -31.24 3.56 13.02
N ILE D 132 -31.07 4.88 13.16
CA ILE D 132 -30.48 5.45 14.37
C ILE D 132 -31.45 5.31 15.54
N SER D 133 -32.64 5.91 15.38
CA SER D 133 -33.66 5.86 16.42
C SER D 133 -33.94 4.44 16.88
N GLY D 134 -33.85 3.50 15.95
CA GLY D 134 -34.12 2.10 16.27
C GLY D 134 -33.07 1.48 17.18
N ILE D 135 -31.81 1.49 16.73
CA ILE D 135 -30.72 0.91 17.51
C ILE D 135 -30.55 1.58 18.87
N CYS D 136 -30.75 2.89 18.91
CA CYS D 136 -30.62 3.65 20.16
C CYS D 136 -31.54 3.04 21.22
N GLU D 137 -32.83 2.96 20.90
CA GLU D 137 -33.82 2.39 21.81
C GLU D 137 -33.46 0.94 22.13
N ARG D 138 -33.09 0.19 21.11
CA ARG D 138 -32.74 -1.21 21.27
C ARG D 138 -31.52 -1.39 22.17
N MET D 139 -30.71 -0.35 22.28
CA MET D 139 -29.50 -0.41 23.10
C MET D 139 -29.76 0.13 24.51
N ALA D 140 -30.68 1.08 24.62
CA ALA D 140 -31.02 1.68 25.91
C ALA D 140 -31.51 0.61 26.88
N ASN D 141 -32.55 -0.10 26.47
CA ASN D 141 -33.15 -1.16 27.29
C ASN D 141 -32.13 -2.25 27.62
N GLY D 142 -31.18 -2.47 26.71
CA GLY D 142 -30.17 -3.48 26.92
C GLY D 142 -29.22 -3.13 28.05
N MET D 143 -28.89 -1.86 28.18
CA MET D 143 -27.99 -1.39 29.22
C MET D 143 -28.72 -1.37 30.56
N CYS D 144 -30.02 -1.14 30.50
CA CYS D 144 -30.85 -1.09 31.70
C CYS D 144 -30.90 -2.46 32.37
N ASP D 145 -30.72 -3.51 31.56
CA ASP D 145 -30.75 -4.88 32.05
C ASP D 145 -29.55 -5.17 32.96
N PHE D 146 -28.37 -4.77 32.53
CA PHE D 146 -27.14 -5.00 33.28
C PHE D 146 -26.90 -4.02 34.43
N LEU D 147 -27.80 -3.06 34.60
CA LEU D 147 -27.67 -2.08 35.68
C LEU D 147 -28.28 -2.66 36.95
N THR D 148 -28.85 -3.86 36.81
CA THR D 148 -29.48 -4.55 37.95
C THR D 148 -28.83 -5.90 38.19
N ARG D 149 -27.94 -6.30 37.28
CA ARG D 149 -27.25 -7.58 37.42
C ARG D 149 -25.82 -7.51 36.87
N LYS D 150 -24.99 -8.44 37.28
CA LYS D 150 -23.58 -8.48 36.86
C LYS D 150 -23.31 -9.50 35.75
N VAL D 151 -22.07 -9.55 35.29
CA VAL D 151 -21.66 -10.48 34.24
C VAL D 151 -21.16 -11.76 34.92
N GLU D 152 -21.93 -12.84 34.75
CA GLU D 152 -21.57 -14.11 35.38
C GLU D 152 -21.13 -15.19 34.40
N THR D 153 -21.94 -15.43 33.37
CA THR D 153 -21.64 -16.46 32.38
C THR D 153 -21.17 -15.92 31.04
N LYS D 154 -20.65 -16.81 30.19
CA LYS D 154 -20.20 -16.42 28.87
C LYS D 154 -21.39 -15.86 28.11
N ALA D 155 -22.56 -16.45 28.35
CA ALA D 155 -23.79 -16.02 27.70
C ALA D 155 -24.07 -14.57 28.08
N ASP D 156 -23.87 -14.25 29.35
CA ASP D 156 -24.08 -12.89 29.85
C ASP D 156 -23.06 -11.97 29.20
N TYR D 157 -21.86 -12.50 28.96
CA TYR D 157 -20.79 -11.76 28.34
C TYR D 157 -21.13 -11.38 26.91
N ASP D 158 -21.34 -12.39 26.07
CA ASP D 158 -21.69 -12.16 24.67
C ASP D 158 -22.94 -11.30 24.54
N LEU D 159 -23.83 -11.40 25.51
CA LEU D 159 -25.07 -10.63 25.50
C LEU D 159 -24.81 -9.15 25.74
N TYR D 160 -23.91 -8.85 26.67
CA TYR D 160 -23.57 -7.47 26.97
C TYR D 160 -22.89 -6.80 25.79
N CYS D 161 -21.89 -7.48 25.23
CA CYS D 161 -21.16 -6.95 24.09
C CYS D 161 -22.15 -6.60 22.97
N HIS D 162 -23.06 -7.52 22.69
CA HIS D 162 -24.07 -7.32 21.65
C HIS D 162 -24.77 -5.99 21.84
N TYR D 163 -25.26 -5.73 23.05
CA TYR D 163 -25.96 -4.49 23.35
C TYR D 163 -25.17 -3.22 23.08
N VAL D 164 -23.91 -3.19 23.49
CA VAL D 164 -23.07 -2.01 23.31
C VAL D 164 -22.16 -1.99 22.08
N ALA D 165 -21.89 -3.16 21.51
CA ALA D 165 -21.01 -3.24 20.34
C ALA D 165 -21.71 -3.86 19.13
N GLY D 166 -22.26 -5.06 19.31
CA GLY D 166 -22.93 -5.74 18.22
C GLY D 166 -24.03 -4.91 17.59
N LEU D 167 -24.84 -4.26 18.43
CA LEU D 167 -25.93 -3.43 17.94
C LEU D 167 -25.41 -2.30 17.06
N VAL D 168 -24.20 -1.83 17.37
CA VAL D 168 -23.58 -0.77 16.59
C VAL D 168 -23.29 -1.35 15.21
N GLY D 169 -22.94 -2.64 15.19
CA GLY D 169 -22.65 -3.32 13.94
C GLY D 169 -23.92 -3.40 13.11
N HIS D 170 -25.03 -3.71 13.77
CA HIS D 170 -26.31 -3.80 13.08
C HIS D 170 -26.64 -2.45 12.46
N GLY D 171 -26.59 -1.41 13.27
CA GLY D 171 -26.88 -0.06 12.79
C GLY D 171 -26.03 0.34 11.60
N LEU D 172 -24.73 0.08 11.69
CA LEU D 172 -23.82 0.42 10.60
C LEU D 172 -24.22 -0.29 9.31
N THR D 173 -24.43 -1.60 9.40
CA THR D 173 -24.83 -2.39 8.24
C THR D 173 -26.13 -1.83 7.66
N LEU D 174 -27.05 -1.46 8.53
CA LEU D 174 -28.33 -0.91 8.11
C LEU D 174 -28.11 0.40 7.38
N LEU D 175 -27.08 1.14 7.79
CA LEU D 175 -26.76 2.42 7.18
C LEU D 175 -26.18 2.22 5.78
N TYR D 176 -25.39 1.16 5.62
CA TYR D 176 -24.79 0.88 4.32
C TYR D 176 -25.88 0.55 3.30
N VAL D 177 -26.81 -0.30 3.70
CA VAL D 177 -27.91 -0.69 2.83
C VAL D 177 -28.77 0.54 2.54
N SER D 178 -29.09 1.27 3.60
CA SER D 178 -29.91 2.48 3.50
C SER D 178 -29.28 3.52 2.58
N SER D 179 -27.95 3.43 2.41
CA SER D 179 -27.24 4.37 1.55
C SER D 179 -27.17 3.88 0.12
N GLY D 180 -27.36 2.58 -0.06
CA GLY D 180 -27.31 2.01 -1.39
C GLY D 180 -25.91 1.65 -1.85
N LEU D 181 -24.91 2.07 -1.08
CA LEU D 181 -23.53 1.76 -1.42
C LEU D 181 -23.27 0.27 -1.41
N GLU D 182 -24.00 -0.44 -0.56
CA GLU D 182 -23.89 -1.89 -0.47
C GLU D 182 -25.18 -2.53 -0.94
N ASP D 183 -25.13 -3.83 -1.23
CA ASP D 183 -26.31 -4.54 -1.70
C ASP D 183 -27.36 -4.63 -0.59
N VAL D 184 -28.63 -4.52 -0.96
CA VAL D 184 -29.72 -4.59 0.01
C VAL D 184 -29.65 -5.92 0.75
N ARG D 185 -28.88 -6.86 0.18
CA ARG D 185 -28.70 -8.19 0.73
C ARG D 185 -28.18 -8.13 2.17
N LEU D 186 -27.03 -7.50 2.31
CA LEU D 186 -26.32 -7.35 3.58
C LEU D 186 -27.19 -7.24 4.85
N ALA D 187 -28.43 -6.82 4.71
CA ALA D 187 -29.31 -6.66 5.87
C ALA D 187 -30.08 -7.91 6.28
N ASP D 188 -29.94 -9.00 5.53
CA ASP D 188 -30.65 -10.22 5.85
C ASP D 188 -30.22 -10.89 7.16
N ASP D 189 -28.95 -11.25 7.25
CA ASP D 189 -28.44 -11.91 8.46
C ASP D 189 -27.41 -11.05 9.19
N LEU D 190 -27.90 -10.27 10.15
CA LEU D 190 -27.06 -9.38 10.95
C LEU D 190 -26.29 -10.11 12.04
N THR D 191 -25.92 -11.36 11.77
CA THR D 191 -25.17 -12.14 12.75
C THR D 191 -23.70 -11.76 12.72
N ASN D 192 -23.14 -11.63 11.52
CA ASN D 192 -21.74 -11.26 11.37
C ASN D 192 -21.54 -9.80 11.71
N ALA D 193 -22.55 -8.98 11.42
CA ALA D 193 -22.49 -7.56 11.73
C ALA D 193 -22.41 -7.42 13.24
N ASN D 194 -22.86 -8.47 13.93
CA ASN D 194 -22.84 -8.51 15.38
C ASN D 194 -21.48 -9.01 15.84
N HIS D 195 -20.98 -10.03 15.16
CA HIS D 195 -19.67 -10.60 15.48
C HIS D 195 -18.61 -9.50 15.38
N MET D 196 -18.80 -8.59 14.43
CA MET D 196 -17.88 -7.48 14.23
C MET D 196 -17.76 -6.70 15.52
N GLY D 197 -18.90 -6.16 15.98
CA GLY D 197 -18.91 -5.40 17.21
C GLY D 197 -18.36 -6.15 18.40
N LEU D 198 -18.69 -7.43 18.50
CA LEU D 198 -18.22 -8.25 19.62
C LEU D 198 -16.70 -8.38 19.65
N PHE D 199 -16.09 -8.70 18.52
CA PHE D 199 -14.64 -8.86 18.46
C PHE D 199 -13.92 -7.61 18.98
N LEU D 200 -14.40 -6.44 18.57
CA LEU D 200 -13.80 -5.18 18.99
C LEU D 200 -13.96 -4.98 20.48
N GLN D 201 -15.21 -4.97 20.94
CA GLN D 201 -15.52 -4.77 22.35
C GLN D 201 -14.76 -5.75 23.24
N LYS D 202 -14.67 -7.00 22.81
CA LYS D 202 -13.96 -8.02 23.58
C LYS D 202 -12.47 -7.71 23.69
N THR D 203 -11.87 -7.30 22.57
CA THR D 203 -10.44 -6.98 22.56
C THR D 203 -10.17 -5.80 23.50
N ASN D 204 -11.03 -4.80 23.43
CA ASN D 204 -10.90 -3.62 24.27
C ASN D 204 -10.91 -4.01 25.75
N ILE D 205 -11.86 -4.87 26.11
CA ILE D 205 -11.99 -5.33 27.49
C ILE D 205 -10.76 -6.13 27.93
N ILE D 206 -10.33 -7.06 27.09
CA ILE D 206 -9.18 -7.89 27.39
C ILE D 206 -7.93 -7.02 27.61
N ARG D 207 -7.79 -5.98 26.80
CA ARG D 207 -6.65 -5.09 26.88
C ARG D 207 -6.80 -4.05 28.00
N ASP D 208 -8.02 -3.57 28.20
CA ASP D 208 -8.27 -2.56 29.22
C ASP D 208 -8.62 -3.13 30.59
N PHE D 209 -8.09 -4.31 30.90
CA PHE D 209 -8.36 -4.94 32.20
C PHE D 209 -7.94 -4.04 33.35
N TYR D 210 -6.65 -3.75 33.42
CA TYR D 210 -6.09 -2.93 34.47
C TYR D 210 -6.75 -1.55 34.62
N GLU D 211 -6.85 -0.82 33.51
CA GLU D 211 -7.44 0.51 33.51
C GLU D 211 -8.84 0.56 34.13
N ASP D 212 -9.64 -0.47 33.87
CA ASP D 212 -11.00 -0.52 34.41
C ASP D 212 -11.07 -0.89 35.88
N ILE D 213 -10.44 -1.99 36.25
CA ILE D 213 -10.45 -2.45 37.64
C ILE D 213 -9.77 -1.47 38.58
N CYS D 214 -9.07 -0.49 38.03
CA CYS D 214 -8.39 0.52 38.84
C CYS D 214 -9.22 1.79 38.92
N GLU D 215 -10.49 1.64 39.31
CA GLU D 215 -11.39 2.78 39.42
C GLU D 215 -12.37 2.60 40.58
N VAL D 216 -13.06 3.67 40.93
CA VAL D 216 -14.04 3.63 42.02
C VAL D 216 -15.39 4.11 41.53
N PRO D 217 -16.35 3.18 41.39
CA PRO D 217 -16.18 1.75 41.67
C PRO D 217 -15.37 1.03 40.59
N PRO D 218 -14.69 -0.07 40.97
CA PRO D 218 -13.87 -0.84 40.03
C PRO D 218 -14.74 -1.53 38.99
N ARG D 219 -14.34 -1.43 37.73
CA ARG D 219 -15.10 -2.04 36.64
C ARG D 219 -14.54 -3.38 36.18
N VAL D 220 -15.43 -4.38 36.16
CA VAL D 220 -15.08 -5.72 35.75
C VAL D 220 -16.03 -6.18 34.65
N PHE D 221 -15.48 -6.80 33.60
CA PHE D 221 -16.28 -7.29 32.49
C PHE D 221 -16.00 -8.78 32.27
N TRP D 222 -14.80 -9.20 32.62
CA TRP D 222 -14.40 -10.60 32.48
C TRP D 222 -15.41 -11.48 33.21
N PRO D 223 -16.13 -12.34 32.46
CA PRO D 223 -17.14 -13.25 33.02
C PRO D 223 -16.61 -14.25 34.04
N ARG D 224 -17.31 -14.36 35.17
CA ARG D 224 -16.94 -15.26 36.25
C ARG D 224 -16.72 -16.68 35.73
N GLU D 225 -17.59 -17.11 34.82
CA GLU D 225 -17.51 -18.45 34.25
C GLU D 225 -16.14 -18.78 33.67
N ILE D 226 -15.34 -17.76 33.39
CA ILE D 226 -14.01 -17.97 32.83
C ILE D 226 -12.86 -17.75 33.80
N TRP D 227 -12.88 -16.62 34.51
CA TRP D 227 -11.80 -16.31 35.46
C TRP D 227 -11.89 -17.07 36.78
N GLU D 228 -13.03 -17.68 37.06
CA GLU D 228 -13.19 -18.41 38.32
C GLU D 228 -12.51 -19.78 38.24
N LYS D 229 -11.98 -20.11 37.07
CA LYS D 229 -11.29 -21.38 36.88
C LYS D 229 -9.81 -21.17 37.15
N TYR D 230 -9.44 -19.95 37.53
CA TYR D 230 -8.04 -19.61 37.78
C TYR D 230 -7.82 -18.86 39.09
N THR D 231 -8.87 -18.28 39.65
CA THR D 231 -8.75 -17.53 40.91
C THR D 231 -10.11 -17.26 41.54
N ASP D 232 -10.10 -17.04 42.85
CA ASP D 232 -11.33 -16.77 43.59
C ASP D 232 -11.75 -15.31 43.43
N ASP D 233 -10.78 -14.42 43.39
CA ASP D 233 -11.05 -12.99 43.23
C ASP D 233 -10.27 -12.47 42.02
N LEU D 234 -10.93 -11.65 41.21
CA LEU D 234 -10.30 -11.10 40.02
C LEU D 234 -9.19 -10.11 40.36
N HIS D 235 -9.37 -9.36 41.43
CA HIS D 235 -8.37 -8.39 41.86
C HIS D 235 -7.06 -9.07 42.21
N ALA D 236 -7.08 -10.39 42.24
CA ALA D 236 -5.89 -11.17 42.56
C ALA D 236 -4.87 -11.05 41.43
N PHE D 237 -5.35 -10.81 40.21
CA PHE D 237 -4.47 -10.67 39.06
C PHE D 237 -3.63 -9.40 39.17
N LYS D 238 -4.09 -8.46 39.99
CA LYS D 238 -3.37 -7.21 40.19
C LYS D 238 -2.07 -7.49 40.94
N ASP D 239 -1.90 -8.72 41.37
CA ASP D 239 -0.70 -9.13 42.11
C ASP D 239 0.27 -9.91 41.23
N GLU D 240 1.56 -9.76 41.52
CA GLU D 240 2.62 -10.43 40.79
C GLU D 240 2.68 -11.90 41.18
N LEU D 241 2.09 -12.23 42.31
CA LEU D 241 2.07 -13.61 42.82
C LEU D 241 1.16 -14.54 42.02
N HIS D 242 0.07 -13.99 41.50
CA HIS D 242 -0.89 -14.77 40.72
C HIS D 242 -0.72 -14.52 39.23
N GLU D 243 0.52 -14.28 38.82
CA GLU D 243 0.84 -14.01 37.43
C GLU D 243 0.56 -15.20 36.51
N ALA D 244 1.06 -16.37 36.89
CA ALA D 244 0.87 -17.59 36.10
C ALA D 244 -0.61 -17.84 35.83
N LYS D 245 -1.44 -17.70 36.86
CA LYS D 245 -2.87 -17.92 36.72
C LYS D 245 -3.56 -16.71 36.12
N ALA D 246 -2.81 -15.63 35.97
CA ALA D 246 -3.35 -14.41 35.38
C ALA D 246 -3.25 -14.53 33.87
N VAL D 247 -2.12 -15.05 33.41
CA VAL D 247 -1.87 -15.25 31.98
C VAL D 247 -2.82 -16.29 31.39
N GLU D 248 -3.06 -17.37 32.14
CA GLU D 248 -3.96 -18.42 31.67
C GLU D 248 -5.37 -17.88 31.47
N CYS D 249 -5.85 -17.11 32.44
CA CYS D 249 -7.18 -16.52 32.35
C CYS D 249 -7.19 -15.55 31.18
N LEU D 250 -6.03 -14.93 30.94
CA LEU D 250 -5.86 -13.99 29.84
C LEU D 250 -6.04 -14.73 28.53
N ASN D 251 -5.19 -15.71 28.29
CA ASN D 251 -5.22 -16.52 27.08
C ASN D 251 -6.59 -17.17 26.89
N ALA D 252 -7.34 -17.28 27.98
CA ALA D 252 -8.68 -17.86 27.93
C ALA D 252 -9.62 -16.85 27.27
N MET D 253 -9.48 -15.59 27.67
CA MET D 253 -10.31 -14.52 27.12
C MET D 253 -9.96 -14.32 25.65
N VAL D 254 -8.67 -14.32 25.35
CA VAL D 254 -8.20 -14.15 23.99
C VAL D 254 -8.79 -15.25 23.11
N ALA D 255 -8.99 -16.43 23.71
CA ALA D 255 -9.55 -17.56 23.00
C ALA D 255 -11.04 -17.32 22.75
N ASP D 256 -11.67 -16.64 23.70
CA ASP D 256 -13.09 -16.34 23.61
C ASP D 256 -13.38 -15.36 22.47
N ALA D 257 -12.44 -14.45 22.22
CA ALA D 257 -12.59 -13.46 21.16
C ALA D 257 -12.29 -14.07 19.79
N LEU D 258 -11.27 -14.91 19.73
CA LEU D 258 -10.88 -15.57 18.49
C LEU D 258 -12.05 -16.29 17.83
N VAL D 259 -13.12 -16.49 18.60
CA VAL D 259 -14.31 -17.16 18.11
C VAL D 259 -15.07 -16.29 17.11
N HIS D 260 -14.79 -14.99 17.13
CA HIS D 260 -15.46 -14.06 16.25
C HIS D 260 -14.65 -13.71 14.99
N VAL D 261 -13.35 -13.97 15.02
CA VAL D 261 -12.49 -13.67 13.88
C VAL D 261 -13.02 -14.21 12.56
N PRO D 262 -13.34 -15.51 12.49
CA PRO D 262 -13.85 -16.09 11.24
C PRO D 262 -15.02 -15.30 10.67
N HIS D 263 -15.97 -14.97 11.54
CA HIS D 263 -17.15 -14.21 11.15
C HIS D 263 -16.78 -12.83 10.62
N VAL D 264 -15.86 -12.15 11.31
CA VAL D 264 -15.42 -10.83 10.90
C VAL D 264 -14.90 -10.87 9.47
N VAL D 265 -14.18 -11.94 9.15
CA VAL D 265 -13.62 -12.11 7.81
C VAL D 265 -14.74 -12.16 6.77
N GLU D 266 -15.84 -12.81 7.13
CA GLU D 266 -16.98 -12.94 6.22
C GLU D 266 -17.61 -11.59 5.93
N TYR D 267 -17.90 -10.82 6.97
CA TYR D 267 -18.51 -9.51 6.80
C TYR D 267 -17.67 -8.57 5.95
N LEU D 268 -16.35 -8.67 6.09
CA LEU D 268 -15.46 -7.81 5.32
C LEU D 268 -15.42 -8.21 3.85
N ALA D 269 -15.48 -9.51 3.59
CA ALA D 269 -15.43 -10.02 2.22
C ALA D 269 -16.76 -9.78 1.50
N SER D 270 -17.82 -9.50 2.26
CA SER D 270 -19.13 -9.27 1.68
C SER D 270 -19.28 -7.82 1.22
N LEU D 271 -18.31 -6.98 1.59
CA LEU D 271 -18.34 -5.57 1.21
C LEU D 271 -17.82 -5.38 -0.21
N ARG D 272 -18.25 -4.31 -0.86
CA ARG D 272 -17.83 -4.02 -2.23
C ARG D 272 -17.39 -2.57 -2.40
N ASP D 273 -18.07 -1.66 -1.73
CA ASP D 273 -17.75 -0.24 -1.82
C ASP D 273 -16.50 0.10 -1.02
N PRO D 274 -15.46 0.63 -1.71
CA PRO D 274 -14.17 1.02 -1.14
C PRO D 274 -14.24 1.76 0.20
N SER D 275 -15.04 2.81 0.25
CA SER D 275 -15.19 3.61 1.46
C SER D 275 -15.72 2.79 2.64
N VAL D 276 -16.85 2.13 2.44
CA VAL D 276 -17.47 1.33 3.49
C VAL D 276 -16.54 0.24 4.00
N PHE D 277 -15.76 -0.36 3.09
CA PHE D 277 -14.83 -1.41 3.46
C PHE D 277 -13.75 -0.91 4.42
N ALA D 278 -12.97 0.06 3.96
CA ALA D 278 -11.90 0.64 4.76
C ALA D 278 -12.38 0.95 6.18
N PHE D 279 -13.39 1.80 6.27
CA PHE D 279 -13.97 2.21 7.55
C PHE D 279 -14.37 1.03 8.42
N SER D 280 -14.61 -0.12 7.81
CA SER D 280 -15.01 -1.31 8.56
C SER D 280 -13.84 -2.25 8.82
N ALA D 281 -12.87 -2.26 7.92
CA ALA D 281 -11.70 -3.13 8.03
C ALA D 281 -10.63 -2.61 8.99
N ILE D 282 -10.28 -1.34 8.84
CA ILE D 282 -9.25 -0.72 9.67
C ILE D 282 -9.41 -1.04 11.16
N PRO D 283 -10.63 -0.84 11.71
CA PRO D 283 -10.86 -1.12 13.13
C PRO D 283 -10.65 -2.59 13.49
N GLN D 284 -11.09 -3.48 12.61
CA GLN D 284 -10.95 -4.92 12.84
C GLN D 284 -9.48 -5.33 12.86
N VAL D 285 -8.71 -4.80 11.92
CA VAL D 285 -7.29 -5.12 11.83
C VAL D 285 -6.58 -4.58 13.08
N MET D 286 -7.03 -3.41 13.54
CA MET D 286 -6.47 -2.80 14.73
C MET D 286 -6.65 -3.74 15.91
N ALA D 287 -7.90 -4.14 16.14
CA ALA D 287 -8.23 -5.05 17.23
C ALA D 287 -7.35 -6.30 17.21
N MET D 288 -7.28 -6.93 16.04
CA MET D 288 -6.49 -8.15 15.88
C MET D 288 -5.03 -7.90 16.26
N ALA D 289 -4.49 -6.76 15.82
CA ALA D 289 -3.11 -6.40 16.12
C ALA D 289 -2.93 -6.27 17.63
N THR D 290 -3.88 -5.60 18.27
CA THR D 290 -3.83 -5.39 19.71
C THR D 290 -3.91 -6.73 20.44
N LEU D 291 -4.78 -7.60 19.95
CA LEU D 291 -4.99 -8.92 20.56
C LEU D 291 -3.73 -9.79 20.50
N SER D 292 -2.93 -9.62 19.46
CA SER D 292 -1.70 -10.40 19.29
C SER D 292 -0.59 -9.86 20.18
N LEU D 293 -0.87 -8.73 20.84
CA LEU D 293 0.11 -8.10 21.72
C LEU D 293 -0.22 -8.35 23.19
N VAL D 294 -1.51 -8.29 23.53
CA VAL D 294 -1.95 -8.52 24.91
C VAL D 294 -1.97 -10.01 25.23
N PHE D 295 -2.04 -10.84 24.19
CA PHE D 295 -2.08 -12.29 24.35
C PHE D 295 -0.82 -12.85 24.99
N ASN D 296 -1.00 -13.69 26.00
CA ASN D 296 0.11 -14.33 26.70
C ASN D 296 1.14 -13.30 27.18
N ASN D 297 0.65 -12.14 27.60
CA ASN D 297 1.51 -11.08 28.09
C ASN D 297 1.08 -10.62 29.47
N LYS D 298 2.01 -10.70 30.42
CA LYS D 298 1.74 -10.30 31.81
C LYS D 298 1.54 -8.80 31.98
N ASP D 299 2.17 -8.01 31.11
CA ASP D 299 2.06 -6.56 31.19
C ASP D 299 0.61 -6.09 31.16
N VAL D 300 -0.27 -6.91 30.60
CA VAL D 300 -1.69 -6.58 30.50
C VAL D 300 -2.32 -6.31 31.86
N PHE D 301 -1.71 -6.83 32.92
CA PHE D 301 -2.24 -6.66 34.26
C PHE D 301 -1.64 -5.52 35.08
N HIS D 302 -1.06 -4.52 34.41
CA HIS D 302 -0.47 -3.40 35.11
C HIS D 302 -0.20 -2.21 34.19
N THR D 303 -0.67 -2.31 32.95
CA THR D 303 -0.48 -1.25 31.97
C THR D 303 -1.30 -1.48 30.71
N LYS D 304 -1.41 -0.45 29.87
CA LYS D 304 -2.17 -0.52 28.64
C LYS D 304 -1.27 -0.82 27.45
N VAL D 305 -1.29 -2.07 26.98
CA VAL D 305 -0.47 -2.47 25.85
C VAL D 305 -0.99 -1.85 24.55
N LYS D 306 -0.11 -1.17 23.83
CA LYS D 306 -0.48 -0.53 22.57
C LYS D 306 0.46 -0.94 21.46
N THR D 307 0.09 -0.58 20.22
CA THR D 307 0.91 -0.88 19.06
C THR D 307 1.60 0.42 18.67
N THR D 308 2.85 0.34 18.26
CA THR D 308 3.59 1.53 17.86
C THR D 308 2.80 2.34 16.84
N ARG D 309 2.85 3.66 16.97
CA ARG D 309 2.12 4.53 16.05
C ARG D 309 2.50 4.24 14.59
N GLY D 310 3.66 3.61 14.42
CA GLY D 310 4.11 3.26 13.08
C GLY D 310 3.38 2.03 12.59
N ALA D 311 3.04 1.14 13.52
CA ALA D 311 2.33 -0.09 13.18
C ALA D 311 0.90 0.25 12.81
N THR D 312 0.27 1.11 13.61
CA THR D 312 -1.11 1.53 13.36
C THR D 312 -1.19 2.40 12.11
N ALA D 313 -0.07 3.07 11.78
CA ALA D 313 -0.03 3.92 10.61
C ALA D 313 0.03 3.03 9.37
N ARG D 314 0.74 1.92 9.48
CA ARG D 314 0.86 0.97 8.38
C ARG D 314 -0.52 0.38 8.11
N ILE D 315 -1.25 0.12 9.18
CA ILE D 315 -2.59 -0.45 9.09
C ILE D 315 -3.55 0.46 8.32
N PHE D 316 -3.68 1.70 8.77
CA PHE D 316 -4.57 2.65 8.11
C PHE D 316 -4.26 2.76 6.61
N HIS D 317 -2.99 2.60 6.27
CA HIS D 317 -2.54 2.70 4.89
C HIS D 317 -2.91 1.54 3.97
N TYR D 318 -2.70 0.32 4.44
CA TYR D 318 -2.97 -0.87 3.63
C TYR D 318 -4.36 -1.51 3.74
N SER D 319 -5.17 -1.05 4.68
CA SER D 319 -6.52 -1.62 4.84
C SER D 319 -7.56 -0.94 3.96
N THR D 320 -7.33 -0.95 2.65
CA THR D 320 -8.25 -0.34 1.70
C THR D 320 -9.00 -1.39 0.89
N GLU D 321 -8.35 -2.53 0.65
CA GLU D 321 -8.97 -3.62 -0.09
C GLU D 321 -8.83 -4.93 0.67
N LEU D 322 -9.77 -5.85 0.43
CA LEU D 322 -9.79 -7.14 1.11
C LEU D 322 -8.48 -7.93 1.18
N GLN D 323 -7.95 -8.30 0.02
CA GLN D 323 -6.71 -9.08 -0.04
C GLN D 323 -5.60 -8.52 0.84
N ALA D 324 -5.42 -7.20 0.82
CA ALA D 324 -4.38 -6.57 1.63
C ALA D 324 -4.65 -6.76 3.12
N THR D 325 -5.85 -6.40 3.55
CA THR D 325 -6.24 -6.53 4.95
C THR D 325 -6.17 -7.99 5.41
N LEU D 326 -6.32 -8.91 4.47
CA LEU D 326 -6.27 -10.33 4.78
C LEU D 326 -4.87 -10.79 5.15
N GLN D 327 -3.89 -10.51 4.30
CA GLN D 327 -2.53 -10.93 4.57
C GLN D 327 -2.01 -10.27 5.85
N MET D 328 -2.66 -9.19 6.27
CA MET D 328 -2.27 -8.52 7.50
C MET D 328 -2.89 -9.24 8.69
N LEU D 329 -4.19 -9.53 8.57
CA LEU D 329 -4.89 -10.25 9.64
C LEU D 329 -4.15 -11.56 9.86
N LYS D 330 -3.73 -12.17 8.75
CA LYS D 330 -2.98 -13.43 8.79
C LYS D 330 -1.71 -13.23 9.60
N THR D 331 -0.89 -12.27 9.16
CA THR D 331 0.37 -11.97 9.82
C THR D 331 0.22 -11.79 11.33
N TYR D 332 -0.75 -10.98 11.75
CA TYR D 332 -0.97 -10.75 13.17
C TYR D 332 -1.49 -11.97 13.93
N THR D 333 -2.20 -12.85 13.23
CA THR D 333 -2.71 -14.06 13.88
C THR D 333 -1.59 -15.08 14.03
N LEU D 334 -0.57 -14.94 13.19
CA LEU D 334 0.59 -15.84 13.25
C LEU D 334 1.51 -15.32 14.35
N ARG D 335 1.49 -14.01 14.56
CA ARG D 335 2.31 -13.37 15.58
C ARG D 335 1.77 -13.74 16.96
N LEU D 336 0.47 -13.99 17.02
CA LEU D 336 -0.19 -14.36 18.27
C LEU D 336 0.08 -15.82 18.62
N ALA D 337 -0.13 -16.71 17.65
CA ALA D 337 0.09 -18.14 17.84
C ALA D 337 1.58 -18.46 17.97
N ALA D 338 2.42 -17.45 17.82
CA ALA D 338 3.86 -17.64 17.91
C ALA D 338 4.35 -17.33 19.32
N ARG D 339 3.50 -16.65 20.09
CA ARG D 339 3.83 -16.27 21.46
C ARG D 339 3.33 -17.29 22.47
N MET D 340 3.30 -18.56 22.06
CA MET D 340 2.84 -19.63 22.94
C MET D 340 3.62 -20.92 22.66
N ASN D 341 3.88 -21.69 23.71
CA ASN D 341 4.62 -22.94 23.58
C ASN D 341 3.74 -24.15 23.92
N ALA D 342 4.28 -25.33 23.66
CA ALA D 342 3.55 -26.58 23.92
C ALA D 342 3.22 -26.77 25.40
N GLN D 343 4.07 -26.24 26.28
CA GLN D 343 3.85 -26.38 27.72
C GLN D 343 2.77 -25.47 28.26
N ASP D 344 2.13 -24.71 27.37
CA ASP D 344 1.05 -23.80 27.79
C ASP D 344 -0.28 -24.54 27.90
N ALA D 345 -1.01 -24.24 28.96
CA ALA D 345 -2.29 -24.89 29.23
C ALA D 345 -3.42 -24.59 28.24
N CYS D 346 -3.11 -23.92 27.13
CA CYS D 346 -4.16 -23.61 26.15
C CYS D 346 -3.72 -23.77 24.70
N TYR D 347 -2.44 -24.06 24.51
CA TYR D 347 -1.87 -24.24 23.17
C TYR D 347 -2.85 -24.82 22.17
N ASP D 348 -3.43 -25.96 22.52
CA ASP D 348 -4.37 -26.67 21.67
C ASP D 348 -5.66 -25.91 21.38
N ARG D 349 -6.28 -25.35 22.41
CA ARG D 349 -7.53 -24.61 22.20
C ARG D 349 -7.30 -23.44 21.25
N ILE D 350 -6.22 -22.70 21.48
CA ILE D 350 -5.88 -21.56 20.65
C ILE D 350 -5.40 -21.97 19.27
N GLU D 351 -4.46 -22.91 19.22
CA GLU D 351 -3.90 -23.40 17.97
C GLU D 351 -4.99 -23.97 17.07
N HIS D 352 -6.19 -24.10 17.63
CA HIS D 352 -7.36 -24.61 16.92
C HIS D 352 -8.18 -23.45 16.39
N LEU D 353 -8.28 -22.39 17.19
CA LEU D 353 -9.03 -21.20 16.79
C LEU D 353 -8.21 -20.37 15.81
N VAL D 354 -6.89 -20.56 15.85
CA VAL D 354 -5.98 -19.84 14.97
C VAL D 354 -6.20 -20.25 13.52
N ASN D 355 -6.21 -21.57 13.27
CA ASN D 355 -6.42 -22.07 11.92
C ASN D 355 -7.88 -21.86 11.50
N ASP D 356 -8.76 -21.75 12.49
CA ASP D 356 -10.18 -21.54 12.22
C ASP D 356 -10.32 -20.24 11.44
N ALA D 357 -9.57 -19.23 11.87
CA ALA D 357 -9.58 -17.93 11.23
C ALA D 357 -8.66 -17.91 10.02
N ILE D 358 -7.43 -18.38 10.21
CA ILE D 358 -6.46 -18.43 9.12
C ILE D 358 -7.04 -19.04 7.86
N ARG D 359 -7.81 -20.12 8.02
CA ARG D 359 -8.42 -20.78 6.88
C ARG D 359 -9.59 -19.95 6.35
N ALA D 360 -10.26 -19.24 7.23
CA ALA D 360 -11.39 -18.40 6.84
C ALA D 360 -10.82 -17.29 5.95
N MET D 361 -9.58 -16.92 6.21
CA MET D 361 -8.90 -15.88 5.45
C MET D 361 -8.42 -16.47 4.14
N GLU D 362 -7.77 -17.63 4.20
CA GLU D 362 -7.28 -18.30 3.00
C GLU D 362 -8.48 -18.66 2.13
N SER D 363 -9.66 -18.68 2.75
CA SER D 363 -10.90 -18.99 2.05
C SER D 363 -11.33 -17.85 1.15
N HIS D 364 -10.68 -16.71 1.30
CA HIS D 364 -11.01 -15.53 0.48
C HIS D 364 -9.77 -14.95 -0.19
N GLN D 365 -8.71 -15.74 -0.25
CA GLN D 365 -7.46 -15.30 -0.87
C GLN D 365 -7.34 -15.85 -2.29
#